data_1VYJ
#
_entry.id   1VYJ
#
_cell.length_a   119.101
_cell.length_b   119.101
_cell.length_c   305.817
_cell.angle_alpha   90.00
_cell.angle_beta   90.00
_cell.angle_gamma   120.00
#
_symmetry.space_group_name_H-M   'P 31 2 1'
#
loop_
_entity.id
_entity.type
_entity.pdbx_description
1 polymer 'PROLIFERATING CELL NUCLEAR ANTIGEN'
2 polymer 'SMALL PEPTIDE SAVLQKKITDYFHPKK'
3 water water
#
loop_
_entity_poly.entity_id
_entity_poly.type
_entity_poly.pdbx_seq_one_letter_code
_entity_poly.pdbx_strand_id
1 'polypeptide(L)'
;MFEARLVQGSILKKVLEALKDLINEACWDISSSGVNLQSMDSSHVSLVQLTLRSEGFDTYRCDRNLAMGVNLTSMSKILK
CAGNEDIITLRAEDNADTLALVFEAPNQEKVSDYEMKLMDLDVEQLGIPEQEYSCVVKMPSGEFARICRDLSHIGDAVVI
SCAKDGVKFSASGELGNGNIKLSQTSNVDKEEEAVTIEMNEPVQLTFALRYLNFFTKATPLSSTVTLSMSADVPLVVEYK
IADMGHLKYYLAPKIEDEEGS
;
A,C,E,G,I,K
2 'polypeptide(L)' SAVLQKKITDYFHPKK B,D,F,H,J,L
#
# COMPACT_ATOMS: atom_id res chain seq x y z
N MET A 1 31.41 54.48 9.33
CA MET A 1 29.97 54.82 9.38
C MET A 1 29.18 54.03 8.35
N PHE A 2 28.31 53.09 8.80
CA PHE A 2 27.65 52.11 7.92
C PHE A 2 26.19 52.42 7.94
N GLU A 3 25.52 52.54 6.80
CA GLU A 3 24.04 52.72 6.80
C GLU A 3 23.38 51.99 5.61
N ALA A 4 22.40 51.14 5.89
CA ALA A 4 21.77 50.38 4.82
C ALA A 4 20.27 50.47 5.06
N ARG A 5 19.48 51.01 4.14
CA ARG A 5 18.03 50.90 4.28
C ARG A 5 17.39 50.00 3.25
N LEU A 6 16.37 49.25 3.68
CA LEU A 6 15.47 48.45 2.83
C LEU A 6 14.01 48.88 2.90
N VAL A 7 13.43 49.23 1.76
CA VAL A 7 12.02 49.59 1.83
C VAL A 7 11.20 48.35 2.17
N GLN A 8 11.69 47.20 1.75
CA GLN A 8 10.99 45.92 1.86
C GLN A 8 11.74 45.06 2.85
N GLY A 9 11.50 45.36 4.12
CA GLY A 9 12.36 44.91 5.21
C GLY A 9 11.94 43.49 5.52
N SER A 10 10.77 43.04 5.03
CA SER A 10 10.42 41.62 5.06
C SER A 10 11.67 40.76 4.84
N ILE A 11 12.43 41.03 3.80
CA ILE A 11 13.56 40.21 3.50
C ILE A 11 14.48 40.04 4.74
N LEU A 12 14.69 41.11 5.49
CA LEU A 12 15.59 40.99 6.63
C LEU A 12 14.98 40.04 7.66
N LYS A 13 13.67 40.11 7.79
CA LYS A 13 13.00 39.30 8.78
C LYS A 13 13.18 37.84 8.41
N LYS A 14 12.82 37.49 7.17
CA LYS A 14 13.01 36.17 6.59
C LYS A 14 14.39 35.59 6.73
N VAL A 15 15.40 36.41 6.47
CA VAL A 15 16.78 35.92 6.63
C VAL A 15 17.03 35.53 8.07
N LEU A 16 16.59 36.37 9.01
CA LEU A 16 16.96 36.08 10.38
C LEU A 16 16.21 34.82 10.83
N GLU A 17 14.99 34.58 10.36
CA GLU A 17 14.31 33.37 10.73
C GLU A 17 14.97 32.17 10.07
N ALA A 18 15.64 32.37 8.95
CA ALA A 18 16.12 31.26 8.17
C ALA A 18 17.42 30.78 8.83
N LEU A 19 17.88 31.58 9.78
CA LEU A 19 19.22 31.48 10.36
C LEU A 19 19.22 31.19 11.87
N LYS A 20 18.33 31.85 12.61
CA LYS A 20 18.36 31.92 14.06
C LYS A 20 18.39 30.53 14.73
N ASP A 21 17.71 29.56 14.16
CA ASP A 21 17.68 28.21 14.71
C ASP A 21 18.91 27.36 14.35
N LEU A 22 19.47 27.54 13.17
CA LEU A 22 20.71 26.83 12.82
C LEU A 22 21.95 27.38 13.50
N ILE A 23 22.07 28.71 13.57
CA ILE A 23 23.22 29.31 14.23
C ILE A 23 22.78 30.43 15.16
N ASN A 24 23.58 30.72 16.17
CA ASN A 24 23.14 31.65 17.22
C ASN A 24 24.00 32.90 17.29
N GLU A 25 25.27 32.77 16.94
CA GLU A 25 26.10 33.93 16.71
C GLU A 25 26.71 33.85 15.33
N ALA A 26 26.97 35.00 14.73
CA ALA A 26 27.70 35.04 13.48
C ALA A 26 28.18 36.46 13.15
N CYS A 27 29.23 36.48 12.34
CA CYS A 27 29.84 37.74 12.03
C CYS A 27 29.36 38.22 10.67
N TRP A 28 28.84 39.44 10.69
CA TRP A 28 28.31 40.07 9.52
C TRP A 28 29.45 40.95 9.03
N ASP A 29 30.07 40.51 7.93
CA ASP A 29 31.03 41.30 7.15
C ASP A 29 30.38 42.30 6.21
N ILE A 30 30.48 43.57 6.57
CA ILE A 30 30.03 44.64 5.71
C ILE A 30 31.17 45.27 4.93
N SER A 31 30.97 45.39 3.63
CA SER A 31 31.84 46.20 2.78
C SER A 31 30.99 46.90 1.74
N SER A 32 31.64 47.65 0.87
CA SER A 32 30.94 48.47 -0.09
C SER A 32 30.31 47.62 -1.19
N SER A 33 30.74 46.40 -1.35
CA SER A 33 30.03 45.53 -2.28
C SER A 33 28.75 44.94 -1.67
N GLY A 34 28.62 45.07 -0.33
CA GLY A 34 27.45 44.66 0.42
C GLY A 34 27.68 43.87 1.71
N VAL A 35 26.83 42.88 1.96
CA VAL A 35 26.75 42.17 3.24
C VAL A 35 27.05 40.69 3.04
N ASN A 36 27.92 40.15 3.88
CA ASN A 36 28.33 38.78 3.72
C ASN A 36 28.38 38.09 5.08
N LEU A 37 27.90 36.85 5.10
CA LEU A 37 27.85 36.08 6.34
C LEU A 37 28.20 34.62 6.09
N GLN A 38 29.16 34.10 6.85
CA GLN A 38 29.52 32.68 6.81
C GLN A 38 29.81 32.13 8.21
N SER A 39 28.87 31.30 8.70
CA SER A 39 29.02 30.75 10.05
C SER A 39 28.63 29.28 10.11
N MET A 40 29.28 28.54 11.03
CA MET A 40 28.94 27.12 11.18
C MET A 40 28.16 26.87 12.47
N ASP A 41 27.35 25.80 12.46
CA ASP A 41 26.61 25.47 13.67
C ASP A 41 27.52 24.90 14.75
N SER A 42 26.88 24.43 15.84
CA SER A 42 27.66 24.00 17.00
C SER A 42 28.48 22.74 16.72
N SER A 43 27.98 21.90 15.79
CA SER A 43 28.66 20.64 15.53
C SER A 43 29.47 20.66 14.23
N HIS A 44 29.68 21.88 13.70
CA HIS A 44 30.45 22.00 12.46
C HIS A 44 30.08 20.91 11.45
N VAL A 45 28.79 20.66 11.25
CA VAL A 45 28.32 19.70 10.24
C VAL A 45 27.78 20.49 9.06
N SER A 46 27.21 21.64 9.41
CA SER A 46 26.54 22.44 8.39
C SER A 46 27.20 23.81 8.37
N LEU A 47 27.28 24.38 7.17
CA LEU A 47 27.71 25.77 7.03
C LEU A 47 26.72 26.57 6.21
N VAL A 48 26.46 27.79 6.69
CA VAL A 48 25.63 28.76 5.95
C VAL A 48 26.40 29.95 5.31
N GLN A 49 26.12 30.26 4.05
CA GLN A 49 26.61 31.54 3.53
C GLN A 49 25.54 32.47 2.96
N LEU A 50 25.52 33.70 3.48
CA LEU A 50 24.57 34.76 3.12
C LEU A 50 25.29 35.88 2.40
N THR A 51 24.80 36.26 1.21
CA THR A 51 25.27 37.38 0.40
C THR A 51 24.02 38.19 0.08
N LEU A 52 24.02 39.40 0.63
CA LEU A 52 23.19 40.48 0.15
C LEU A 52 24.04 41.60 -0.42
N ARG A 53 23.94 41.78 -1.73
CA ARG A 53 24.79 42.77 -2.34
C ARG A 53 24.20 44.15 -2.22
N SER A 54 25.10 45.14 -2.28
CA SER A 54 24.77 46.52 -1.97
C SER A 54 23.67 47.07 -2.87
N GLU A 55 23.60 46.59 -4.11
CA GLU A 55 22.72 47.21 -5.08
C GLU A 55 21.30 46.81 -4.78
N GLY A 56 21.12 45.75 -4.00
CA GLY A 56 19.77 45.35 -3.60
C GLY A 56 19.10 46.29 -2.61
N PHE A 57 19.91 47.03 -1.88
CA PHE A 57 19.39 47.87 -0.83
C PHE A 57 18.89 49.10 -1.52
N ASP A 58 17.86 49.72 -0.96
CA ASP A 58 17.46 51.04 -1.42
C ASP A 58 18.48 52.14 -1.09
N THR A 59 19.31 51.94 -0.08
CA THR A 59 20.27 52.96 0.33
C THR A 59 21.38 52.22 1.01
N TYR A 60 22.62 52.40 0.57
CA TYR A 60 23.72 51.61 1.04
C TYR A 60 24.89 52.58 1.15
N ARG A 61 25.81 52.33 2.09
CA ARG A 61 26.83 53.27 2.48
C ARG A 61 27.73 52.59 3.51
N CYS A 62 28.97 52.39 3.10
CA CYS A 62 29.92 51.75 3.96
C CYS A 62 31.30 52.43 3.93
N ASP A 63 31.52 53.41 4.78
CA ASP A 63 32.79 54.12 4.70
C ASP A 63 33.93 53.14 4.90
N ARG A 64 33.94 52.43 6.02
CA ARG A 64 35.02 51.52 6.37
C ARG A 64 34.44 50.13 6.64
N ASN A 65 35.04 49.12 6.03
CA ASN A 65 34.64 47.72 6.21
C ASN A 65 34.53 47.30 7.67
N LEU A 66 33.54 46.47 7.97
CA LEU A 66 33.19 46.11 9.34
C LEU A 66 33.11 44.59 9.45
N ALA A 67 33.50 44.06 10.59
CA ALA A 67 33.06 42.74 10.93
C ALA A 67 32.34 42.81 12.28
N MET A 68 31.01 42.89 12.24
CA MET A 68 30.20 42.94 13.47
C MET A 68 29.61 41.60 13.85
N GLY A 69 29.67 41.34 15.15
CA GLY A 69 29.50 40.00 15.61
C GLY A 69 28.21 40.20 16.34
N VAL A 70 27.29 39.28 16.06
CA VAL A 70 25.91 39.55 16.26
C VAL A 70 25.35 38.30 16.88
N ASN A 71 24.66 38.44 18.02
CA ASN A 71 23.77 37.41 18.48
C ASN A 71 22.50 37.32 17.65
N LEU A 72 22.30 36.19 16.96
CA LEU A 72 21.29 36.15 15.92
C LEU A 72 19.93 36.01 16.58
N THR A 73 19.93 35.42 17.76
CA THR A 73 18.72 35.33 18.51
C THR A 73 18.30 36.70 18.99
N SER A 74 19.25 37.47 19.48
CA SER A 74 18.94 38.87 19.81
C SER A 74 18.39 39.60 18.58
N MET A 75 19.04 39.37 17.44
CA MET A 75 18.64 40.13 16.27
C MET A 75 17.25 39.70 15.85
N SER A 76 16.92 38.40 15.85
CA SER A 76 15.59 37.99 15.44
C SER A 76 14.55 38.55 16.40
N LYS A 77 14.91 38.68 17.66
CA LYS A 77 13.91 39.10 18.63
C LYS A 77 13.55 40.52 18.28
N ILE A 78 14.55 41.31 17.92
CA ILE A 78 14.30 42.67 17.51
C ILE A 78 13.52 42.73 16.18
N LEU A 79 13.82 41.81 15.28
CA LEU A 79 13.32 41.98 13.92
C LEU A 79 11.85 41.57 13.88
N LYS A 80 11.44 40.81 14.91
CA LYS A 80 10.04 40.42 15.08
C LYS A 80 9.27 41.58 15.63
N CYS A 81 9.92 42.67 16.02
CA CYS A 81 9.14 43.90 16.26
C CYS A 81 9.00 44.77 15.02
N ALA A 82 9.31 44.26 13.84
CA ALA A 82 9.08 45.06 12.65
C ALA A 82 7.89 44.42 12.01
N GLY A 83 7.02 45.25 11.45
CA GLY A 83 6.10 44.83 10.41
C GLY A 83 6.65 44.39 9.08
N ASN A 84 5.85 43.63 8.34
CA ASN A 84 6.26 43.12 7.05
C ASN A 84 6.24 44.24 6.02
N GLU A 85 5.43 45.24 6.28
CA GLU A 85 5.48 46.39 5.41
C GLU A 85 6.59 47.41 5.76
N ASP A 86 7.24 47.23 6.88
CA ASP A 86 8.11 48.26 7.45
C ASP A 86 9.33 48.46 6.55
N ILE A 87 9.85 49.67 6.61
CA ILE A 87 11.09 50.07 5.97
C ILE A 87 12.13 49.95 7.08
N ILE A 88 13.17 49.15 6.83
CA ILE A 88 14.15 48.85 7.86
C ILE A 88 15.47 49.45 7.53
N THR A 89 16.00 50.25 8.45
CA THR A 89 17.34 50.76 8.23
C THR A 89 18.34 50.21 9.26
N LEU A 90 19.50 49.77 8.73
CA LEU A 90 20.58 49.33 9.62
C LEU A 90 21.68 50.38 9.69
N ARG A 91 22.12 50.69 10.92
CA ARG A 91 23.19 51.67 11.07
C ARG A 91 24.18 51.28 12.17
N ALA A 92 25.45 51.55 11.88
CA ALA A 92 26.49 51.29 12.86
C ALA A 92 27.74 52.12 12.59
N GLU A 93 28.28 52.72 13.66
CA GLU A 93 29.46 53.55 13.48
C GLU A 93 30.65 52.71 12.99
N ASP A 94 31.81 53.37 12.87
CA ASP A 94 33.01 52.65 12.46
C ASP A 94 33.35 51.55 13.47
N ASN A 95 33.47 51.96 14.74
CA ASN A 95 33.73 50.99 15.79
C ASN A 95 32.42 50.54 16.47
N ALA A 96 31.85 51.50 17.23
CA ALA A 96 30.55 51.25 17.86
C ALA A 96 30.30 49.76 18.11
N ASP A 97 30.17 49.43 19.41
CA ASP A 97 29.80 48.06 19.77
C ASP A 97 28.28 47.88 19.77
N THR A 98 27.63 48.64 18.87
CA THR A 98 26.17 48.58 18.79
C THR A 98 25.67 48.65 17.35
N LEU A 99 24.54 48.00 17.08
CA LEU A 99 23.84 48.18 15.82
C LEU A 99 22.49 48.75 16.09
N ALA A 100 22.17 49.81 15.37
CA ALA A 100 20.83 50.36 15.37
C ALA A 100 19.99 49.76 14.26
N LEU A 101 18.78 49.31 14.60
CA LEU A 101 17.77 48.97 13.60
C LEU A 101 16.63 49.95 13.75
N VAL A 102 16.32 50.66 12.68
CA VAL A 102 15.19 51.56 12.65
C VAL A 102 14.09 50.98 11.77
N PHE A 103 12.86 50.92 12.26
CA PHE A 103 11.73 50.46 11.45
C PHE A 103 10.66 51.56 11.32
N GLU A 104 10.27 51.89 10.09
CA GLU A 104 9.20 52.85 9.88
C GLU A 104 8.11 52.21 9.10
N ALA A 105 6.89 52.40 9.55
CA ALA A 105 5.71 52.19 8.76
C ALA A 105 5.71 53.09 7.54
N PRO A 106 5.48 52.47 6.38
CA PRO A 106 5.23 53.22 5.14
C PRO A 106 4.07 54.19 5.35
N ASN A 107 3.06 53.68 6.05
CA ASN A 107 1.73 54.21 5.90
C ASN A 107 1.05 54.35 7.26
N GLN A 108 1.82 54.84 8.23
CA GLN A 108 1.32 55.20 9.54
C GLN A 108 2.41 55.98 10.29
N GLU A 109 2.06 56.92 11.15
CA GLU A 109 3.09 57.62 11.91
C GLU A 109 3.60 56.81 13.10
N LYS A 110 4.38 55.80 12.76
CA LYS A 110 4.97 54.91 13.75
C LYS A 110 6.42 54.67 13.35
N VAL A 111 7.34 54.86 14.28
CA VAL A 111 8.77 54.69 14.04
C VAL A 111 9.47 54.02 15.23
N SER A 112 10.09 52.86 14.95
CA SER A 112 10.74 52.10 16.02
C SER A 112 12.26 52.18 15.93
N ASP A 113 12.88 52.46 17.10
CA ASP A 113 14.34 52.52 17.14
C ASP A 113 14.92 51.53 18.15
N TYR A 114 15.67 50.53 17.61
CA TYR A 114 16.24 49.51 18.49
C TYR A 114 17.78 49.53 18.44
N GLU A 115 18.38 49.43 19.65
CA GLU A 115 19.83 49.37 19.73
C GLU A 115 20.31 47.99 20.20
N MET A 116 20.83 47.21 19.24
CA MET A 116 21.25 45.86 19.56
C MET A 116 22.73 45.81 19.97
N LYS A 117 22.96 45.35 21.22
CA LYS A 117 24.33 45.19 21.67
C LYS A 117 25.10 44.19 20.81
N LEU A 118 26.30 44.42 20.31
CA LEU A 118 26.99 43.43 19.49
C LEU A 118 27.95 42.65 20.37
N MET A 119 28.64 41.66 19.80
CA MET A 119 29.55 40.85 20.57
C MET A 119 30.88 40.62 19.89
N ASP A 120 31.89 40.40 20.73
CA ASP A 120 33.24 40.22 20.26
C ASP A 120 33.41 38.89 19.53
N LEU A 121 33.55 38.90 18.21
CA LEU A 121 33.59 37.61 17.54
C LEU A 121 34.93 37.13 17.01
N ASP A 122 35.34 37.51 15.83
CA ASP A 122 36.56 36.87 15.32
C ASP A 122 36.38 35.41 14.90
N VAL A 123 35.67 35.10 13.82
CA VAL A 123 35.48 33.69 13.46
C VAL A 123 36.60 33.02 12.66
N GLU A 124 36.98 33.57 11.51
CA GLU A 124 37.88 32.83 10.62
C GLU A 124 37.18 32.15 9.46
N GLN A 125 37.22 32.82 8.31
CA GLN A 125 36.56 32.34 7.13
C GLN A 125 37.21 31.05 6.67
N LEU A 126 36.37 30.04 6.51
CA LEU A 126 36.67 28.90 5.68
C LEU A 126 36.55 29.29 4.23
N GLY A 127 37.09 28.47 3.33
CA GLY A 127 37.10 28.85 1.95
C GLY A 127 36.41 27.74 1.20
N ILE A 128 35.62 28.13 0.20
CA ILE A 128 34.65 27.25 -0.42
C ILE A 128 35.13 27.15 -1.86
N PRO A 129 35.94 26.13 -2.12
CA PRO A 129 36.37 25.85 -3.49
C PRO A 129 35.11 25.95 -4.30
N GLU A 130 35.19 26.60 -5.45
CA GLU A 130 34.02 26.77 -6.30
C GLU A 130 34.20 25.80 -7.46
N GLN A 131 33.15 25.06 -7.79
CA GLN A 131 33.31 23.82 -8.52
C GLN A 131 32.05 23.39 -9.26
N GLU A 132 32.10 22.20 -9.83
CA GLU A 132 31.04 21.74 -10.71
C GLU A 132 30.36 20.57 -9.98
N TYR A 133 29.05 20.45 -10.11
CA TYR A 133 28.39 19.40 -9.35
C TYR A 133 27.82 18.35 -10.29
N SER A 134 27.96 17.07 -9.94
CA SER A 134 27.34 15.97 -10.72
C SER A 134 25.85 16.28 -10.94
N CYS A 135 25.13 16.59 -9.86
CA CYS A 135 23.70 16.86 -9.96
C CYS A 135 23.29 18.22 -9.51
N VAL A 136 22.47 18.91 -10.30
CA VAL A 136 21.79 20.09 -9.80
C VAL A 136 20.29 20.04 -10.07
N VAL A 137 19.58 19.88 -8.97
CA VAL A 137 18.13 19.73 -8.97
C VAL A 137 17.58 21.06 -8.49
N LYS A 138 16.83 21.71 -9.39
CA LYS A 138 16.04 22.88 -9.10
C LYS A 138 14.57 22.47 -8.99
N MET A 139 13.98 22.64 -7.81
CA MET A 139 12.58 22.33 -7.60
C MET A 139 11.84 23.36 -6.72
N PRO A 140 10.53 23.16 -6.54
CA PRO A 140 9.75 24.11 -5.74
C PRO A 140 10.15 23.97 -4.31
N SER A 141 10.16 25.09 -3.59
CA SER A 141 10.71 25.10 -2.24
C SER A 141 9.83 24.44 -1.17
N GLY A 142 8.52 24.66 -1.30
CA GLY A 142 7.51 24.08 -0.44
C GLY A 142 7.58 22.58 -0.50
N GLU A 143 7.92 22.09 -1.69
CA GLU A 143 7.93 20.67 -1.96
C GLU A 143 9.13 20.02 -1.27
N PHE A 144 10.29 20.62 -1.44
CA PHE A 144 11.47 20.10 -0.76
C PHE A 144 11.24 20.03 0.73
N ALA A 145 10.50 20.99 1.27
CA ALA A 145 10.38 21.08 2.72
C ALA A 145 9.32 20.09 3.18
N ARG A 146 8.34 19.88 2.30
CA ARG A 146 7.37 18.83 2.57
C ARG A 146 8.10 17.48 2.62
N ILE A 147 9.02 17.27 1.68
CA ILE A 147 9.71 15.99 1.60
C ILE A 147 10.60 15.77 2.80
N CYS A 148 11.32 16.80 3.18
CA CYS A 148 12.17 16.71 4.35
C CYS A 148 11.38 16.48 5.63
N ARG A 149 10.18 17.04 5.73
CA ARG A 149 9.44 16.97 6.98
C ARG A 149 8.73 15.63 7.10
N ASP A 150 8.20 15.13 5.98
CA ASP A 150 7.54 13.82 5.97
C ASP A 150 8.52 12.72 6.27
N LEU A 151 9.62 12.65 5.53
CA LEU A 151 10.57 11.57 5.71
C LEU A 151 11.21 11.57 7.10
N SER A 152 11.06 12.67 7.83
CA SER A 152 11.54 12.75 9.21
C SER A 152 10.83 11.74 10.08
N HIS A 153 9.62 11.34 9.66
CA HIS A 153 8.66 10.64 10.50
C HIS A 153 8.94 9.18 10.24
N ILE A 154 9.59 8.93 9.11
CA ILE A 154 10.11 7.61 8.84
C ILE A 154 11.41 7.26 9.53
N GLY A 155 12.38 8.19 9.53
CA GLY A 155 13.80 7.91 9.76
C GLY A 155 14.56 9.20 10.10
N ASP A 156 15.86 9.10 10.32
CA ASP A 156 16.71 10.21 10.75
C ASP A 156 17.61 10.72 9.66
N ALA A 157 17.71 9.92 8.63
CA ALA A 157 18.62 10.13 7.55
C ALA A 157 17.84 10.03 6.26
N VAL A 158 18.26 10.79 5.27
CA VAL A 158 17.67 10.60 3.95
C VAL A 158 18.75 10.33 2.96
N VAL A 159 18.39 9.49 2.01
CA VAL A 159 19.30 9.19 0.95
C VAL A 159 18.72 9.79 -0.29
N ILE A 160 19.50 10.64 -0.92
CA ILE A 160 19.05 11.37 -2.10
C ILE A 160 19.78 10.83 -3.28
N SER A 161 19.05 10.50 -4.34
CA SER A 161 19.62 9.88 -5.55
C SER A 161 19.04 10.52 -6.80
N CYS A 162 19.93 10.65 -7.78
CA CYS A 162 19.70 11.51 -8.93
C CYS A 162 20.20 10.80 -10.16
N ALA A 163 19.38 10.83 -11.19
CA ALA A 163 19.78 10.50 -12.56
C ALA A 163 19.04 11.44 -13.52
N LYS A 164 19.15 11.19 -14.82
CA LYS A 164 18.79 12.19 -15.85
C LYS A 164 17.30 12.55 -15.83
N ASP A 165 16.48 11.67 -15.26
CA ASP A 165 15.03 11.71 -15.46
C ASP A 165 14.28 12.17 -14.19
N GLY A 166 14.89 11.96 -13.01
CA GLY A 166 14.37 12.48 -11.76
C GLY A 166 15.23 12.27 -10.52
N VAL A 167 14.73 12.71 -9.38
CA VAL A 167 15.41 12.49 -8.11
C VAL A 167 14.49 11.75 -7.13
N LYS A 168 15.11 11.11 -6.15
CA LYS A 168 14.38 10.28 -5.21
C LYS A 168 14.96 10.46 -3.81
N PHE A 169 14.06 10.63 -2.86
CA PHE A 169 14.49 10.67 -1.47
C PHE A 169 13.99 9.42 -0.69
N SER A 170 14.87 8.79 0.07
CA SER A 170 14.54 7.54 0.72
C SER A 170 14.89 7.66 2.17
N ALA A 171 14.23 6.86 2.99
CA ALA A 171 14.49 6.81 4.43
C ALA A 171 13.94 5.53 5.08
N SER A 172 14.44 5.18 6.26
CA SER A 172 14.14 3.91 6.95
C SER A 172 14.16 4.07 8.45
N GLY A 173 13.56 3.13 9.18
CA GLY A 173 13.31 3.30 10.60
C GLY A 173 12.48 2.15 11.15
N GLU A 174 12.22 2.19 12.45
CA GLU A 174 11.31 1.26 13.11
C GLU A 174 10.04 1.03 12.29
N LEU A 175 9.41 2.10 11.80
CA LEU A 175 8.10 2.03 11.11
C LEU A 175 8.15 1.13 9.90
N GLY A 176 9.24 1.18 9.15
CA GLY A 176 9.12 0.84 7.76
C GLY A 176 10.10 1.65 6.98
N ASN A 177 9.87 1.75 5.67
CA ASN A 177 10.68 2.60 4.81
C ASN A 177 9.84 3.30 3.76
N GLY A 178 10.46 4.24 3.08
CA GLY A 178 9.72 5.05 2.13
C GLY A 178 10.64 5.74 1.15
N ASN A 179 10.07 6.03 -0.02
CA ASN A 179 10.81 6.59 -1.12
C ASN A 179 9.81 7.56 -1.75
N ILE A 180 10.28 8.77 -2.06
CA ILE A 180 9.50 9.76 -2.83
C ILE A 180 10.24 10.00 -4.15
N LYS A 181 9.49 9.97 -5.26
CA LYS A 181 10.10 10.05 -6.58
C LYS A 181 9.51 11.27 -7.24
N LEU A 182 10.42 12.15 -7.65
CA LEU A 182 10.10 13.45 -8.22
C LEU A 182 10.63 13.35 -9.64
N SER A 183 9.84 13.78 -10.61
CA SER A 183 10.26 13.66 -11.99
C SER A 183 10.30 14.97 -12.74
N GLN A 184 11.19 15.01 -13.73
CA GLN A 184 11.50 16.24 -14.40
C GLN A 184 10.23 16.77 -15.04
N THR A 185 9.86 17.99 -14.71
CA THR A 185 8.68 18.51 -15.39
C THR A 185 8.94 18.67 -16.88
N SER A 186 8.19 17.87 -17.67
CA SER A 186 8.37 17.96 -19.12
C SER A 186 7.65 19.17 -19.71
N ASN A 187 6.83 19.84 -18.86
CA ASN A 187 6.24 21.09 -19.29
C ASN A 187 7.33 22.13 -19.54
N VAL A 188 7.98 22.53 -18.43
CA VAL A 188 9.24 23.26 -18.49
C VAL A 188 9.42 24.06 -19.79
N ASP A 189 10.66 24.51 -20.00
CA ASP A 189 10.94 25.35 -21.16
C ASP A 189 10.66 26.82 -20.85
N LYS A 190 9.69 27.02 -19.93
CA LYS A 190 9.32 28.37 -19.51
C LYS A 190 8.25 28.28 -18.42
N GLU A 191 8.48 27.33 -17.51
CA GLU A 191 7.56 27.11 -16.41
C GLU A 191 8.23 27.45 -15.09
N GLU A 192 7.28 27.63 -14.15
CA GLU A 192 7.62 28.16 -12.83
C GLU A 192 7.74 27.16 -11.66
N GLU A 193 6.75 26.29 -11.48
CA GLU A 193 6.75 25.26 -10.42
C GLU A 193 7.23 23.89 -10.92
N ALA A 194 8.41 23.85 -11.52
CA ALA A 194 8.85 22.72 -12.31
C ALA A 194 9.82 21.89 -11.49
N VAL A 195 10.38 20.83 -12.06
CA VAL A 195 11.58 20.20 -11.52
C VAL A 195 12.57 19.95 -12.67
N THR A 196 13.76 20.54 -12.64
CA THR A 196 14.71 20.40 -13.72
C THR A 196 16.03 19.93 -13.11
N ILE A 197 16.75 19.09 -13.85
CA ILE A 197 17.92 18.41 -13.32
C ILE A 197 19.08 18.61 -14.29
N GLU A 198 20.25 18.98 -13.77
CA GLU A 198 21.52 18.89 -14.49
C GLU A 198 22.32 17.75 -13.86
N MET A 199 22.05 16.54 -14.34
CA MET A 199 22.89 15.40 -14.04
C MET A 199 24.01 15.31 -15.10
N ASN A 200 25.25 15.17 -14.63
CA ASN A 200 26.40 14.73 -15.43
C ASN A 200 26.75 13.29 -15.11
N GLU A 201 26.34 12.87 -13.93
CA GLU A 201 26.84 11.67 -13.29
C GLU A 201 25.74 11.31 -12.30
N PRO A 202 25.38 10.03 -12.20
CA PRO A 202 24.47 9.61 -11.13
C PRO A 202 25.16 9.92 -9.80
N VAL A 203 24.49 10.63 -8.90
CA VAL A 203 24.93 10.64 -7.51
C VAL A 203 23.98 9.88 -6.61
N GLN A 204 24.49 9.35 -5.50
CA GLN A 204 23.62 8.92 -4.44
C GLN A 204 24.23 9.17 -3.06
N LEU A 205 23.65 10.08 -2.30
CA LEU A 205 24.28 10.44 -1.03
C LEU A 205 23.28 10.47 0.12
N THR A 206 23.76 10.76 1.32
CA THR A 206 23.00 10.45 2.52
C THR A 206 23.21 11.61 3.49
N PHE A 207 22.12 12.22 3.94
CA PHE A 207 22.23 13.34 4.85
C PHE A 207 21.27 13.17 5.97
N ALA A 208 21.62 13.71 7.14
CA ALA A 208 20.69 13.88 8.26
C ALA A 208 19.56 14.90 8.01
N LEU A 209 18.34 14.44 8.19
CA LEU A 209 17.16 15.27 8.01
C LEU A 209 17.06 16.41 9.04
N ARG A 210 17.74 16.29 10.18
CA ARG A 210 17.64 17.34 11.19
C ARG A 210 18.12 18.64 10.54
N TYR A 211 19.28 18.59 9.87
CA TYR A 211 19.86 19.82 9.35
C TYR A 211 19.07 20.26 8.13
N LEU A 212 18.53 19.30 7.38
CA LEU A 212 17.78 19.66 6.20
C LEU A 212 16.53 20.45 6.61
N ASN A 213 15.95 20.12 7.76
CA ASN A 213 14.74 20.81 8.16
C ASN A 213 15.03 22.12 8.84
N PHE A 214 16.27 22.32 9.24
CA PHE A 214 16.70 23.66 9.58
C PHE A 214 16.81 24.48 8.26
N PHE A 215 17.36 23.94 7.18
CA PHE A 215 17.55 24.77 6.00
C PHE A 215 16.21 25.27 5.42
N THR A 216 15.15 24.49 5.61
CA THR A 216 13.89 24.83 5.00
C THR A 216 13.18 25.91 5.84
N LYS A 217 13.89 26.45 6.83
CA LYS A 217 13.46 27.74 7.37
C LYS A 217 13.57 28.88 6.39
N ALA A 218 14.23 28.60 5.27
CA ALA A 218 14.55 29.60 4.25
C ALA A 218 13.46 29.68 3.21
N THR A 219 12.44 28.85 3.38
CA THR A 219 11.44 28.71 2.33
C THR A 219 10.75 30.03 1.96
N PRO A 220 10.38 30.83 2.93
CA PRO A 220 9.67 32.07 2.63
C PRO A 220 10.47 32.97 1.69
N LEU A 221 11.76 32.73 1.56
CA LEU A 221 12.58 33.61 0.74
C LEU A 221 12.41 33.36 -0.77
N SER A 222 12.07 32.16 -1.20
CA SER A 222 11.97 31.98 -2.63
C SER A 222 11.07 30.84 -2.91
N SER A 223 10.30 31.01 -3.98
CA SER A 223 9.36 29.96 -4.40
C SER A 223 10.10 28.65 -4.76
N THR A 224 11.41 28.76 -4.96
CA THR A 224 12.17 27.70 -5.61
C THR A 224 13.53 27.51 -4.94
N VAL A 225 14.07 26.29 -5.04
CA VAL A 225 15.25 25.88 -4.28
C VAL A 225 16.10 25.00 -5.17
N THR A 226 17.41 24.93 -4.93
CA THR A 226 18.28 24.10 -5.75
C THR A 226 19.20 23.32 -4.85
N LEU A 227 19.48 22.10 -5.28
CA LEU A 227 20.31 21.21 -4.48
C LEU A 227 21.42 20.85 -5.43
N SER A 228 22.64 21.05 -4.98
CA SER A 228 23.75 20.71 -5.82
C SER A 228 24.45 19.66 -5.06
N MET A 229 24.86 18.63 -5.78
CA MET A 229 25.32 17.40 -5.20
C MET A 229 26.47 16.90 -6.05
N SER A 230 27.50 16.37 -5.39
CA SER A 230 28.54 15.59 -6.07
C SER A 230 29.16 14.57 -5.12
N ALA A 231 30.02 13.73 -5.68
CA ALA A 231 30.32 12.46 -5.07
C ALA A 231 30.81 12.65 -3.63
N ASP A 232 31.83 13.44 -3.35
CA ASP A 232 32.43 13.35 -2.00
C ASP A 232 32.55 14.70 -1.29
N VAL A 233 31.48 15.47 -1.39
CA VAL A 233 31.53 16.91 -1.15
C VAL A 233 30.18 17.27 -0.53
N PRO A 234 30.18 18.32 0.28
CA PRO A 234 28.96 18.76 0.96
C PRO A 234 27.91 19.13 -0.04
N LEU A 235 26.67 19.10 0.42
CA LEU A 235 25.52 19.35 -0.46
C LEU A 235 25.25 20.81 -0.27
N VAL A 236 24.83 21.44 -1.36
CA VAL A 236 24.42 22.81 -1.24
C VAL A 236 22.92 22.91 -1.47
N VAL A 237 22.25 23.47 -0.48
CA VAL A 237 20.89 23.96 -0.66
C VAL A 237 20.84 25.47 -0.76
N GLU A 238 20.26 25.95 -1.86
CA GLU A 238 20.34 27.36 -2.19
C GLU A 238 18.97 28.00 -2.41
N TYR A 239 18.74 29.10 -1.70
CA TYR A 239 17.61 30.01 -1.89
C TYR A 239 18.04 31.37 -2.41
N LYS A 240 17.49 31.73 -3.59
CA LYS A 240 17.82 33.02 -4.18
C LYS A 240 17.01 34.16 -3.56
N ILE A 241 17.72 35.14 -2.99
CA ILE A 241 17.04 36.32 -2.45
C ILE A 241 16.80 37.37 -3.54
N ALA A 242 15.70 37.16 -4.29
CA ALA A 242 15.40 38.02 -5.43
C ALA A 242 15.96 39.44 -5.29
N ASP A 243 16.87 39.78 -6.24
CA ASP A 243 17.29 41.17 -6.38
C ASP A 243 18.36 41.58 -5.37
N MET A 244 18.74 40.64 -4.48
CA MET A 244 19.75 40.98 -3.49
C MET A 244 20.92 39.99 -3.47
N GLY A 245 20.59 38.70 -3.65
CA GLY A 245 21.65 37.69 -3.65
C GLY A 245 21.15 36.36 -3.10
N HIS A 246 21.66 35.64 -2.10
CA HIS A 246 21.25 34.26 -1.90
C HIS A 246 21.66 33.78 -0.51
N LEU A 247 21.00 32.73 -0.09
CA LEU A 247 21.38 32.05 1.12
C LEU A 247 21.70 30.63 0.68
N LYS A 248 22.90 30.17 1.01
CA LYS A 248 23.34 28.82 0.66
C LYS A 248 23.61 28.02 1.94
N TYR A 249 22.84 26.95 2.15
CA TYR A 249 23.22 26.02 3.19
C TYR A 249 24.08 24.93 2.59
N TYR A 250 25.13 24.60 3.33
CA TYR A 250 26.07 23.51 3.01
C TYR A 250 26.06 22.44 4.07
N LEU A 251 26.05 21.18 3.63
CA LEU A 251 25.85 20.04 4.54
C LEU A 251 26.74 18.86 4.24
N ALA A 252 27.38 18.42 5.33
CA ALA A 252 28.38 17.39 5.23
C ALA A 252 27.62 16.09 5.19
N PRO A 253 27.98 15.21 4.26
CA PRO A 253 27.24 13.95 4.10
C PRO A 253 27.59 13.00 5.23
N LYS A 254 26.70 12.01 5.38
CA LYS A 254 26.93 10.75 6.08
C LYS A 254 27.51 9.65 5.19
N ILE A 255 28.51 8.99 5.75
CA ILE A 255 29.44 8.19 4.96
C ILE A 255 29.99 7.01 5.77
N GLU A 256 30.22 5.70 5.15
CA GLU A 256 31.14 4.76 5.78
C GLU A 256 32.21 4.28 4.81
N ASP A 257 31.90 4.40 3.51
CA ASP A 257 32.83 3.94 2.48
C ASP A 257 33.21 2.47 2.68
N SER B 1 21.06 2.06 11.41
CA SER B 1 22.08 3.00 10.94
C SER B 1 22.54 2.66 9.52
N ALA B 2 23.77 3.11 9.20
CA ALA B 2 24.32 2.79 7.88
C ALA B 2 25.64 3.53 7.59
N VAL B 3 25.87 4.63 8.34
CA VAL B 3 27.09 5.39 8.11
C VAL B 3 27.43 6.31 9.28
N LEU B 4 28.33 7.28 9.00
CA LEU B 4 28.71 8.24 10.03
C LEU B 4 28.83 9.66 9.45
N GLN B 5 28.64 10.66 10.33
CA GLN B 5 28.53 12.04 9.87
C GLN B 5 29.88 12.76 9.77
N LYS B 6 30.22 13.10 8.55
CA LYS B 6 31.37 13.96 8.34
C LYS B 6 31.14 15.38 8.89
N LYS B 7 32.22 16.14 9.10
CA LYS B 7 32.08 17.55 9.41
C LYS B 7 32.34 18.44 8.20
N ILE B 8 31.95 19.70 8.29
CA ILE B 8 32.11 20.53 7.09
C ILE B 8 33.59 20.89 6.95
N THR B 9 34.28 20.94 8.08
CA THR B 9 35.73 21.11 8.11
C THR B 9 36.54 20.05 7.41
N ASP B 10 36.08 18.80 7.30
CA ASP B 10 36.84 17.81 6.51
C ASP B 10 36.85 18.11 5.01
N TYR B 11 36.28 19.23 4.58
CA TYR B 11 36.06 19.50 3.14
C TYR B 11 36.43 20.94 2.84
N PHE B 12 36.22 21.84 3.80
CA PHE B 12 36.47 23.27 3.61
C PHE B 12 37.47 23.73 4.64
N HIS B 13 38.49 24.34 4.29
CA HIS B 13 39.62 24.71 5.14
C HIS B 13 39.82 26.22 5.19
N PRO B 14 40.45 26.67 6.30
CA PRO B 14 40.76 28.08 6.49
C PRO B 14 41.17 28.74 5.17
N LYS B 15 40.86 30.05 5.09
CA LYS B 15 41.08 30.78 3.84
C LYS B 15 42.57 30.91 3.50
N LYS B 16 42.93 30.31 2.36
CA LYS B 16 44.32 30.38 1.90
C LYS B 16 45.07 31.55 2.55
N MET C 1 -35.50 39.07 42.97
CA MET C 1 -34.91 38.24 41.92
C MET C 1 -34.16 39.10 40.89
N PHE C 2 -33.17 38.48 40.25
CA PHE C 2 -32.38 39.21 39.28
C PHE C 2 -32.36 38.50 37.93
N GLU C 3 -32.57 39.29 36.85
CA GLU C 3 -32.58 38.71 35.52
C GLU C 3 -32.18 39.73 34.46
N ALA C 4 -31.14 39.37 33.73
CA ALA C 4 -30.63 40.31 32.77
C ALA C 4 -30.49 39.55 31.49
N ARG C 5 -31.13 40.02 30.42
CA ARG C 5 -30.99 39.35 29.15
C ARG C 5 -30.15 40.16 28.19
N LEU C 6 -29.15 39.50 27.60
CA LEU C 6 -28.26 40.16 26.66
C LEU C 6 -28.29 39.52 25.30
N VAL C 7 -28.68 40.32 24.30
CA VAL C 7 -28.83 39.85 22.92
C VAL C 7 -27.49 39.54 22.30
N GLN C 8 -26.56 40.50 22.33
CA GLN C 8 -25.19 40.22 21.91
C GLN C 8 -24.40 39.54 23.00
N GLY C 9 -24.56 38.23 23.07
CA GLY C 9 -23.87 37.40 24.04
C GLY C 9 -22.37 37.50 24.00
N SER C 10 -21.84 37.77 22.81
CA SER C 10 -20.40 37.92 22.60
C SER C 10 -19.87 38.84 23.66
N ILE C 11 -20.63 39.87 24.03
CA ILE C 11 -20.05 40.94 24.82
C ILE C 11 -19.63 40.30 26.14
N LEU C 12 -20.49 39.45 26.70
CA LEU C 12 -20.19 38.87 27.99
C LEU C 12 -19.00 37.91 27.95
N LYS C 13 -18.92 37.24 26.80
CA LYS C 13 -17.89 36.26 26.55
C LYS C 13 -16.57 37.03 26.51
N LYS C 14 -16.54 38.14 25.76
CA LYS C 14 -15.26 38.77 25.65
C LYS C 14 -14.87 39.47 26.94
N VAL C 15 -15.86 39.87 27.72
CA VAL C 15 -15.60 40.58 28.96
C VAL C 15 -14.88 39.63 29.89
N LEU C 16 -15.41 38.42 30.02
CA LEU C 16 -14.78 37.39 30.82
C LEU C 16 -13.45 36.87 30.29
N GLU C 17 -13.26 36.80 28.98
CA GLU C 17 -11.92 36.57 28.47
C GLU C 17 -10.91 37.61 28.97
N ALA C 18 -11.37 38.81 29.29
CA ALA C 18 -10.46 39.93 29.52
C ALA C 18 -10.14 39.99 31.00
N LEU C 19 -10.98 39.37 31.82
CA LEU C 19 -10.70 39.32 33.25
C LEU C 19 -10.00 38.03 33.71
N LYS C 20 -10.30 36.85 33.13
CA LYS C 20 -10.01 35.55 33.78
C LYS C 20 -8.55 35.27 34.00
N ASP C 21 -7.69 35.75 33.12
CA ASP C 21 -6.26 35.52 33.31
C ASP C 21 -5.63 36.37 34.43
N LEU C 22 -6.21 37.51 34.76
CA LEU C 22 -5.63 38.44 35.73
C LEU C 22 -6.24 38.29 37.10
N ILE C 23 -7.56 38.11 37.10
N ILE C 23 -7.56 38.18 37.13
CA ILE C 23 -8.34 37.78 38.28
CA ILE C 23 -8.20 38.05 38.42
C ILE C 23 -8.98 36.39 38.16
C ILE C 23 -8.91 36.74 38.74
N ASN C 24 -9.02 35.67 39.27
N ASN C 24 -8.26 36.10 39.71
CA ASN C 24 -9.65 34.36 39.28
CA ASN C 24 -8.74 34.94 40.42
C ASN C 24 -10.99 34.42 40.00
C ASN C 24 -10.27 34.87 40.50
N GLU C 25 -11.20 35.43 40.83
N GLU C 25 -10.86 35.44 41.56
CA GLU C 25 -12.39 35.45 41.68
CA GLU C 25 -12.30 35.47 41.77
C GLU C 25 -12.74 36.88 42.00
C GLU C 25 -12.74 36.91 42.05
N ALA C 26 -14.01 37.23 41.91
CA ALA C 26 -14.41 38.59 42.18
C ALA C 26 -15.88 38.74 42.46
N CYS C 27 -16.24 39.87 43.02
CA CYS C 27 -17.61 40.02 43.38
C CYS C 27 -18.31 40.86 42.29
N TRP C 28 -19.41 40.31 41.77
CA TRP C 28 -20.20 41.03 40.80
C TRP C 28 -21.33 41.71 41.55
N ASP C 29 -21.28 43.03 41.58
CA ASP C 29 -22.25 43.82 42.32
C ASP C 29 -23.40 44.13 41.40
N ILE C 30 -24.60 43.69 41.76
CA ILE C 30 -25.75 43.86 40.90
C ILE C 30 -26.76 44.85 41.49
N SER C 31 -27.04 45.91 40.75
CA SER C 31 -28.00 46.90 41.26
C SER C 31 -28.93 47.33 40.13
N SER C 32 -29.73 48.35 40.37
CA SER C 32 -30.88 48.62 39.51
C SER C 32 -30.28 49.32 38.31
N SER C 33 -29.14 49.95 38.59
CA SER C 33 -28.43 50.76 37.62
C SER C 33 -27.62 49.91 36.66
N GLY C 34 -27.16 48.77 37.15
CA GLY C 34 -26.64 47.75 36.28
C GLY C 34 -25.60 46.95 37.04
N VAL C 35 -24.52 46.61 36.34
CA VAL C 35 -23.59 45.65 36.87
C VAL C 35 -22.22 46.27 37.01
N ASN C 36 -21.61 46.18 38.17
CA ASN C 36 -20.28 46.71 38.38
C ASN C 36 -19.43 45.62 39.06
N LEU C 37 -18.11 45.77 38.96
CA LEU C 37 -17.20 44.80 39.54
C LEU C 37 -15.86 45.49 39.63
N GLN C 38 -15.25 45.40 40.81
CA GLN C 38 -13.92 45.94 41.08
C GLN C 38 -13.08 44.90 41.86
N SER C 39 -11.89 44.64 41.34
CA SER C 39 -10.99 43.72 42.00
C SER C 39 -9.56 44.15 41.72
N MET C 40 -8.67 44.03 42.72
CA MET C 40 -7.23 44.04 42.46
C MET C 40 -6.80 42.66 41.99
N ASP C 41 -5.62 42.54 41.39
CA ASP C 41 -5.05 41.26 41.15
C ASP C 41 -4.37 40.80 42.43
N SER C 42 -3.88 39.56 42.45
CA SER C 42 -3.20 39.02 43.62
C SER C 42 -2.17 39.97 44.19
N SER C 43 -1.46 40.67 43.33
CA SER C 43 -0.25 41.38 43.73
C SER C 43 -0.55 42.82 44.10
N HIS C 44 -1.82 43.19 44.10
CA HIS C 44 -2.26 44.52 44.53
C HIS C 44 -1.60 45.64 43.72
N VAL C 45 -1.21 45.31 42.51
CA VAL C 45 -0.51 46.26 41.67
C VAL C 45 -1.41 46.82 40.55
N SER C 46 -2.48 46.09 40.26
CA SER C 46 -3.41 46.47 39.22
C SER C 46 -4.81 46.33 39.78
N LEU C 47 -5.72 47.09 39.22
CA LEU C 47 -7.09 46.92 39.63
C LEU C 47 -7.98 47.09 38.41
N VAL C 48 -9.03 46.29 38.43
CA VAL C 48 -9.94 46.29 37.36
C VAL C 48 -11.29 46.87 37.79
N GLN C 49 -12.04 47.36 36.82
CA GLN C 49 -13.29 48.04 37.12
C GLN C 49 -14.17 47.89 35.88
N LEU C 50 -15.36 47.31 36.06
CA LEU C 50 -16.22 46.94 34.94
C LEU C 50 -17.56 47.59 35.19
N THR C 51 -18.03 48.32 34.19
CA THR C 51 -19.36 48.89 34.29
C THR C 51 -20.19 48.37 33.11
N LEU C 52 -21.24 47.61 33.40
CA LEU C 52 -22.29 47.36 32.40
C LEU C 52 -23.62 47.97 32.84
N ARG C 53 -24.03 49.02 32.15
CA ARG C 53 -25.27 49.73 32.43
C ARG C 53 -26.50 48.89 32.10
N SER C 54 -27.58 49.04 32.85
CA SER C 54 -28.79 48.20 32.71
C SER C 54 -29.46 48.37 31.38
N GLU C 55 -29.45 49.60 30.90
CA GLU C 55 -30.00 49.96 29.58
C GLU C 55 -29.48 49.08 28.48
N GLY C 56 -28.34 48.44 28.71
CA GLY C 56 -27.52 47.93 27.63
C GLY C 56 -27.93 46.51 27.39
N PHE C 57 -28.58 45.98 28.44
CA PHE C 57 -29.33 44.72 28.40
C PHE C 57 -30.71 44.98 27.86
N ASP C 58 -31.32 43.94 27.32
CA ASP C 58 -32.48 44.12 26.47
C ASP C 58 -33.65 44.04 27.42
N THR C 59 -33.38 43.40 28.56
CA THR C 59 -34.28 43.27 29.69
C THR C 59 -33.33 43.35 30.87
N TYR C 60 -33.85 43.84 31.98
CA TYR C 60 -33.02 43.96 33.17
C TYR C 60 -33.95 44.06 34.37
N ARG C 61 -33.57 43.45 35.49
CA ARG C 61 -34.48 43.23 36.60
C ARG C 61 -33.63 42.98 37.80
N CYS C 62 -33.83 43.79 38.81
CA CYS C 62 -33.04 43.59 40.01
C CYS C 62 -33.84 44.02 41.22
N ASP C 63 -34.71 43.12 41.65
CA ASP C 63 -35.51 43.30 42.87
C ASP C 63 -34.71 43.77 44.06
N ARG C 64 -33.51 43.21 44.28
CA ARG C 64 -32.75 43.44 45.49
C ARG C 64 -31.30 43.47 45.05
N ASN C 65 -30.48 44.34 45.65
CA ASN C 65 -29.06 44.38 45.32
C ASN C 65 -28.31 43.12 45.69
N LEU C 66 -27.25 42.83 44.97
CA LEU C 66 -26.70 41.49 45.02
C LEU C 66 -25.20 41.54 44.95
N ALA C 67 -24.52 40.74 45.78
CA ALA C 67 -23.08 40.65 45.61
C ALA C 67 -22.60 39.23 45.37
N MET C 68 -22.50 38.86 44.10
CA MET C 68 -22.25 37.49 43.70
C MET C 68 -20.75 37.24 43.76
N GLY C 69 -20.29 36.35 44.61
CA GLY C 69 -18.91 35.92 44.53
C GLY C 69 -18.71 34.83 43.50
N VAL C 70 -17.84 35.09 42.54
CA VAL C 70 -17.77 34.26 41.36
C VAL C 70 -16.34 33.93 41.07
N ASN C 71 -16.05 32.66 40.84
CA ASN C 71 -14.83 32.23 40.14
C ASN C 71 -14.94 32.46 38.63
N LEU C 72 -14.16 33.44 38.19
CA LEU C 72 -14.14 33.92 36.82
C LEU C 72 -13.55 32.91 35.88
N THR C 73 -12.72 31.99 36.36
CA THR C 73 -12.49 30.79 35.55
C THR C 73 -13.72 29.87 35.32
N SER C 74 -14.41 29.53 36.38
CA SER C 74 -15.69 28.90 36.19
C SER C 74 -16.58 29.64 35.21
N MET C 75 -16.72 30.95 35.33
CA MET C 75 -17.79 31.57 34.59
C MET C 75 -17.35 31.58 33.13
N SER C 76 -16.05 31.71 32.93
CA SER C 76 -15.46 31.54 31.60
C SER C 76 -15.75 30.21 30.93
N LYS C 77 -15.52 29.11 31.65
CA LYS C 77 -15.64 27.81 31.01
C LYS C 77 -17.09 27.62 30.59
N ILE C 78 -18.02 28.13 31.37
CA ILE C 78 -19.41 28.14 30.98
C ILE C 78 -19.69 28.95 29.72
N LEU C 79 -19.06 30.11 29.63
CA LEU C 79 -19.45 31.05 28.59
C LEU C 79 -18.81 30.62 27.28
N LYS C 80 -17.75 29.82 27.41
CA LYS C 80 -17.19 29.17 26.23
C LYS C 80 -18.22 28.23 25.65
N CYS C 81 -19.20 27.73 26.40
CA CYS C 81 -20.25 26.92 25.77
C CYS C 81 -21.40 27.66 25.09
N ALA C 82 -21.24 28.98 24.95
CA ALA C 82 -22.23 29.86 24.33
C ALA C 82 -21.53 30.21 23.06
N GLY C 83 -22.30 30.58 22.05
CA GLY C 83 -21.73 31.00 20.79
C GLY C 83 -21.92 32.49 20.73
N ASN C 84 -21.34 33.11 19.69
CA ASN C 84 -21.16 34.54 19.75
C ASN C 84 -22.44 35.27 19.51
N GLU C 85 -23.29 34.59 18.74
CA GLU C 85 -24.58 35.11 18.32
C GLU C 85 -25.64 34.76 19.36
N ASP C 86 -25.26 33.95 20.34
CA ASP C 86 -26.23 33.52 21.34
C ASP C 86 -26.73 34.72 22.17
N ILE C 87 -28.04 34.71 22.42
CA ILE C 87 -28.62 35.59 23.41
C ILE C 87 -28.33 34.98 24.75
N ILE C 88 -27.68 35.78 25.60
CA ILE C 88 -27.36 35.29 26.92
C ILE C 88 -28.19 35.90 28.02
N THR C 89 -28.64 35.08 28.96
CA THR C 89 -29.49 35.54 30.04
C THR C 89 -28.88 35.14 31.37
N LEU C 90 -28.48 36.14 32.12
CA LEU C 90 -28.05 35.91 33.47
C LEU C 90 -29.30 35.88 34.35
N ARG C 91 -29.32 35.04 35.37
CA ARG C 91 -30.43 35.02 36.32
C ARG C 91 -30.09 34.42 37.67
N ALA C 92 -30.50 35.11 38.74
CA ALA C 92 -30.12 34.77 40.11
C ALA C 92 -31.24 35.13 41.05
N GLU C 93 -31.48 34.24 41.98
CA GLU C 93 -32.41 34.55 43.05
C GLU C 93 -31.74 35.62 43.90
N ASP C 94 -32.43 36.07 44.94
CA ASP C 94 -32.08 37.25 45.73
C ASP C 94 -31.02 36.92 46.78
N ASN C 95 -31.29 35.81 47.50
CA ASN C 95 -30.32 35.31 48.47
C ASN C 95 -29.81 33.93 48.04
N ALA C 96 -29.23 33.90 46.82
CA ALA C 96 -28.88 32.62 46.21
C ALA C 96 -27.41 32.26 46.40
N ASP C 97 -27.12 30.97 46.12
CA ASP C 97 -25.73 30.53 46.15
C ASP C 97 -25.28 30.08 44.75
N THR C 98 -26.21 30.22 43.79
CA THR C 98 -25.91 29.81 42.42
C THR C 98 -26.40 30.84 41.39
N LEU C 99 -25.71 30.86 40.23
CA LEU C 99 -26.08 31.79 39.18
C LEU C 99 -26.39 31.07 37.87
N ALA C 100 -27.67 31.18 37.44
CA ALA C 100 -28.08 30.53 36.21
C ALA C 100 -27.65 31.33 34.99
N LEU C 101 -27.04 30.65 34.01
CA LEU C 101 -26.78 31.24 32.70
C LEU C 101 -27.59 30.47 31.70
N VAL C 102 -28.10 31.18 30.69
CA VAL C 102 -28.94 30.61 29.66
C VAL C 102 -28.56 31.15 28.29
N PHE C 103 -28.23 30.21 27.41
CA PHE C 103 -27.76 30.58 26.08
C PHE C 103 -28.74 30.05 25.08
N GLU C 104 -29.31 30.95 24.27
CA GLU C 104 -30.29 30.54 23.29
C GLU C 104 -29.96 31.01 21.89
N ALA C 105 -29.80 30.05 20.99
CA ALA C 105 -29.30 30.31 19.65
C ALA C 105 -30.38 31.05 18.89
N PRO C 106 -29.97 31.97 18.04
CA PRO C 106 -30.96 32.78 17.33
C PRO C 106 -31.67 31.93 16.26
N ASN C 107 -31.03 30.85 15.80
CA ASN C 107 -31.66 29.78 15.00
C ASN C 107 -33.00 29.13 15.44
N GLN C 108 -33.62 29.50 16.58
CA GLN C 108 -33.94 28.58 17.70
C GLN C 108 -33.28 27.17 17.71
N GLU C 109 -33.92 26.16 18.29
CA GLU C 109 -33.39 24.79 18.13
C GLU C 109 -32.46 24.39 19.23
N LYS C 110 -31.44 25.21 19.47
CA LYS C 110 -30.54 25.00 20.61
C LYS C 110 -30.87 25.91 21.75
N VAL C 111 -30.99 25.35 22.94
CA VAL C 111 -30.99 26.16 24.13
C VAL C 111 -30.26 25.45 25.23
N SER C 112 -29.31 26.19 25.78
CA SER C 112 -28.44 25.70 26.82
C SER C 112 -28.75 26.47 28.09
N ASP C 113 -28.48 25.82 29.21
CA ASP C 113 -29.08 26.14 30.48
C ASP C 113 -28.04 25.69 31.54
N TYR C 114 -27.15 26.59 31.94
CA TYR C 114 -26.09 26.26 32.89
C TYR C 114 -26.31 26.93 34.24
N GLU C 115 -25.74 26.35 35.27
CA GLU C 115 -25.96 26.82 36.63
C GLU C 115 -24.67 26.70 37.39
N MET C 116 -24.19 27.81 37.94
CA MET C 116 -22.79 27.99 38.31
C MET C 116 -22.85 28.22 39.82
N LYS C 117 -22.12 27.44 40.60
CA LYS C 117 -22.10 27.60 42.06
C LYS C 117 -21.33 28.88 42.39
N LEU C 118 -21.75 29.61 43.42
CA LEU C 118 -21.13 30.87 43.79
C LEU C 118 -20.32 30.62 45.00
N MET C 119 -19.73 31.66 45.55
CA MET C 119 -18.60 31.44 46.43
C MET C 119 -18.55 32.68 47.30
N ASP C 120 -18.36 32.47 48.60
CA ASP C 120 -18.21 33.57 49.56
C ASP C 120 -16.88 34.26 49.35
N LEU C 121 -16.85 35.58 49.25
CA LEU C 121 -15.63 36.31 49.61
C LEU C 121 -16.00 37.61 50.23
N ASP C 122 -15.13 38.13 51.08
CA ASP C 122 -15.22 39.55 51.44
C ASP C 122 -14.14 40.35 50.72
N VAL C 123 -14.54 41.55 50.33
CA VAL C 123 -13.75 42.42 49.49
C VAL C 123 -14.09 43.81 50.02
N GLU C 124 -13.09 44.59 50.40
CA GLU C 124 -13.33 46.03 50.55
C GLU C 124 -13.26 46.64 49.15
N GLN C 125 -14.37 47.20 48.68
CA GLN C 125 -14.33 48.19 47.62
C GLN C 125 -13.42 49.39 47.98
N LEU C 126 -12.48 49.64 47.08
CA LEU C 126 -11.56 50.78 47.11
C LEU C 126 -12.22 51.95 46.44
N GLY C 127 -12.17 53.11 47.10
CA GLY C 127 -12.59 54.38 46.50
C GLY C 127 -11.57 54.95 45.53
N ILE C 128 -12.03 55.20 44.33
CA ILE C 128 -11.21 55.82 43.32
C ILE C 128 -11.60 57.28 43.20
N PRO C 129 -10.64 58.15 43.44
CA PRO C 129 -10.95 59.55 43.71
C PRO C 129 -10.97 60.28 42.42
N GLU C 130 -11.71 61.37 42.38
CA GLU C 130 -11.73 62.17 41.19
C GLU C 130 -10.29 62.64 40.93
N GLN C 131 -9.93 62.66 39.65
CA GLN C 131 -8.58 63.01 39.27
C GLN C 131 -8.40 63.50 37.82
N GLU C 132 -7.52 64.48 37.65
CA GLU C 132 -7.30 65.09 36.36
C GLU C 132 -6.03 64.48 35.87
N TYR C 133 -6.05 64.01 34.62
CA TYR C 133 -4.86 63.42 34.02
C TYR C 133 -4.17 64.41 33.09
N SER C 134 -2.84 64.43 33.09
CA SER C 134 -2.15 65.43 32.29
C SER C 134 -2.13 65.09 30.83
N CYS C 135 -2.27 63.80 30.53
CA CYS C 135 -2.20 63.32 29.15
C CYS C 135 -3.18 62.18 28.99
N VAL C 136 -4.04 62.27 27.99
CA VAL C 136 -4.96 61.18 27.68
C VAL C 136 -4.78 60.82 26.23
N VAL C 137 -4.27 59.62 26.00
CA VAL C 137 -3.96 59.21 24.64
C VAL C 137 -5.05 58.25 24.19
N LYS C 138 -5.65 58.54 23.05
CA LYS C 138 -6.67 57.69 22.45
C LYS C 138 -6.01 57.10 21.18
N MET C 139 -5.90 55.78 21.15
CA MET C 139 -5.25 55.07 20.08
C MET C 139 -5.87 53.72 19.78
N PRO C 140 -5.43 53.13 18.67
CA PRO C 140 -5.98 51.83 18.26
C PRO C 140 -5.60 50.73 19.26
N SER C 141 -6.51 49.81 19.59
CA SER C 141 -6.21 48.84 20.65
C SER C 141 -5.34 47.69 20.17
N GLY C 142 -5.53 47.28 18.94
CA GLY C 142 -4.52 46.51 18.26
C GLY C 142 -3.11 47.02 18.44
N GLU C 143 -2.90 48.32 18.20
CA GLU C 143 -1.52 48.82 18.16
C GLU C 143 -0.93 48.80 19.56
N PHE C 144 -1.73 49.22 20.54
CA PHE C 144 -1.30 49.19 21.91
C PHE C 144 -0.83 47.78 22.26
N ALA C 145 -1.68 46.79 22.06
CA ALA C 145 -1.27 45.38 22.24
C ALA C 145 -0.06 44.93 21.46
N ARG C 146 0.13 45.41 20.22
CA ARG C 146 1.36 45.11 19.45
C ARG C 146 2.59 45.70 20.14
N ILE C 147 2.49 46.95 20.61
CA ILE C 147 3.62 47.56 21.27
C ILE C 147 3.94 46.82 22.55
N CYS C 148 2.94 46.61 23.41
CA CYS C 148 3.24 45.89 24.64
C CYS C 148 3.84 44.49 24.43
N ARG C 149 3.38 43.79 23.41
CA ARG C 149 3.89 42.46 23.20
C ARG C 149 5.34 42.64 22.73
N ASP C 150 5.51 43.45 21.68
CA ASP C 150 6.84 43.64 21.13
C ASP C 150 7.89 44.03 22.16
N LEU C 151 7.62 45.02 23.00
CA LEU C 151 8.66 45.57 23.88
C LEU C 151 8.99 44.61 25.01
N SER C 152 8.06 43.73 25.30
CA SER C 152 8.30 42.72 26.29
C SER C 152 9.21 41.66 25.68
N HIS C 153 9.60 41.76 24.41
CA HIS C 153 10.81 41.04 23.94
C HIS C 153 12.15 41.60 24.43
N ILE C 154 12.11 42.85 24.88
CA ILE C 154 13.32 43.60 25.03
C ILE C 154 13.59 43.70 26.52
N GLY C 155 12.58 44.08 27.26
CA GLY C 155 12.78 44.46 28.64
C GLY C 155 11.47 44.15 29.30
N ASP C 156 11.36 44.46 30.58
CA ASP C 156 10.14 44.13 31.29
C ASP C 156 9.52 45.31 32.05
N ALA C 157 9.94 46.51 31.64
CA ALA C 157 9.27 47.75 32.00
C ALA C 157 9.24 48.63 30.79
N VAL C 158 8.17 49.41 30.67
CA VAL C 158 8.07 50.31 29.57
C VAL C 158 8.01 51.72 30.16
N VAL C 159 8.74 52.61 29.51
CA VAL C 159 8.62 54.00 29.83
C VAL C 159 7.79 54.65 28.75
N ILE C 160 6.66 55.21 29.18
CA ILE C 160 5.67 55.73 28.25
C ILE C 160 5.86 57.17 28.58
N SER C 161 6.12 57.97 27.56
CA SER C 161 6.16 59.41 27.72
C SER C 161 5.29 60.04 26.65
N CYS C 162 4.44 60.99 27.03
CA CYS C 162 3.45 61.57 26.12
C CYS C 162 3.69 63.06 26.02
N ALA C 163 3.40 63.61 24.86
CA ALA C 163 3.57 65.04 24.60
C ALA C 163 2.58 65.54 23.52
N LYS C 164 2.58 66.84 23.26
CA LYS C 164 1.83 67.54 22.22
C LYS C 164 1.76 66.72 20.94
N ASP C 165 2.89 66.08 20.66
CA ASP C 165 3.20 65.68 19.30
C ASP C 165 3.04 64.19 19.13
N GLY C 166 3.31 63.48 20.23
CA GLY C 166 3.27 62.03 20.16
C GLY C 166 3.49 61.33 21.51
N VAL C 167 3.23 60.01 21.47
CA VAL C 167 3.46 59.15 22.63
C VAL C 167 4.49 58.02 22.29
N LYS C 168 5.48 57.92 23.18
CA LYS C 168 6.61 57.02 22.95
C LYS C 168 6.67 55.93 24.01
N PHE C 169 6.84 54.72 23.49
CA PHE C 169 6.90 53.56 24.33
C PHE C 169 8.30 53.02 24.23
N SER C 170 8.95 52.90 25.39
CA SER C 170 10.36 52.54 25.37
C SER C 170 10.77 51.56 26.49
N ALA C 171 11.59 50.57 26.15
CA ALA C 171 12.05 49.58 27.11
C ALA C 171 13.50 49.23 26.89
N SER C 172 14.07 48.59 27.89
CA SER C 172 15.45 48.18 27.80
C SER C 172 15.78 46.91 28.53
N GLY C 173 16.76 46.18 28.03
CA GLY C 173 17.17 44.94 28.63
C GLY C 173 18.59 44.49 28.34
N GLU C 174 18.87 43.22 28.63
CA GLU C 174 20.17 42.65 28.32
C GLU C 174 20.60 42.85 26.87
N LEU C 175 19.69 42.62 25.92
CA LEU C 175 20.14 42.47 24.55
C LEU C 175 20.31 43.85 23.95
N GLY C 176 19.71 44.82 24.60
CA GLY C 176 19.78 46.23 24.28
C GLY C 176 18.40 46.90 24.38
N ASN C 177 18.27 48.08 23.74
CA ASN C 177 17.06 48.89 23.94
C ASN C 177 16.16 49.11 22.68
N GLY C 178 14.83 49.19 22.95
CA GLY C 178 13.85 49.60 21.90
C GLY C 178 13.10 50.91 22.24
N ASN C 179 12.61 51.61 21.16
CA ASN C 179 11.95 52.94 21.28
C ASN C 179 10.91 53.15 20.15
N ILE C 180 9.65 52.73 20.44
CA ILE C 180 8.51 53.05 19.57
C ILE C 180 7.87 54.42 19.94
N LYS C 181 7.74 55.18 18.84
CA LYS C 181 7.11 56.49 18.94
C LYS C 181 5.88 56.60 18.03
N LEU C 182 4.75 56.95 18.64
CA LEU C 182 3.53 57.14 17.85
C LEU C 182 3.17 58.62 17.75
N SER C 183 3.20 59.13 16.50
CA SER C 183 2.94 60.55 16.31
C SER C 183 1.44 60.84 16.19
N GLN C 184 0.97 61.81 16.99
CA GLN C 184 -0.43 62.20 16.91
C GLN C 184 -0.86 62.41 15.46
N THR C 185 -1.49 61.36 14.88
CA THR C 185 -1.90 61.46 13.49
C THR C 185 -1.29 62.68 12.81
N SER C 186 -2.06 63.27 11.87
CA SER C 186 -1.55 64.44 11.17
C SER C 186 -2.57 64.98 10.17
N ASN C 187 -2.90 64.03 9.31
CA ASN C 187 -4.04 64.27 8.42
C ASN C 187 -5.38 64.09 9.14
N VAL C 188 -6.43 63.94 8.33
CA VAL C 188 -7.75 63.73 8.90
C VAL C 188 -8.55 62.68 8.13
N ASP C 189 -8.67 61.49 8.76
CA ASP C 189 -9.39 60.41 8.11
C ASP C 189 -10.34 59.69 9.07
N LYS C 190 -10.23 60.05 10.35
CA LYS C 190 -11.07 59.38 11.34
C LYS C 190 -10.53 57.97 11.64
N GLU C 191 -11.46 57.08 12.01
CA GLU C 191 -11.16 55.65 12.04
C GLU C 191 -10.30 55.23 13.24
N GLU C 192 -9.77 53.99 13.14
CA GLU C 192 -8.78 53.52 14.10
C GLU C 192 -7.44 54.21 13.86
N GLU C 193 -6.39 53.38 13.83
CA GLU C 193 -5.08 53.89 13.43
C GLU C 193 -4.97 55.39 13.72
N ALA C 194 -6.02 56.12 14.06
CA ALA C 194 -5.89 57.47 14.60
C ALA C 194 -5.24 57.48 15.98
N VAL C 195 -4.08 58.11 16.08
CA VAL C 195 -3.62 58.51 17.39
C VAL C 195 -3.96 59.95 17.71
N THR C 196 -4.59 60.16 18.84
CA THR C 196 -4.93 61.50 19.25
C THR C 196 -4.64 61.67 20.74
N ILE C 197 -4.19 62.87 21.10
CA ILE C 197 -3.66 63.14 22.42
C ILE C 197 -4.29 64.40 23.03
N GLU C 198 -4.91 64.31 24.20
CA GLU C 198 -5.33 65.49 24.95
C GLU C 198 -4.42 65.79 26.09
N MET C 199 -3.61 66.79 25.87
CA MET C 199 -2.45 66.98 26.68
C MET C 199 -2.66 68.27 27.47
N ASN C 200 -2.29 68.24 28.74
CA ASN C 200 -2.32 69.43 29.57
C ASN C 200 -0.89 69.80 29.95
N GLU C 201 -0.09 68.82 30.35
CA GLU C 201 1.36 68.85 30.33
C GLU C 201 1.85 67.47 29.91
N PRO C 202 3.14 67.39 29.65
CA PRO C 202 3.77 66.13 29.27
C PRO C 202 3.98 65.31 30.50
N VAL C 203 4.05 63.99 30.31
CA VAL C 203 4.21 63.05 31.41
C VAL C 203 5.10 61.94 30.95
N GLN C 204 5.75 61.33 31.92
CA GLN C 204 6.59 60.20 31.62
C GLN C 204 6.40 59.28 32.80
N LEU C 205 5.97 58.04 32.56
CA LEU C 205 6.06 57.08 33.64
C LEU C 205 6.50 55.72 33.18
N THR C 206 6.59 54.84 34.16
CA THR C 206 7.23 53.57 33.95
C THR C 206 6.34 52.51 34.57
N PHE C 207 6.05 51.46 33.83
CA PHE C 207 5.10 50.47 34.31
C PHE C 207 5.68 49.19 33.84
N ALA C 208 5.07 48.11 34.29
CA ALA C 208 5.60 46.78 34.10
C ALA C 208 4.85 46.11 32.97
N LEU C 209 5.52 45.66 31.93
CA LEU C 209 4.79 45.24 30.75
C LEU C 209 4.02 43.98 31.09
N ARG C 210 4.54 43.21 32.04
CA ARG C 210 3.89 41.98 32.50
C ARG C 210 2.38 42.20 32.65
N TYR C 211 2.00 43.33 33.27
CA TYR C 211 0.59 43.62 33.60
C TYR C 211 -0.21 44.25 32.46
N LEU C 212 0.42 45.06 31.61
CA LEU C 212 -0.22 45.62 30.42
C LEU C 212 -0.58 44.56 29.42
N ASN C 213 0.13 43.45 29.47
CA ASN C 213 -0.17 42.42 28.50
C ASN C 213 -1.32 41.56 28.93
N PHE C 214 -1.53 41.45 30.24
CA PHE C 214 -2.81 41.02 30.73
C PHE C 214 -3.95 41.95 30.30
N PHE C 215 -3.75 43.26 30.28
CA PHE C 215 -4.84 44.21 30.06
C PHE C 215 -5.28 44.07 28.61
N THR C 216 -4.31 43.90 27.74
CA THR C 216 -4.61 43.81 26.32
C THR C 216 -5.47 42.60 25.92
N LYS C 217 -5.80 41.77 26.88
CA LYS C 217 -6.75 40.73 26.62
C LYS C 217 -8.19 41.29 26.55
N ALA C 218 -8.36 42.58 26.84
CA ALA C 218 -9.58 43.26 26.37
C ALA C 218 -9.69 43.82 24.95
N THR C 219 -8.75 43.52 24.07
CA THR C 219 -8.67 44.20 22.80
C THR C 219 -9.91 43.93 21.94
N PRO C 220 -10.44 42.73 22.03
CA PRO C 220 -11.63 42.37 21.24
C PRO C 220 -12.86 43.18 21.60
N LEU C 221 -12.84 43.86 22.75
CA LEU C 221 -14.04 44.57 23.21
C LEU C 221 -14.07 45.89 22.48
N SER C 222 -12.93 46.39 22.05
CA SER C 222 -13.01 47.66 21.34
C SER C 222 -11.86 47.84 20.44
N SER C 223 -12.09 48.57 19.37
CA SER C 223 -10.95 48.81 18.47
C SER C 223 -10.09 50.01 18.89
N THR C 224 -10.55 50.80 19.84
CA THR C 224 -9.72 51.88 20.34
C THR C 224 -9.55 51.71 21.85
N VAL C 225 -8.39 52.11 22.39
CA VAL C 225 -8.12 52.18 23.83
C VAL C 225 -7.69 53.59 24.24
N THR C 226 -8.09 54.06 25.41
CA THR C 226 -7.48 55.26 25.98
C THR C 226 -6.54 55.01 27.16
N LEU C 227 -5.43 55.75 27.12
CA LEU C 227 -4.43 55.81 28.17
C LEU C 227 -4.56 57.19 28.80
N SER C 228 -4.83 57.20 30.10
CA SER C 228 -4.84 58.38 30.96
C SER C 228 -3.69 58.36 31.99
N MET C 229 -2.85 59.39 32.04
CA MET C 229 -1.58 59.42 32.81
C MET C 229 -1.40 60.73 33.56
N SER C 230 -0.84 60.63 34.76
CA SER C 230 -0.36 61.77 35.53
C SER C 230 0.76 61.30 36.47
N ALA C 231 1.67 62.18 36.83
CA ALA C 231 2.80 61.72 37.59
C ALA C 231 2.40 61.18 38.96
N ASP C 232 3.05 60.07 39.34
CA ASP C 232 2.83 59.34 40.59
C ASP C 232 1.34 59.12 40.84
N VAL C 233 0.67 58.62 39.81
CA VAL C 233 -0.61 57.95 39.98
C VAL C 233 -0.80 56.77 39.02
N PRO C 234 -1.77 55.94 39.35
CA PRO C 234 -2.00 54.74 38.55
C PRO C 234 -2.56 55.07 37.17
N LEU C 235 -1.90 54.51 36.13
CA LEU C 235 -2.35 54.73 34.76
C LEU C 235 -3.64 53.96 34.46
N VAL C 236 -4.49 54.58 33.63
CA VAL C 236 -5.79 53.97 33.35
C VAL C 236 -5.91 53.51 31.90
N VAL C 237 -6.12 52.19 31.75
CA VAL C 237 -6.34 51.63 30.42
C VAL C 237 -7.82 51.29 30.21
N GLU C 238 -8.50 52.13 29.41
CA GLU C 238 -9.95 52.01 29.29
C GLU C 238 -10.38 51.39 27.96
N TYR C 239 -11.21 50.33 28.07
CA TYR C 239 -11.82 49.75 26.89
C TYR C 239 -13.35 49.89 26.92
N LYS C 240 -13.86 50.82 26.10
CA LYS C 240 -15.29 51.09 26.13
C LYS C 240 -16.11 49.97 25.48
N ILE C 241 -17.07 49.45 26.26
CA ILE C 241 -17.90 48.53 25.50
C ILE C 241 -19.11 49.23 24.89
N ALA C 242 -19.18 49.18 23.55
CA ALA C 242 -20.23 49.90 22.84
C ALA C 242 -21.61 49.75 23.50
N ASP C 243 -22.16 50.90 23.94
CA ASP C 243 -23.55 50.94 24.37
C ASP C 243 -23.83 50.07 25.60
N MET C 244 -22.78 49.86 26.42
CA MET C 244 -22.99 49.10 27.64
C MET C 244 -22.27 49.72 28.83
N GLY C 245 -21.03 50.17 28.58
CA GLY C 245 -20.25 50.80 29.64
C GLY C 245 -18.78 50.91 29.28
N HIS C 246 -17.93 50.34 30.14
CA HIS C 246 -16.51 50.34 29.87
C HIS C 246 -15.76 49.40 30.81
N LEU C 247 -14.53 49.03 30.40
CA LEU C 247 -13.72 48.18 31.25
C LEU C 247 -12.37 48.84 31.54
N LYS C 248 -12.14 49.14 32.84
CA LYS C 248 -10.98 49.94 33.17
C LYS C 248 -9.90 49.15 33.92
N TYR C 249 -8.64 49.34 33.46
CA TYR C 249 -7.51 48.76 34.17
C TYR C 249 -6.68 49.85 34.85
N TYR C 250 -6.42 49.76 36.13
CA TYR C 250 -5.51 50.69 36.77
C TYR C 250 -4.19 49.97 37.06
N LEU C 251 -3.08 50.67 36.84
CA LEU C 251 -1.77 50.07 37.00
C LEU C 251 -0.84 51.03 37.76
N ALA C 252 -0.40 50.58 38.91
CA ALA C 252 0.49 51.40 39.74
C ALA C 252 1.85 51.57 39.05
N PRO C 253 2.40 52.79 39.10
CA PRO C 253 3.71 53.04 38.47
C PRO C 253 4.81 52.36 39.22
N LYS C 254 5.95 52.23 38.56
CA LYS C 254 7.22 52.15 39.24
C LYS C 254 7.84 53.54 39.44
N ILE C 255 8.09 53.89 40.69
CA ILE C 255 8.64 55.19 41.04
C ILE C 255 10.14 55.04 41.23
N GLU C 256 11.24 56.33 40.56
CA GLU C 256 12.59 56.24 41.06
C GLU C 256 12.63 55.81 42.53
N ASP C 257 13.36 54.72 42.78
CA ASP C 257 13.55 54.28 44.15
C ASP C 257 12.29 54.49 45.00
N SER D 1 11.93 56.69 36.24
CA SER D 1 12.70 55.66 35.58
C SER D 1 12.44 54.30 36.21
N ALA D 2 12.31 54.30 37.55
CA ALA D 2 11.76 53.13 38.21
C ALA D 2 12.78 52.35 39.04
N VAL D 3 12.24 51.65 40.06
CA VAL D 3 13.07 50.79 40.91
C VAL D 3 12.17 49.94 41.82
N LEU D 4 11.19 50.62 42.42
CA LEU D 4 10.24 49.94 43.28
C LEU D 4 8.83 49.98 42.69
N GLN D 5 8.21 48.78 42.60
CA GLN D 5 6.84 48.72 42.12
C GLN D 5 5.86 49.32 43.14
N LYS D 6 5.07 50.33 42.82
CA LYS D 6 4.11 50.88 43.79
C LYS D 6 2.86 50.05 43.74
N LYS D 7 1.98 50.24 44.71
CA LYS D 7 0.80 49.38 44.79
C LYS D 7 -0.49 50.17 44.64
N ILE D 8 -1.52 49.55 44.08
CA ILE D 8 -2.79 50.24 43.95
C ILE D 8 -3.26 50.79 45.30
N THR D 9 -2.87 50.12 46.38
CA THR D 9 -3.35 50.44 47.71
C THR D 9 -2.66 51.64 48.32
N ASP D 10 -1.59 52.08 47.67
CA ASP D 10 -0.88 53.30 48.06
C ASP D 10 -1.54 54.53 47.47
N TYR D 11 -2.65 54.35 46.76
CA TYR D 11 -3.33 55.48 46.15
C TYR D 11 -4.83 55.38 46.38
N PHE D 12 -5.38 54.16 46.34
CA PHE D 12 -6.82 53.96 46.52
C PHE D 12 -7.12 53.25 47.83
N HIS D 13 -8.09 53.76 48.57
CA HIS D 13 -8.22 53.36 49.97
C HIS D 13 -9.66 52.92 50.13
N PRO D 14 -9.93 52.06 51.10
CA PRO D 14 -11.27 51.55 51.30
C PRO D 14 -12.25 52.66 51.54
N LYS D 15 -13.46 52.46 51.02
CA LYS D 15 -14.44 53.52 50.80
C LYS D 15 -15.26 53.83 52.07
N LYS D 16 -15.11 53.00 53.11
CA LYS D 16 -15.34 53.42 54.50
C LYS D 16 -14.71 52.44 55.50
N MET E 1 -3.31 -12.04 -3.50
CA MET E 1 -2.86 -10.63 -3.67
C MET E 1 -4.02 -9.69 -3.34
N PHE E 2 -3.77 -8.75 -2.44
CA PHE E 2 -4.67 -7.64 -2.17
C PHE E 2 -4.22 -6.33 -2.81
N GLU E 3 -5.12 -5.73 -3.57
CA GLU E 3 -4.95 -4.31 -3.84
C GLU E 3 -6.26 -3.50 -3.82
N ALA E 4 -6.20 -2.36 -3.14
CA ALA E 4 -7.27 -1.39 -3.24
C ALA E 4 -6.67 -0.07 -3.46
N ARG E 5 -7.50 0.73 -4.08
CA ARG E 5 -7.12 2.07 -4.45
C ARG E 5 -8.27 3.00 -4.11
N LEU E 6 -7.90 4.16 -3.59
CA LEU E 6 -8.87 5.15 -3.21
C LEU E 6 -8.37 6.50 -3.72
N VAL E 7 -9.12 7.11 -4.62
CA VAL E 7 -8.69 8.39 -5.19
C VAL E 7 -8.88 9.52 -4.18
N GLN E 8 -9.95 9.45 -3.39
CA GLN E 8 -10.10 10.39 -2.29
C GLN E 8 -9.24 9.80 -1.20
N GLY E 9 -7.94 10.07 -1.30
CA GLY E 9 -6.97 9.57 -0.36
C GLY E 9 -7.31 10.02 1.04
N SER E 10 -8.15 11.06 1.13
CA SER E 10 -8.23 11.84 2.38
C SER E 10 -9.11 11.04 3.35
N ILE E 11 -9.91 10.17 2.76
CA ILE E 11 -10.81 9.33 3.51
C ILE E 11 -9.94 8.51 4.41
N LEU E 12 -8.81 8.05 3.91
CA LEU E 12 -8.12 7.01 4.60
C LEU E 12 -7.29 7.70 5.65
N LYS E 13 -6.85 8.91 5.32
CA LYS E 13 -6.25 9.79 6.34
C LYS E 13 -7.16 10.07 7.53
N LYS E 14 -8.34 10.63 7.26
CA LYS E 14 -9.33 10.84 8.29
C LYS E 14 -9.68 9.62 9.16
N VAL E 15 -9.87 8.45 8.54
CA VAL E 15 -10.23 7.23 9.28
C VAL E 15 -9.09 6.84 10.21
N LEU E 16 -7.88 6.94 9.72
CA LEU E 16 -6.77 6.64 10.63
C LEU E 16 -6.72 7.60 11.78
N GLU E 17 -6.96 8.86 11.48
CA GLU E 17 -6.88 9.93 12.47
C GLU E 17 -8.00 9.68 13.46
N ALA E 18 -9.02 8.98 12.97
CA ALA E 18 -10.21 8.79 13.76
C ALA E 18 -10.01 7.67 14.72
N LEU E 19 -8.98 6.87 14.50
CA LEU E 19 -8.78 5.62 15.23
C LEU E 19 -7.62 5.75 16.21
N LYS E 20 -6.58 6.50 15.78
CA LYS E 20 -5.26 6.37 16.39
C LYS E 20 -5.29 6.82 17.84
N ASP E 21 -6.24 7.66 18.18
CA ASP E 21 -6.26 8.18 19.54
C ASP E 21 -6.92 7.15 20.45
N LEU E 22 -7.86 6.37 19.91
CA LEU E 22 -8.75 5.61 20.80
C LEU E 22 -8.10 4.25 21.08
N ILE E 23 -7.70 3.60 19.95
CA ILE E 23 -7.07 2.29 20.03
C ILE E 23 -5.68 2.16 19.34
N ASN E 24 -4.87 1.26 19.92
CA ASN E 24 -3.43 1.25 19.70
C ASN E 24 -3.04 0.39 18.49
N GLU E 25 -3.50 -0.84 18.57
CA GLU E 25 -3.38 -1.68 17.41
C GLU E 25 -4.63 -2.53 17.16
N ALA E 26 -4.91 -2.71 15.87
CA ALA E 26 -6.03 -3.56 15.45
C ALA E 26 -5.60 -4.42 14.26
N CYS E 27 -6.47 -5.38 13.91
CA CYS E 27 -6.25 -6.16 12.70
C CYS E 27 -7.27 -5.79 11.64
N TRP E 28 -6.75 -5.37 10.51
CA TRP E 28 -7.59 -5.12 9.36
C TRP E 28 -8.02 -6.44 8.74
N ASP E 29 -9.32 -6.60 8.55
CA ASP E 29 -9.78 -7.83 7.96
C ASP E 29 -10.06 -7.62 6.51
N ILE E 30 -9.16 -8.04 5.62
CA ILE E 30 -9.43 -7.83 4.20
C ILE E 30 -10.12 -9.06 3.56
N SER E 31 -11.14 -8.81 2.75
CA SER E 31 -11.86 -9.88 2.03
C SER E 31 -12.42 -9.38 0.72
N SER E 32 -13.04 -10.29 -0.02
CA SER E 32 -13.62 -9.90 -1.30
C SER E 32 -14.77 -8.92 -1.11
N SER E 33 -15.30 -8.87 0.11
CA SER E 33 -16.46 -8.02 0.42
C SER E 33 -16.00 -6.64 0.88
N GLY E 34 -14.73 -6.53 1.25
CA GLY E 34 -14.03 -5.26 1.31
C GLY E 34 -13.19 -5.28 2.57
N VAL E 35 -13.03 -4.12 3.21
CA VAL E 35 -12.10 -3.91 4.33
C VAL E 35 -12.80 -3.63 5.65
N ASN E 36 -12.40 -4.33 6.71
CA ASN E 36 -13.13 -4.28 7.98
C ASN E 36 -12.18 -4.25 9.14
N LEU E 37 -12.62 -3.59 10.21
CA LEU E 37 -11.82 -3.43 11.42
C LEU E 37 -12.70 -3.28 12.67
N GLN E 38 -12.45 -4.17 13.65
CA GLN E 38 -13.19 -4.11 14.91
C GLN E 38 -12.27 -4.31 16.10
N SER E 39 -12.32 -3.35 17.05
CA SER E 39 -11.44 -3.45 18.21
C SER E 39 -11.87 -2.54 19.35
N MET E 40 -11.48 -2.93 20.58
CA MET E 40 -11.78 -2.12 21.75
C MET E 40 -10.58 -1.27 22.17
N ASP E 41 -10.88 -0.15 22.86
CA ASP E 41 -9.82 0.73 23.31
C ASP E 41 -8.96 0.05 24.38
N SER E 42 -7.96 0.81 24.87
CA SER E 42 -7.12 0.27 25.93
C SER E 42 -7.94 -0.63 26.87
N SER E 43 -8.99 -0.03 27.43
CA SER E 43 -9.92 -0.81 28.25
C SER E 43 -11.02 -1.42 27.39
N HIS E 44 -11.94 -2.14 28.06
CA HIS E 44 -13.02 -2.79 27.31
C HIS E 44 -14.36 -2.10 27.55
N VAL E 45 -14.33 -0.76 27.50
CA VAL E 45 -15.56 0.01 27.68
C VAL E 45 -16.12 0.51 26.34
N SER E 46 -15.19 0.70 25.39
CA SER E 46 -15.60 1.21 24.08
C SER E 46 -15.11 0.30 22.94
N LEU E 47 -15.92 0.24 21.87
CA LEU E 47 -15.56 -0.59 20.74
C LEU E 47 -15.75 0.14 19.41
N VAL E 48 -14.79 0.02 18.51
CA VAL E 48 -14.98 0.72 17.24
C VAL E 48 -15.11 -0.30 16.10
N GLN E 49 -15.78 0.10 15.03
CA GLN E 49 -16.13 -0.83 13.97
C GLN E 49 -16.22 -0.11 12.63
N LEU E 50 -15.32 -0.49 11.74
CA LEU E 50 -15.09 0.14 10.45
C LEU E 50 -15.46 -0.78 9.29
N THR E 51 -16.37 -0.28 8.42
CA THR E 51 -16.78 -1.06 7.27
C THR E 51 -16.50 -0.32 5.96
N LEU E 52 -15.65 -0.93 5.11
CA LEU E 52 -15.32 -0.29 3.84
C LEU E 52 -15.66 -1.20 2.66
N ARG E 53 -16.88 -1.01 2.11
CA ARG E 53 -17.30 -1.82 0.98
C ARG E 53 -16.32 -1.72 -0.19
N SER E 54 -16.07 -2.88 -0.82
CA SER E 54 -15.14 -2.90 -1.94
C SER E 54 -15.56 -1.94 -3.05
N GLU E 55 -16.77 -2.18 -3.58
CA GLU E 55 -17.27 -1.34 -4.66
C GLU E 55 -17.02 0.15 -4.37
N GLY E 56 -16.82 0.45 -3.08
CA GLY E 56 -16.58 1.84 -2.70
C GLY E 56 -15.25 2.36 -3.26
N PHE E 57 -14.25 1.46 -3.24
CA PHE E 57 -12.94 1.83 -3.75
C PHE E 57 -12.98 2.10 -5.26
N ASP E 58 -11.96 2.83 -5.74
CA ASP E 58 -11.82 3.02 -7.19
C ASP E 58 -11.15 1.81 -7.82
N THR E 59 -10.45 1.04 -6.99
CA THR E 59 -9.82 -0.18 -7.46
C THR E 59 -9.67 -1.21 -6.35
N TYR E 60 -10.33 -2.37 -6.54
CA TYR E 60 -10.33 -3.38 -5.50
C TYR E 60 -10.10 -4.79 -6.03
N ARG E 61 -9.08 -5.45 -5.44
CA ARG E 61 -8.83 -6.85 -5.80
C ARG E 61 -8.48 -7.68 -4.57
N CYS E 62 -9.19 -8.76 -4.24
CA CYS E 62 -8.79 -9.51 -3.07
C CYS E 62 -8.84 -10.95 -3.42
N ASP E 63 -7.70 -11.62 -3.42
CA ASP E 63 -7.63 -13.04 -3.80
C ASP E 63 -7.79 -14.02 -2.65
N ARG E 64 -7.18 -13.76 -1.51
CA ARG E 64 -7.44 -14.50 -0.28
C ARG E 64 -7.69 -13.56 0.93
N ASN E 65 -8.76 -13.77 1.67
CA ASN E 65 -8.92 -13.22 3.01
C ASN E 65 -7.60 -13.08 3.76
N LEU E 66 -7.46 -11.98 4.50
CA LEU E 66 -6.17 -11.40 4.93
C LEU E 66 -6.48 -10.68 6.21
N ALA E 67 -5.66 -10.89 7.22
CA ALA E 67 -5.90 -10.28 8.52
C ALA E 67 -4.60 -9.57 8.87
N MET E 68 -4.56 -8.26 8.63
CA MET E 68 -3.32 -7.56 8.82
C MET E 68 -3.36 -6.88 10.17
N GLY E 69 -2.40 -7.25 10.99
CA GLY E 69 -2.08 -6.57 12.23
C GLY E 69 -1.24 -5.31 12.04
N VAL E 70 -1.59 -4.24 12.74
CA VAL E 70 -1.15 -2.94 12.36
C VAL E 70 -1.14 -2.10 13.59
N ASN E 71 0.00 -1.44 13.78
CA ASN E 71 0.15 -0.41 14.80
C ASN E 71 -0.36 0.86 14.22
N LEU E 72 -1.45 1.37 14.77
CA LEU E 72 -2.23 2.32 14.01
C LEU E 72 -1.50 3.64 14.06
N THR E 73 -0.58 3.78 15.00
CA THR E 73 0.06 5.07 15.19
C THR E 73 1.07 5.07 14.05
N SER E 74 1.66 3.91 13.81
CA SER E 74 2.67 3.76 12.75
C SER E 74 1.99 4.07 11.43
N MET E 75 0.86 3.44 11.19
CA MET E 75 0.06 3.74 10.00
C MET E 75 -0.31 5.20 9.82
N SER E 76 -0.64 5.86 10.94
CA SER E 76 -0.94 7.31 10.95
C SER E 76 0.21 8.20 10.42
N LYS E 77 1.38 8.00 11.03
CA LYS E 77 2.57 8.74 10.67
C LYS E 77 2.75 8.47 9.19
N ILE E 78 2.57 7.24 8.74
CA ILE E 78 2.81 7.05 7.33
C ILE E 78 1.82 7.84 6.48
N LEU E 79 0.53 7.69 6.78
CA LEU E 79 -0.49 8.39 6.00
C LEU E 79 -0.39 9.91 6.11
N LYS E 80 0.29 10.35 7.15
CA LYS E 80 0.58 11.78 7.30
C LYS E 80 1.50 12.22 6.17
N CYS E 81 2.12 11.31 5.45
CA CYS E 81 2.97 11.69 4.32
C CYS E 81 2.24 11.75 3.01
N ALA E 82 0.94 11.93 3.10
CA ALA E 82 0.08 11.79 1.92
C ALA E 82 -0.82 13.00 1.83
N GLY E 83 -0.94 13.56 0.64
CA GLY E 83 -1.76 14.74 0.41
C GLY E 83 -3.24 14.46 0.59
N ASN E 84 -4.07 15.47 0.83
CA ASN E 84 -5.50 15.21 0.95
C ASN E 84 -6.12 14.90 -0.40
N GLU E 85 -5.41 15.27 -1.47
CA GLU E 85 -5.87 14.97 -2.83
C GLU E 85 -5.11 13.87 -3.59
N ASP E 86 -4.08 13.32 -2.96
CA ASP E 86 -3.38 12.14 -3.44
C ASP E 86 -4.34 10.96 -3.58
N ILE E 87 -4.05 10.15 -4.60
CA ILE E 87 -4.58 8.82 -4.76
C ILE E 87 -3.74 7.87 -3.91
N ILE E 88 -4.39 7.21 -2.96
CA ILE E 88 -3.74 6.23 -2.13
C ILE E 88 -4.08 4.81 -2.57
N THR E 89 -3.05 4.00 -2.79
CA THR E 89 -3.22 2.61 -3.12
C THR E 89 -2.60 1.70 -2.08
N LEU E 90 -3.39 0.80 -1.50
CA LEU E 90 -2.85 -0.17 -0.56
C LEU E 90 -2.65 -1.47 -1.29
N ARG E 91 -1.62 -2.21 -0.92
CA ARG E 91 -1.37 -3.46 -1.64
C ARG E 91 -0.51 -4.42 -0.82
N ALA E 92 -0.97 -5.68 -0.74
CA ALA E 92 -0.21 -6.66 0.04
C ALA E 92 -0.37 -8.07 -0.52
N GLU E 93 0.73 -8.84 -0.43
CA GLU E 93 0.69 -10.21 -0.91
C GLU E 93 -0.20 -11.10 -0.03
N ASP E 94 -0.01 -12.43 -0.17
CA ASP E 94 -0.84 -13.36 0.61
C ASP E 94 -0.31 -13.52 2.03
N ASN E 95 1.03 -13.40 2.15
CA ASN E 95 1.65 -13.43 3.48
C ASN E 95 2.14 -12.03 3.88
N ALA E 96 3.24 -11.61 3.25
CA ALA E 96 3.77 -10.26 3.52
C ALA E 96 3.52 -9.84 4.97
N ASP E 97 4.63 -9.46 5.64
CA ASP E 97 4.51 -8.91 6.98
C ASP E 97 4.69 -7.39 6.99
N THR E 98 4.74 -7.11 5.67
CA THR E 98 4.68 -5.77 5.08
C THR E 98 3.24 -5.46 4.49
N LEU E 99 2.89 -4.17 4.61
CA LEU E 99 1.87 -3.56 3.77
C LEU E 99 2.48 -2.42 2.99
N ALA E 100 1.94 -2.18 1.81
CA ALA E 100 2.52 -1.21 0.91
C ALA E 100 1.53 -0.08 0.61
N LEU E 101 1.94 1.15 0.86
CA LEU E 101 1.08 2.29 0.58
C LEU E 101 1.78 3.12 -0.46
N VAL E 102 0.98 3.62 -1.39
CA VAL E 102 1.52 4.32 -2.53
C VAL E 102 0.65 5.55 -2.68
N PHE E 103 1.33 6.70 -2.65
CA PHE E 103 0.69 8.00 -2.74
C PHE E 103 1.02 8.68 -4.06
N GLU E 104 0.01 8.88 -4.91
CA GLU E 104 0.54 9.62 -6.05
C GLU E 104 -0.12 10.99 -6.19
N ALA E 105 0.73 12.01 -6.41
CA ALA E 105 0.20 13.36 -6.52
C ALA E 105 -0.81 13.47 -7.67
N PRO E 106 -1.82 14.32 -7.45
CA PRO E 106 -2.78 14.63 -8.49
C PRO E 106 -2.14 15.47 -9.60
N ASN E 107 -2.10 16.80 -9.36
CA ASN E 107 -1.37 17.67 -10.28
C ASN E 107 0.12 17.69 -9.95
N GLN E 108 0.87 16.78 -10.61
CA GLN E 108 2.29 16.71 -10.30
C GLN E 108 2.91 15.41 -10.79
N GLU E 109 4.21 15.26 -10.52
CA GLU E 109 4.90 14.04 -10.92
C GLU E 109 5.38 13.24 -9.72
N LYS E 110 5.10 13.78 -8.52
CA LYS E 110 5.54 13.12 -7.30
C LYS E 110 4.70 11.87 -7.01
N VAL E 111 5.48 10.82 -6.84
CA VAL E 111 4.94 9.55 -6.35
C VAL E 111 5.76 9.08 -5.13
N SER E 112 5.03 8.75 -4.08
CA SER E 112 5.67 8.35 -2.83
C SER E 112 5.24 6.91 -2.67
N ASP E 113 6.14 6.08 -2.18
CA ASP E 113 5.82 4.68 -2.05
C ASP E 113 6.39 4.19 -0.73
N TYR E 114 5.55 3.69 0.16
CA TYR E 114 6.00 3.40 1.53
C TYR E 114 5.76 1.91 1.80
N GLU E 115 6.42 1.40 2.82
CA GLU E 115 6.16 0.06 3.28
C GLU E 115 6.17 -0.07 4.81
N MET E 116 5.15 -0.73 5.33
CA MET E 116 4.81 -0.66 6.76
C MET E 116 5.04 -2.09 7.20
N LYS E 117 5.84 -2.23 8.25
CA LYS E 117 5.86 -3.43 9.02
C LYS E 117 4.52 -3.64 9.70
N LEU E 118 4.15 -4.90 9.76
CA LEU E 118 2.87 -5.37 10.29
C LEU E 118 3.11 -6.10 11.60
N MET E 119 2.26 -5.91 12.61
CA MET E 119 2.42 -6.62 13.85
C MET E 119 1.81 -7.97 13.64
N ASP E 120 2.25 -8.95 14.41
CA ASP E 120 1.41 -10.13 14.71
C ASP E 120 0.65 -9.99 16.02
N LEU E 121 -0.64 -10.24 15.94
CA LEU E 121 -1.51 -10.13 17.11
C LEU E 121 -2.84 -10.73 16.76
N ASP E 122 -3.36 -11.57 17.64
CA ASP E 122 -4.63 -12.21 17.34
C ASP E 122 -5.59 -11.68 18.38
N VAL E 123 -6.86 -11.70 18.01
CA VAL E 123 -7.92 -11.04 18.75
C VAL E 123 -9.11 -11.64 18.08
N GLU E 124 -10.14 -12.02 18.84
CA GLU E 124 -11.34 -12.58 18.23
C GLU E 124 -12.42 -11.50 18.15
N GLN E 125 -13.20 -11.56 17.08
CA GLN E 125 -14.34 -10.71 16.90
C GLN E 125 -15.40 -10.89 18.00
N LEU E 126 -15.91 -9.75 18.45
CA LEU E 126 -17.13 -9.78 19.21
C LEU E 126 -18.24 -9.74 18.19
N GLY E 127 -19.36 -10.38 18.55
CA GLY E 127 -20.56 -10.46 17.74
C GLY E 127 -21.55 -9.41 18.19
N ILE E 128 -22.01 -8.60 17.24
CA ILE E 128 -22.83 -7.44 17.52
C ILE E 128 -24.21 -7.68 16.94
N PRO E 129 -25.09 -8.18 17.79
CA PRO E 129 -26.44 -8.50 17.39
C PRO E 129 -26.99 -7.36 16.55
N GLU E 130 -27.65 -7.72 15.46
CA GLU E 130 -28.52 -6.78 14.76
C GLU E 130 -29.55 -6.44 15.80
N GLN E 131 -30.10 -5.24 15.72
CA GLN E 131 -31.00 -4.83 16.78
C GLN E 131 -31.64 -3.51 16.43
N GLU E 132 -32.81 -3.28 17.02
CA GLU E 132 -33.52 -2.06 16.79
C GLU E 132 -33.49 -1.22 18.06
N TYR E 133 -33.14 0.05 17.93
CA TYR E 133 -32.90 0.90 19.11
C TYR E 133 -34.15 1.68 19.51
N SER E 134 -34.35 1.91 20.80
CA SER E 134 -35.45 2.79 21.20
C SER E 134 -35.49 4.13 20.49
N CYS E 135 -34.34 4.82 20.41
CA CYS E 135 -34.30 6.20 20.05
C CYS E 135 -33.16 6.37 19.09
N VAL E 136 -33.39 6.93 17.90
CA VAL E 136 -32.28 7.13 16.96
C VAL E 136 -32.17 8.60 16.56
N VAL E 137 -31.03 9.22 16.87
CA VAL E 137 -30.87 10.64 16.68
C VAL E 137 -29.85 10.95 15.60
N LYS E 138 -30.33 11.53 14.52
CA LYS E 138 -29.49 12.05 13.45
C LYS E 138 -29.39 13.55 13.69
N MET E 139 -28.17 14.07 13.69
CA MET E 139 -27.86 15.45 14.00
C MET E 139 -26.47 15.75 13.46
N PRO E 140 -26.17 17.02 13.32
CA PRO E 140 -24.95 17.46 12.64
C PRO E 140 -23.80 17.11 13.51
N SER E 141 -22.71 16.69 12.89
CA SER E 141 -21.63 16.03 13.62
C SER E 141 -20.82 17.03 14.41
N GLY E 142 -20.53 18.17 13.82
CA GLY E 142 -19.95 19.28 14.52
C GLY E 142 -20.72 19.73 15.76
N GLU E 143 -22.03 19.85 15.67
CA GLU E 143 -22.81 20.09 16.88
C GLU E 143 -22.51 19.05 17.98
N PHE E 144 -22.60 17.77 17.62
CA PHE E 144 -22.44 16.71 18.61
C PHE E 144 -21.03 16.82 19.21
N ALA E 145 -20.10 17.20 18.36
CA ALA E 145 -18.77 17.42 18.85
C ALA E 145 -18.65 18.61 19.81
N ARG E 146 -19.31 19.73 19.55
CA ARG E 146 -19.22 20.88 20.45
C ARG E 146 -19.92 20.47 21.75
N ILE E 147 -21.07 19.81 21.66
CA ILE E 147 -21.76 19.46 22.89
C ILE E 147 -20.91 18.66 23.86
N CYS E 148 -20.23 17.63 23.36
CA CYS E 148 -19.40 16.77 24.17
C CYS E 148 -18.14 17.49 24.67
N ARG E 149 -17.60 18.39 23.87
CA ARG E 149 -16.46 19.13 24.39
C ARG E 149 -16.91 20.11 25.48
N ASP E 150 -17.98 20.86 25.21
CA ASP E 150 -18.47 21.85 26.16
C ASP E 150 -18.83 21.20 27.50
N LEU E 151 -19.63 20.13 27.42
CA LEU E 151 -20.11 19.47 28.63
C LEU E 151 -18.98 18.79 29.41
N SER E 152 -17.97 18.33 28.65
CA SER E 152 -16.85 17.65 29.28
C SER E 152 -16.11 18.58 30.25
N HIS E 153 -16.32 19.89 30.05
CA HIS E 153 -15.66 20.87 30.91
C HIS E 153 -16.46 21.13 32.18
N ILE E 154 -17.71 20.64 32.18
CA ILE E 154 -18.56 20.79 33.36
C ILE E 154 -18.55 19.52 34.20
N GLY E 155 -18.59 18.39 33.48
CA GLY E 155 -18.53 17.09 34.16
C GLY E 155 -17.88 16.04 33.27
N ASP E 156 -17.73 14.83 33.83
CA ASP E 156 -17.12 13.76 33.05
C ASP E 156 -18.12 12.63 32.78
N ALA E 157 -19.38 12.71 33.16
CA ALA E 157 -20.48 12.10 32.41
C ALA E 157 -21.50 13.03 31.77
N VAL E 158 -22.20 12.48 30.78
CA VAL E 158 -23.35 13.15 30.17
C VAL E 158 -24.59 12.26 30.16
N VAL E 159 -25.73 12.86 30.51
CA VAL E 159 -26.99 12.13 30.49
C VAL E 159 -27.83 12.50 29.26
N ILE E 160 -27.92 11.54 28.32
CA ILE E 160 -28.66 11.81 27.09
C ILE E 160 -30.14 11.43 27.21
N SER E 161 -31.00 12.47 27.24
CA SER E 161 -32.43 12.23 27.29
C SER E 161 -33.05 12.37 25.89
N CYS E 162 -33.69 11.27 25.43
CA CYS E 162 -34.26 11.29 24.09
C CYS E 162 -35.78 11.17 24.10
N ALA E 163 -36.42 12.11 23.39
CA ALA E 163 -37.88 12.08 23.30
C ALA E 163 -38.36 12.66 21.96
N LYS E 164 -39.65 12.41 21.66
CA LYS E 164 -40.21 12.92 20.41
C LYS E 164 -39.88 14.40 20.21
N ASP E 165 -40.06 15.19 21.29
CA ASP E 165 -39.79 16.62 21.19
C ASP E 165 -38.38 16.89 20.68
N GLY E 166 -37.40 16.26 21.34
CA GLY E 166 -36.01 16.45 20.93
C GLY E 166 -35.05 15.66 21.83
N VAL E 167 -33.77 16.06 21.78
CA VAL E 167 -32.77 15.37 22.60
C VAL E 167 -32.05 16.32 23.55
N LYS E 168 -31.90 15.86 24.81
CA LYS E 168 -31.23 16.68 25.80
C LYS E 168 -29.94 16.02 26.31
N PHE E 169 -28.93 16.84 26.55
CA PHE E 169 -27.62 16.41 27.00
C PHE E 169 -27.28 17.20 28.24
N SER E 170 -26.94 16.49 29.31
CA SER E 170 -26.77 17.09 30.61
C SER E 170 -25.52 16.52 31.27
N ALA E 171 -24.77 17.38 31.96
CA ALA E 171 -23.75 16.97 32.88
C ALA E 171 -23.68 17.84 34.14
N SER E 172 -22.98 17.35 35.17
CA SER E 172 -22.72 18.11 36.38
C SER E 172 -21.43 17.72 37.07
N GLY E 173 -20.96 18.57 37.97
CA GLY E 173 -19.58 18.57 38.44
C GLY E 173 -19.34 19.38 39.71
N GLU E 174 -18.08 19.78 39.92
CA GLU E 174 -17.76 20.59 41.08
C GLU E 174 -18.20 22.06 40.95
N LEU E 175 -18.00 22.66 39.77
CA LEU E 175 -18.32 24.07 39.51
C LEU E 175 -19.79 24.48 39.28
N GLY E 176 -20.57 23.51 38.86
CA GLY E 176 -21.95 23.70 38.50
C GLY E 176 -22.51 22.48 37.77
N ASN E 177 -23.49 22.79 36.93
CA ASN E 177 -24.00 21.75 36.05
C ASN E 177 -24.64 22.46 34.88
N GLY E 178 -25.02 21.69 33.86
CA GLY E 178 -25.48 22.19 32.58
C GLY E 178 -26.36 21.25 31.76
N ASN E 179 -27.17 21.88 30.91
CA ASN E 179 -28.21 21.22 30.14
C ASN E 179 -28.28 21.87 28.81
N ILE E 180 -28.01 21.08 27.77
CA ILE E 180 -28.10 21.55 26.41
C ILE E 180 -29.28 20.85 25.76
N LYS E 181 -30.22 21.66 25.25
CA LYS E 181 -31.47 21.16 24.62
C LYS E 181 -31.61 21.35 23.09
N LEU E 182 -31.76 20.24 22.36
CA LEU E 182 -31.84 20.32 20.90
C LEU E 182 -33.20 19.86 20.42
N SER E 183 -33.97 20.80 19.86
CA SER E 183 -35.32 20.51 19.40
C SER E 183 -35.32 19.91 18.00
N GLN E 184 -36.31 19.01 17.75
CA GLN E 184 -36.44 18.48 16.40
C GLN E 184 -36.87 19.58 15.41
N THR E 185 -36.13 19.64 14.29
CA THR E 185 -36.38 20.69 13.32
C THR E 185 -37.33 20.24 12.21
N SER E 186 -38.36 21.07 11.98
CA SER E 186 -39.31 20.76 10.91
C SER E 186 -39.37 21.89 9.89
N ASN E 187 -39.55 23.12 10.41
CA ASN E 187 -39.62 24.27 9.53
C ASN E 187 -40.18 23.88 8.16
N VAL E 188 -39.30 23.97 7.14
CA VAL E 188 -39.68 23.50 5.82
C VAL E 188 -39.13 22.09 5.54
N ASP E 189 -37.95 21.82 6.11
CA ASP E 189 -37.29 20.55 5.81
C ASP E 189 -36.18 20.75 4.78
N LYS E 190 -35.04 21.29 5.26
CA LYS E 190 -33.99 21.64 4.30
C LYS E 190 -32.57 21.39 4.84
N GLU E 191 -31.75 20.77 3.97
CA GLU E 191 -30.33 20.62 4.29
C GLU E 191 -30.03 19.39 5.15
N GLU E 192 -28.76 18.97 5.09
CA GLU E 192 -28.30 17.94 6.02
C GLU E 192 -28.35 18.47 7.46
N GLU E 193 -27.86 19.71 7.61
CA GLU E 193 -27.88 20.35 8.92
C GLU E 193 -29.29 20.34 9.51
N ALA E 194 -29.45 19.58 10.61
CA ALA E 194 -30.75 19.49 11.26
C ALA E 194 -30.83 18.25 12.15
N VAL E 195 -31.81 18.24 13.03
CA VAL E 195 -32.00 17.15 13.95
C VAL E 195 -33.33 16.46 13.71
N THR E 196 -33.26 15.18 13.39
CA THR E 196 -34.44 14.36 13.37
C THR E 196 -34.26 13.18 14.32
N ILE E 197 -35.26 12.98 15.18
CA ILE E 197 -35.31 11.85 16.08
C ILE E 197 -36.31 10.79 15.60
N GLU E 198 -35.95 9.52 15.72
CA GLU E 198 -36.86 8.39 15.52
C GLU E 198 -37.13 7.58 16.79
N MET E 199 -38.19 7.92 17.48
CA MET E 199 -38.46 7.41 18.81
C MET E 199 -39.35 6.15 18.77
N ASN E 200 -39.14 5.22 19.69
CA ASN E 200 -40.16 4.22 19.98
C ASN E 200 -40.48 4.34 21.45
N GLU E 201 -39.40 4.40 22.24
CA GLU E 201 -39.46 4.76 23.65
C GLU E 201 -38.47 5.84 23.94
N PRO E 202 -38.84 6.67 24.88
CA PRO E 202 -37.91 7.57 25.54
C PRO E 202 -36.85 6.77 26.25
N VAL E 203 -35.68 7.41 26.33
CA VAL E 203 -34.47 6.81 26.85
C VAL E 203 -33.83 7.97 27.57
N GLN E 204 -33.20 7.62 28.69
CA GLN E 204 -32.39 8.53 29.50
C GLN E 204 -31.20 7.68 29.93
N LEU E 205 -30.12 7.75 29.17
CA LEU E 205 -28.90 7.08 29.58
C LEU E 205 -27.68 7.97 29.85
N THR E 206 -26.79 7.40 30.64
CA THR E 206 -25.57 8.05 31.11
C THR E 206 -24.35 7.41 30.45
N PHE E 207 -23.43 8.26 29.98
CA PHE E 207 -22.23 7.82 29.30
C PHE E 207 -21.12 8.78 29.69
N ALA E 208 -19.91 8.24 29.57
CA ALA E 208 -18.65 8.89 29.88
C ALA E 208 -18.07 9.84 28.80
N LEU E 209 -17.90 11.11 29.13
CA LEU E 209 -17.56 12.06 28.08
C LEU E 209 -16.15 11.83 27.53
N ARG E 210 -15.35 11.08 28.29
CA ARG E 210 -13.92 10.98 28.03
C ARG E 210 -13.88 10.32 26.69
N TYR E 211 -14.76 9.33 26.56
CA TYR E 211 -14.74 8.34 25.48
C TYR E 211 -15.47 8.97 24.28
N LEU E 212 -16.59 9.63 24.51
CA LEU E 212 -17.23 10.35 23.39
C LEU E 212 -16.32 11.35 22.72
N ASN E 213 -15.53 12.08 23.49
CA ASN E 213 -14.66 13.02 22.79
C ASN E 213 -13.55 12.33 21.99
N PHE E 214 -13.23 11.06 22.27
CA PHE E 214 -12.40 10.30 21.32
C PHE E 214 -13.15 10.00 20.04
N PHE E 215 -14.41 9.53 20.17
CA PHE E 215 -15.24 9.20 19.00
C PHE E 215 -15.33 10.35 18.04
N THR E 216 -15.47 11.58 18.53
CA THR E 216 -15.66 12.72 17.64
C THR E 216 -14.45 13.07 16.78
N LYS E 217 -13.32 12.44 17.04
CA LYS E 217 -12.18 12.62 16.15
C LYS E 217 -12.51 12.27 14.70
N ALA E 218 -13.70 11.69 14.49
CA ALA E 218 -14.08 11.23 13.18
C ALA E 218 -14.88 12.28 12.43
N THR E 219 -15.02 13.45 13.03
CA THR E 219 -16.05 14.39 12.58
C THR E 219 -15.80 14.88 11.14
N PRO E 220 -14.53 14.92 10.77
CA PRO E 220 -14.15 15.21 9.39
C PRO E 220 -14.75 14.30 8.36
N LEU E 221 -15.27 13.17 8.80
CA LEU E 221 -15.62 12.13 7.83
C LEU E 221 -17.01 12.32 7.28
N SER E 222 -17.78 13.21 7.91
CA SER E 222 -19.24 13.27 7.74
C SER E 222 -19.84 14.47 8.46
N SER E 223 -20.80 15.07 7.79
CA SER E 223 -21.29 16.33 8.27
C SER E 223 -22.37 15.96 9.25
N THR E 224 -22.66 14.69 9.36
CA THR E 224 -23.85 14.27 10.11
C THR E 224 -23.46 13.03 10.92
N VAL E 225 -24.01 12.89 12.15
CA VAL E 225 -23.76 11.72 13.02
C VAL E 225 -25.07 11.15 13.56
N THR E 226 -25.26 9.83 13.57
CA THR E 226 -26.44 9.25 14.22
C THR E 226 -26.12 8.54 15.57
N LEU E 227 -26.89 8.85 16.60
CA LEU E 227 -26.74 8.20 17.89
C LEU E 227 -27.92 7.26 18.03
N SER E 228 -27.62 6.00 18.29
CA SER E 228 -28.67 5.01 18.43
C SER E 228 -28.56 4.41 19.85
N MET E 229 -29.66 4.51 20.57
CA MET E 229 -29.69 4.39 22.02
C MET E 229 -30.83 3.42 22.32
N SER E 230 -30.54 2.47 23.20
CA SER E 230 -31.57 1.78 23.96
C SER E 230 -31.16 1.54 25.43
N ALA E 231 -32.17 1.38 26.26
CA ALA E 231 -31.94 1.04 27.65
C ALA E 231 -31.03 -0.18 27.75
N ASP E 232 -30.00 -0.11 28.59
CA ASP E 232 -29.21 -1.29 28.98
C ASP E 232 -28.53 -2.01 27.81
N VAL E 233 -28.26 -1.28 26.74
CA VAL E 233 -27.24 -1.66 25.78
C VAL E 233 -26.36 -0.49 25.32
N PRO E 234 -25.25 -0.81 24.68
CA PRO E 234 -24.26 0.21 24.32
C PRO E 234 -24.84 1.25 23.36
N LEU E 235 -24.33 2.46 23.49
CA LEU E 235 -24.66 3.50 22.53
C LEU E 235 -23.87 3.33 21.25
N VAL E 236 -24.55 3.50 20.11
CA VAL E 236 -23.77 3.56 18.86
C VAL E 236 -23.63 4.98 18.43
N VAL E 237 -22.43 5.33 18.01
CA VAL E 237 -22.17 6.62 17.40
C VAL E 237 -21.66 6.38 16.00
N GLU E 238 -22.49 6.75 15.03
CA GLU E 238 -22.27 6.30 13.66
C GLU E 238 -21.90 7.43 12.74
N TYR E 239 -20.73 7.34 12.10
CA TYR E 239 -20.30 8.28 11.07
C TYR E 239 -20.25 7.56 9.71
N LYS E 240 -21.01 8.05 8.73
CA LYS E 240 -21.08 7.39 7.44
C LYS E 240 -19.95 7.86 6.61
N ILE E 241 -19.26 6.93 5.94
CA ILE E 241 -18.11 7.27 5.09
C ILE E 241 -18.50 7.39 3.64
N ALA E 242 -19.01 8.56 3.26
CA ALA E 242 -19.21 8.92 1.87
C ALA E 242 -19.57 7.71 1.08
N ASP E 243 -20.79 7.23 1.24
CA ASP E 243 -21.24 6.11 0.40
C ASP E 243 -20.10 5.15 -0.02
N MET E 244 -19.64 4.42 0.99
CA MET E 244 -18.60 3.41 0.87
C MET E 244 -18.66 2.57 2.16
N GLY E 245 -19.08 3.15 3.27
CA GLY E 245 -19.42 2.40 4.48
C GLY E 245 -19.56 3.36 5.66
N HIS E 246 -18.80 3.16 6.74
CA HIS E 246 -19.08 3.83 8.02
C HIS E 246 -18.08 3.47 9.09
N LEU E 247 -17.84 4.41 9.98
CA LEU E 247 -17.20 4.15 11.28
C LEU E 247 -18.26 4.16 12.36
N LYS E 248 -18.30 3.12 13.17
CA LYS E 248 -19.28 3.06 14.25
C LYS E 248 -18.58 2.88 15.57
N TYR E 249 -18.89 3.74 16.56
CA TYR E 249 -18.31 3.62 17.88
C TYR E 249 -19.37 3.13 18.83
N TYR E 250 -19.13 2.01 19.49
CA TYR E 250 -20.12 1.51 20.43
C TYR E 250 -19.60 1.92 21.81
N LEU E 251 -20.47 2.36 22.73
CA LEU E 251 -20.00 2.73 24.06
C LEU E 251 -20.85 2.17 25.19
N ALA E 252 -20.25 1.35 26.05
CA ALA E 252 -20.95 0.88 27.26
C ALA E 252 -21.55 1.97 28.14
N PRO E 253 -22.75 1.75 28.63
CA PRO E 253 -23.35 2.76 29.49
C PRO E 253 -22.77 2.58 30.86
N LYS E 254 -22.94 3.74 31.71
CA LYS E 254 -22.83 3.40 33.12
C LYS E 254 -24.20 3.51 33.83
N ILE E 255 -24.57 2.41 34.50
CA ILE E 255 -25.82 2.42 35.26
C ILE E 255 -25.59 2.28 36.77
N GLU E 256 -26.67 2.41 37.51
CA GLU E 256 -26.58 2.37 38.96
C GLU E 256 -26.38 0.95 39.47
N ASP E 257 -25.60 0.84 40.57
CA ASP E 257 -25.30 -0.47 41.13
C ASP E 257 -25.91 -1.59 40.28
N SER F 1 -27.22 11.36 40.93
CA SER F 1 -27.56 9.99 41.33
C SER F 1 -26.32 9.11 41.47
N ALA F 2 -26.41 7.89 40.89
CA ALA F 2 -25.27 6.98 40.92
C ALA F 2 -24.89 6.50 39.52
N VAL F 3 -23.88 5.60 39.46
CA VAL F 3 -23.47 5.15 38.14
C VAL F 3 -22.07 4.54 38.12
N LEU F 4 -21.96 3.39 37.44
CA LEU F 4 -20.64 2.75 37.28
C LEU F 4 -20.47 2.17 35.88
N GLN F 5 -19.25 2.36 35.33
CA GLN F 5 -18.99 1.93 33.96
C GLN F 5 -19.18 0.42 33.77
N LYS F 6 -20.14 0.05 32.95
CA LYS F 6 -20.12 -1.28 32.34
C LYS F 6 -19.11 -1.30 31.21
N LYS F 7 -18.98 -2.48 30.62
CA LYS F 7 -17.88 -2.82 29.73
C LYS F 7 -18.52 -3.51 28.52
N ILE F 8 -17.91 -3.33 27.36
CA ILE F 8 -18.51 -3.78 26.12
C ILE F 8 -18.70 -5.28 26.23
N THR F 9 -17.79 -5.95 26.93
CA THR F 9 -17.82 -7.41 27.07
C THR F 9 -19.02 -7.90 27.90
N ASP F 10 -19.71 -6.99 28.58
CA ASP F 10 -20.95 -7.33 29.25
C ASP F 10 -22.13 -7.42 28.28
N TYR F 11 -21.94 -7.23 26.98
CA TYR F 11 -23.11 -7.04 26.09
C TYR F 11 -22.86 -7.81 24.80
N PHE F 12 -21.63 -7.76 24.30
CA PHE F 12 -21.28 -8.43 23.06
C PHE F 12 -20.25 -9.48 23.43
N HIS F 13 -20.51 -10.71 23.02
CA HIS F 13 -19.66 -11.83 23.42
C HIS F 13 -18.95 -12.27 22.14
N PRO F 14 -18.07 -13.21 22.29
CA PRO F 14 -17.24 -13.42 21.11
C PRO F 14 -17.95 -14.31 20.09
N LYS F 15 -17.63 -14.06 18.80
CA LYS F 15 -18.27 -14.84 17.75
C LYS F 15 -17.78 -16.29 17.75
N LYS F 16 -18.23 -17.04 18.76
CA LYS F 16 -17.82 -18.43 18.87
C LYS F 16 -18.65 -19.34 17.96
N MET G 1 -0.18 -57.77 13.86
CA MET G 1 -0.07 -58.39 12.55
C MET G 1 1.00 -57.69 11.71
N PHE G 2 0.54 -56.85 10.77
CA PHE G 2 1.49 -55.97 10.09
C PHE G 2 1.08 -54.51 10.21
N GLU G 3 1.85 -53.77 11.04
CA GLU G 3 1.47 -52.40 11.31
C GLU G 3 2.68 -51.48 11.45
N ALA G 4 3.02 -50.81 10.34
CA ALA G 4 4.05 -49.79 10.40
C ALA G 4 3.43 -48.40 10.47
N ARG G 5 3.99 -47.46 11.21
CA ARG G 5 3.49 -46.10 11.30
C ARG G 5 4.63 -45.22 10.87
N LEU G 6 4.36 -44.29 9.99
CA LEU G 6 5.42 -43.53 9.37
C LEU G 6 5.01 -42.09 9.48
N VAL G 7 5.87 -41.26 10.05
CA VAL G 7 5.43 -39.94 10.47
C VAL G 7 5.58 -39.09 9.22
N GLN G 8 6.71 -39.32 8.56
CA GLN G 8 7.03 -38.70 7.29
C GLN G 8 6.37 -39.52 6.21
N GLY G 9 5.06 -39.35 6.07
CA GLY G 9 4.36 -40.01 4.99
C GLY G 9 4.84 -39.60 3.61
N SER G 10 5.44 -38.42 3.52
CA SER G 10 6.16 -38.00 2.33
C SER G 10 6.97 -39.12 1.68
N ILE G 11 7.65 -39.92 2.50
CA ILE G 11 8.67 -40.85 2.03
C ILE G 11 7.97 -41.88 1.17
N LEU G 12 6.96 -42.49 1.76
CA LEU G 12 6.20 -43.53 1.07
C LEU G 12 5.62 -42.99 -0.22
N LYS G 13 5.01 -41.81 -0.17
CA LYS G 13 4.59 -41.12 -1.40
C LYS G 13 5.68 -41.09 -2.46
N LYS G 14 6.84 -40.54 -2.11
CA LYS G 14 7.91 -40.35 -3.09
C LYS G 14 8.42 -41.72 -3.56
N VAL G 15 8.36 -42.71 -2.68
CA VAL G 15 8.80 -44.03 -3.07
C VAL G 15 7.89 -44.50 -4.17
N LEU G 16 6.59 -44.38 -3.98
CA LEU G 16 5.68 -44.96 -4.97
C LEU G 16 5.66 -44.20 -6.30
N GLU G 17 6.00 -42.92 -6.28
CA GLU G 17 6.12 -42.16 -7.52
C GLU G 17 7.34 -42.65 -8.24
N ALA G 18 8.24 -43.29 -7.51
CA ALA G 18 9.51 -43.65 -8.12
C ALA G 18 9.40 -45.07 -8.67
N LEU G 19 8.30 -45.76 -8.40
CA LEU G 19 8.15 -47.10 -8.91
C LEU G 19 7.10 -47.21 -9.99
N LYS G 20 6.01 -46.47 -9.86
CA LYS G 20 4.77 -46.85 -10.53
C LYS G 20 4.89 -46.76 -12.05
N ASP G 21 5.68 -45.82 -12.54
CA ASP G 21 5.85 -45.68 -13.99
C ASP G 21 6.70 -46.80 -14.61
N LEU G 22 7.74 -47.24 -13.90
CA LEU G 22 8.57 -48.40 -14.26
C LEU G 22 8.02 -49.83 -14.07
N ILE G 23 7.44 -50.10 -12.93
CA ILE G 23 6.86 -51.40 -12.68
C ILE G 23 5.44 -51.23 -12.21
N ASN G 24 4.62 -52.22 -12.51
CA ASN G 24 3.18 -52.07 -12.35
C ASN G 24 2.64 -52.99 -11.24
N GLU G 25 3.24 -54.16 -11.09
CA GLU G 25 2.91 -55.08 -10.02
C GLU G 25 4.22 -55.48 -9.35
N ALA G 26 4.22 -55.58 -8.01
CA ALA G 26 5.35 -56.20 -7.29
C ALA G 26 4.99 -56.73 -5.92
N CYS G 27 5.90 -57.54 -5.42
CA CYS G 27 5.63 -58.26 -4.20
C CYS G 27 6.35 -57.56 -3.08
N TRP G 28 5.55 -57.11 -2.11
CA TRP G 28 6.08 -56.35 -0.98
C TRP G 28 6.39 -57.38 0.08
N ASP G 29 7.67 -57.71 0.22
CA ASP G 29 8.09 -58.68 1.21
C ASP G 29 8.17 -58.07 2.61
N ILE G 30 7.24 -58.45 3.48
CA ILE G 30 7.20 -57.89 4.83
C ILE G 30 7.67 -58.87 5.91
N SER G 31 8.55 -58.40 6.79
CA SER G 31 9.13 -59.20 7.90
C SER G 31 9.54 -58.30 9.06
N SER G 32 9.92 -58.93 10.16
CA SER G 32 10.36 -58.23 11.37
C SER G 32 11.49 -57.24 11.17
N SER G 33 12.32 -57.46 10.16
CA SER G 33 13.44 -56.56 10.00
C SER G 33 13.03 -55.42 9.07
N GLY G 34 11.90 -55.61 8.40
CA GLY G 34 11.23 -54.51 7.71
C GLY G 34 10.65 -54.78 6.33
N VAL G 35 10.68 -53.75 5.49
CA VAL G 35 10.09 -53.84 4.16
C VAL G 35 11.08 -54.08 3.01
N ASN G 36 10.77 -55.10 2.21
CA ASN G 36 11.61 -55.44 1.06
C ASN G 36 10.89 -55.68 -0.25
N LEU G 37 11.47 -55.17 -1.34
CA LEU G 37 10.83 -55.26 -2.66
C LEU G 37 11.81 -55.36 -3.82
N GLN G 38 11.65 -56.41 -4.64
CA GLN G 38 12.48 -56.59 -5.82
C GLN G 38 11.62 -56.96 -7.05
N SER G 39 11.62 -56.14 -8.10
CA SER G 39 10.90 -56.50 -9.31
C SER G 39 11.64 -55.98 -10.50
N MET G 40 11.38 -56.66 -11.60
CA MET G 40 11.89 -56.23 -12.89
C MET G 40 10.79 -55.50 -13.64
N ASP G 41 11.16 -54.72 -14.64
CA ASP G 41 10.15 -54.22 -15.54
C ASP G 41 9.61 -55.29 -16.53
N SER G 42 8.58 -54.94 -17.28
CA SER G 42 7.98 -55.84 -18.25
C SER G 42 9.05 -56.49 -19.17
N SER G 43 10.09 -55.74 -19.52
CA SER G 43 10.97 -56.13 -20.61
C SER G 43 12.20 -56.82 -20.04
N HIS G 44 12.19 -56.95 -18.72
CA HIS G 44 13.19 -57.71 -17.98
C HIS G 44 14.58 -57.18 -18.25
N VAL G 45 14.67 -55.88 -18.46
CA VAL G 45 15.93 -55.25 -18.77
C VAL G 45 16.45 -54.44 -17.61
N SER G 46 15.58 -54.11 -16.66
CA SER G 46 15.93 -53.44 -15.40
C SER G 46 15.26 -54.14 -14.25
N LEU G 47 15.97 -54.11 -13.13
CA LEU G 47 15.39 -54.57 -11.89
C LEU G 47 15.44 -53.42 -10.89
N VAL G 48 14.54 -53.46 -9.93
CA VAL G 48 14.62 -52.44 -8.90
C VAL G 48 14.54 -53.15 -7.57
N GLN G 49 15.29 -52.67 -6.59
CA GLN G 49 15.08 -53.14 -5.24
C GLN G 49 14.96 -52.02 -4.22
N LEU G 50 14.02 -52.25 -3.32
CA LEU G 50 13.68 -51.27 -2.29
C LEU G 50 13.80 -51.96 -0.95
N THR G 51 14.34 -51.18 -0.01
CA THR G 51 14.65 -51.63 1.33
C THR G 51 14.33 -50.51 2.27
N LEU G 52 13.41 -50.79 3.18
CA LEU G 52 13.01 -49.83 4.21
C LEU G 52 13.09 -50.58 5.52
N ARG G 53 13.90 -50.10 6.44
CA ARG G 53 14.22 -50.84 7.68
C ARG G 53 13.16 -50.54 8.71
N SER G 54 12.80 -51.51 9.53
CA SER G 54 11.75 -51.26 10.52
C SER G 54 12.09 -50.14 11.45
N GLU G 55 13.35 -50.01 11.86
CA GLU G 55 13.80 -48.84 12.62
C GLU G 55 13.23 -47.57 12.09
N GLY G 56 13.15 -47.50 10.77
CA GLY G 56 12.88 -46.26 10.09
C GLY G 56 11.46 -45.79 10.30
N PHE G 57 10.62 -46.70 10.76
CA PHE G 57 9.26 -46.39 11.17
C PHE G 57 9.19 -46.04 12.66
N ASP G 58 8.16 -45.33 13.10
CA ASP G 58 7.94 -45.11 14.52
C ASP G 58 7.33 -46.31 15.21
N THR G 59 6.74 -47.21 14.44
CA THR G 59 5.96 -48.26 15.07
C THR G 59 6.05 -49.34 14.07
N TYR G 60 6.34 -50.56 14.49
CA TYR G 60 6.47 -51.66 13.51
C TYR G 60 6.21 -52.92 14.26
N ARG G 61 5.28 -53.71 13.77
CA ARG G 61 4.95 -54.97 14.41
C ARG G 61 4.81 -55.87 13.22
N CYS G 62 5.47 -57.01 13.26
CA CYS G 62 5.28 -57.95 12.19
C CYS G 62 5.21 -59.38 12.76
N ASP G 63 4.02 -59.84 13.11
CA ASP G 63 3.85 -61.17 13.68
C ASP G 63 4.28 -62.26 12.74
N ARG G 64 4.18 -62.04 11.44
CA ARG G 64 4.36 -63.13 10.51
C ARG G 64 4.75 -62.46 9.21
N ASN G 65 5.85 -62.96 8.66
CA ASN G 65 6.16 -62.78 7.27
C ASN G 65 4.92 -62.75 6.36
N LEU G 66 4.68 -61.60 5.73
CA LEU G 66 3.76 -61.50 4.59
C LEU G 66 4.50 -61.33 3.28
N ALA G 67 3.90 -61.84 2.22
CA ALA G 67 4.35 -61.51 0.87
C ALA G 67 3.24 -60.86 0.07
N MET G 68 3.13 -59.53 0.16
CA MET G 68 2.02 -58.80 -0.43
C MET G 68 2.18 -58.48 -1.92
N GLY G 69 1.15 -58.89 -2.65
CA GLY G 69 1.07 -58.63 -4.07
C GLY G 69 0.30 -57.35 -4.28
N VAL G 70 1.04 -56.37 -4.78
CA VAL G 70 0.56 -55.01 -4.86
C VAL G 70 0.58 -54.59 -6.30
N ASN G 71 -0.53 -53.98 -6.72
CA ASN G 71 -0.58 -53.14 -7.91
C ASN G 71 -0.10 -51.72 -7.59
N LEU G 72 0.99 -51.36 -8.25
CA LEU G 72 1.61 -50.11 -7.91
C LEU G 72 0.86 -48.90 -8.43
N THR G 73 0.20 -49.02 -9.55
CA THR G 73 -0.64 -47.90 -9.94
C THR G 73 -1.72 -47.75 -8.88
N SER G 74 -2.37 -48.81 -8.41
CA SER G 74 -3.45 -48.51 -7.48
C SER G 74 -2.92 -47.89 -6.18
N MET G 75 -1.81 -48.39 -5.65
CA MET G 75 -1.32 -47.87 -4.40
C MET G 75 -0.83 -46.39 -4.52
N SER G 76 -0.23 -46.07 -5.65
CA SER G 76 0.02 -44.70 -6.02
C SER G 76 -1.26 -43.84 -5.98
N LYS G 77 -2.31 -44.29 -6.64
CA LYS G 77 -3.57 -43.54 -6.61
C LYS G 77 -3.95 -43.30 -5.16
N ILE G 78 -3.87 -44.32 -4.32
CA ILE G 78 -4.21 -44.12 -2.93
C ILE G 78 -3.26 -43.18 -2.24
N LEU G 79 -1.96 -43.35 -2.44
CA LEU G 79 -1.03 -42.43 -1.75
C LEU G 79 -1.08 -41.00 -2.23
N LYS G 80 -1.61 -40.78 -3.43
CA LYS G 80 -1.77 -39.44 -3.93
C LYS G 80 -2.84 -38.74 -3.12
N CYS G 81 -3.58 -39.49 -2.29
CA CYS G 81 -4.61 -38.92 -1.42
C CYS G 81 -4.07 -38.52 -0.06
N ALA G 82 -2.81 -38.80 0.20
CA ALA G 82 -2.19 -38.39 1.47
C ALA G 82 -1.41 -37.15 1.18
N GLY G 83 -1.49 -36.18 2.09
CA GLY G 83 -0.67 -35.00 1.93
C GLY G 83 0.74 -35.30 2.40
N ASN G 84 1.65 -34.38 2.11
CA ASN G 84 3.06 -34.55 2.46
C ASN G 84 3.45 -34.63 3.92
N GLU G 85 2.66 -33.98 4.78
CA GLU G 85 2.82 -34.08 6.23
C GLU G 85 1.97 -35.15 6.96
N ASP G 86 1.12 -35.88 6.24
CA ASP G 86 0.34 -36.92 6.87
C ASP G 86 1.20 -38.06 7.46
N ILE G 87 0.95 -38.39 8.72
CA ILE G 87 1.45 -39.62 9.28
C ILE G 87 0.70 -40.74 8.58
N ILE G 88 1.40 -41.71 8.01
CA ILE G 88 0.75 -42.76 7.25
C ILE G 88 0.88 -44.08 8.00
N THR G 89 -0.16 -44.91 8.03
CA THR G 89 -0.02 -46.13 8.79
C THR G 89 -0.46 -47.33 7.99
N LEU G 90 0.46 -48.26 7.78
CA LEU G 90 0.10 -49.47 7.07
C LEU G 90 -0.41 -50.57 8.00
N ARG G 91 -1.44 -51.31 7.57
CA ARG G 91 -1.98 -52.37 8.43
C ARG G 91 -2.53 -53.54 7.64
N ALA G 92 -2.07 -54.76 7.92
CA ALA G 92 -2.55 -55.89 7.14
C ALA G 92 -2.54 -57.18 7.96
N GLU G 93 -3.74 -57.78 8.11
CA GLU G 93 -3.83 -59.04 8.84
C GLU G 93 -2.82 -60.06 8.30
N ASP G 94 -2.98 -61.31 8.77
CA ASP G 94 -2.11 -62.37 8.29
C ASP G 94 -2.57 -62.88 6.93
N ASN G 95 -3.54 -63.82 6.96
CA ASN G 95 -4.13 -64.28 5.71
C ASN G 95 -4.66 -63.09 4.92
N ALA G 96 -3.81 -62.06 4.84
CA ALA G 96 -4.24 -60.79 4.26
C ALA G 96 -4.54 -60.91 2.77
N ASP G 97 -5.70 -60.33 2.39
CA ASP G 97 -6.00 -60.13 0.98
C ASP G 97 -6.30 -58.65 0.73
N THR G 98 -6.14 -57.87 1.81
CA THR G 98 -6.36 -56.43 1.72
C THR G 98 -5.28 -55.67 2.49
N LEU G 99 -4.62 -54.66 1.96
CA LEU G 99 -3.83 -53.75 2.80
C LEU G 99 -4.57 -52.48 3.14
N ALA G 100 -4.48 -52.11 4.40
CA ALA G 100 -5.11 -50.90 4.93
C ALA G 100 -4.09 -49.78 5.06
N LEU G 101 -4.53 -48.55 4.82
CA LEU G 101 -3.62 -47.41 4.79
C LEU G 101 -4.41 -46.28 5.40
N VAL G 102 -3.86 -45.67 6.43
CA VAL G 102 -4.56 -44.69 7.23
C VAL G 102 -3.70 -43.44 7.24
N PHE G 103 -4.34 -42.29 7.06
CA PHE G 103 -3.59 -41.09 6.79
C PHE G 103 -4.10 -40.10 7.83
N GLU G 104 -3.25 -39.76 8.78
CA GLU G 104 -3.64 -38.79 9.81
C GLU G 104 -3.04 -37.41 9.54
N ALA G 105 -3.93 -36.45 9.20
CA ALA G 105 -3.46 -35.09 8.99
C ALA G 105 -2.75 -34.56 10.24
N PRO G 106 -1.57 -33.96 10.01
CA PRO G 106 -0.78 -33.39 11.10
C PRO G 106 -1.52 -32.24 11.80
N ASN G 107 -2.05 -31.32 10.98
CA ASN G 107 -2.81 -30.21 11.54
C ASN G 107 -3.99 -30.71 12.38
N GLN G 108 -4.45 -31.93 12.05
CA GLN G 108 -5.54 -32.52 12.82
C GLN G 108 -6.90 -32.32 12.14
N GLU G 109 -7.91 -33.06 12.65
CA GLU G 109 -9.27 -32.80 12.18
C GLU G 109 -9.67 -33.65 10.97
N LYS G 110 -8.67 -34.26 10.34
CA LYS G 110 -8.96 -35.09 9.17
C LYS G 110 -8.41 -36.51 9.35
N VAL G 111 -9.12 -37.60 9.14
CA VAL G 111 -8.49 -38.91 9.02
C VAL G 111 -9.06 -39.65 7.86
N SER G 112 -8.18 -40.30 7.12
CA SER G 112 -8.58 -40.99 5.91
C SER G 112 -8.15 -42.44 6.02
N ASP G 113 -8.99 -43.30 5.45
CA ASP G 113 -8.91 -44.72 5.70
C ASP G 113 -9.05 -45.27 4.31
N TYR G 114 -8.07 -46.02 3.87
CA TYR G 114 -8.14 -46.56 2.54
C TYR G 114 -7.84 -48.02 2.70
N GLU G 115 -8.48 -48.79 1.85
CA GLU G 115 -8.27 -50.22 1.82
C GLU G 115 -8.07 -50.68 0.38
N MET G 116 -6.93 -51.30 0.11
CA MET G 116 -6.47 -51.61 -1.24
C MET G 116 -6.45 -53.12 -1.49
N LYS G 117 -7.17 -53.58 -2.51
CA LYS G 117 -7.24 -55.01 -2.85
C LYS G 117 -5.86 -55.41 -3.31
N LEU G 118 -5.35 -56.50 -2.77
CA LEU G 118 -4.02 -57.01 -3.05
C LEU G 118 -4.25 -58.00 -4.15
N MET G 119 -3.20 -58.36 -4.86
CA MET G 119 -3.43 -59.20 -6.00
C MET G 119 -2.51 -60.40 -5.86
N ASP G 120 -2.92 -61.49 -6.51
CA ASP G 120 -2.33 -62.86 -6.45
C ASP G 120 -1.03 -62.95 -7.21
N LEU G 121 0.13 -62.88 -6.56
CA LEU G 121 1.35 -63.14 -7.31
C LEU G 121 2.23 -64.23 -6.79
N ASP G 122 3.17 -64.61 -7.65
CA ASP G 122 4.12 -65.66 -7.35
C ASP G 122 5.38 -65.40 -8.18
N VAL G 123 6.09 -64.37 -7.72
CA VAL G 123 7.35 -63.92 -8.30
C VAL G 123 8.50 -64.76 -7.74
N GLU G 124 9.33 -65.33 -8.61
CA GLU G 124 10.59 -65.90 -8.16
C GLU G 124 11.56 -64.78 -7.81
N GLN G 125 12.14 -64.85 -6.60
CA GLN G 125 13.28 -63.99 -6.20
C GLN G 125 14.51 -64.22 -7.10
N LEU G 126 15.12 -63.15 -7.61
CA LEU G 126 16.41 -63.29 -8.27
C LEU G 126 17.50 -62.97 -7.26
N GLY G 127 18.51 -63.83 -7.22
CA GLY G 127 19.67 -63.59 -6.38
C GLY G 127 20.60 -62.65 -7.09
N ILE G 128 21.04 -61.62 -6.38
CA ILE G 128 21.95 -60.61 -6.90
C ILE G 128 23.29 -61.02 -6.39
N PRO G 129 24.15 -61.50 -7.26
CA PRO G 129 25.44 -61.99 -6.77
C PRO G 129 26.20 -60.81 -6.16
N GLU G 130 27.12 -61.11 -5.24
CA GLU G 130 28.06 -60.13 -4.69
C GLU G 130 29.04 -59.67 -5.79
N GLN G 131 29.26 -58.36 -5.90
CA GLN G 131 29.94 -57.75 -7.04
C GLN G 131 30.89 -56.70 -6.50
N GLU G 132 32.10 -56.64 -7.06
CA GLU G 132 32.96 -55.48 -6.87
C GLU G 132 32.86 -54.54 -8.11
N TYR G 133 32.83 -53.23 -7.89
CA TYR G 133 32.57 -52.30 -8.99
C TYR G 133 33.79 -51.47 -9.36
N SER G 134 34.11 -51.53 -10.64
CA SER G 134 35.29 -50.89 -11.17
C SER G 134 35.27 -49.42 -10.83
N CYS G 135 34.13 -48.77 -10.93
CA CYS G 135 34.20 -47.36 -10.68
C CYS G 135 32.86 -46.99 -10.05
N VAL G 136 32.86 -46.14 -9.02
CA VAL G 136 31.63 -45.71 -8.33
C VAL G 136 31.59 -44.20 -8.29
N VAL G 137 30.75 -43.57 -9.10
CA VAL G 137 30.55 -42.12 -9.05
C VAL G 137 29.49 -41.73 -8.05
N LYS G 138 29.72 -40.62 -7.34
CA LYS G 138 28.73 -40.15 -6.40
C LYS G 138 28.49 -38.76 -6.85
N MET G 139 27.26 -38.41 -7.15
CA MET G 139 26.96 -37.05 -7.64
C MET G 139 25.59 -36.53 -7.25
N PRO G 140 25.37 -35.25 -7.55
CA PRO G 140 24.10 -34.61 -7.20
C PRO G 140 23.01 -35.15 -8.09
N SER G 141 21.96 -35.72 -7.50
CA SER G 141 20.92 -36.46 -8.23
C SER G 141 20.19 -35.62 -9.27
N GLY G 142 19.94 -34.37 -8.95
CA GLY G 142 19.34 -33.50 -9.95
C GLY G 142 20.17 -33.37 -11.19
N GLU G 143 21.48 -33.26 -11.03
CA GLU G 143 22.40 -33.15 -12.15
C GLU G 143 22.30 -34.42 -13.00
N PHE G 144 22.24 -35.58 -12.37
CA PHE G 144 22.18 -36.81 -13.13
C PHE G 144 20.84 -36.90 -13.83
N ALA G 145 19.80 -36.48 -13.11
CA ALA G 145 18.50 -36.35 -13.72
C ALA G 145 18.57 -35.40 -14.92
N ARG G 146 19.34 -34.31 -14.84
CA ARG G 146 19.29 -33.25 -15.88
C ARG G 146 20.00 -33.75 -17.13
N ILE G 147 21.00 -34.60 -16.92
CA ILE G 147 21.90 -34.98 -17.97
C ILE G 147 21.22 -36.08 -18.77
N CYS G 148 20.67 -37.07 -18.09
CA CYS G 148 19.85 -38.07 -18.74
C CYS G 148 18.70 -37.46 -19.53
N ARG G 149 18.16 -36.34 -19.09
CA ARG G 149 17.08 -35.70 -19.83
C ARG G 149 17.62 -35.01 -21.09
N ASP G 150 18.66 -34.20 -20.95
CA ASP G 150 19.20 -33.52 -22.11
C ASP G 150 19.77 -34.43 -23.23
N LEU G 151 20.64 -35.38 -22.89
CA LEU G 151 21.11 -36.31 -23.88
C LEU G 151 19.98 -37.06 -24.57
N SER G 152 18.88 -37.33 -23.89
CA SER G 152 17.80 -38.08 -24.56
C SER G 152 17.10 -37.23 -25.66
N HIS G 153 17.34 -35.91 -25.66
CA HIS G 153 17.13 -35.04 -26.82
C HIS G 153 18.07 -35.29 -27.99
N ILE G 154 19.13 -36.06 -27.78
CA ILE G 154 20.22 -36.15 -28.76
C ILE G 154 20.29 -37.52 -29.40
N GLY G 155 20.37 -38.55 -28.56
CA GLY G 155 19.96 -39.88 -28.91
C GLY G 155 19.37 -40.71 -27.78
N ASP G 156 19.60 -42.00 -27.91
CA ASP G 156 18.71 -42.98 -27.35
C ASP G 156 19.38 -43.72 -26.22
N ALA G 157 20.71 -43.63 -26.26
CA ALA G 157 21.61 -44.39 -25.43
C ALA G 157 22.80 -43.52 -25.01
N VAL G 158 23.13 -43.65 -23.75
CA VAL G 158 24.16 -42.79 -23.24
C VAL G 158 25.31 -43.73 -22.97
N VAL G 159 26.52 -43.23 -23.29
CA VAL G 159 27.74 -43.95 -23.04
C VAL G 159 28.41 -43.27 -21.90
N ILE G 160 28.48 -44.00 -20.77
CA ILE G 160 29.00 -43.47 -19.52
C ILE G 160 30.42 -43.97 -19.40
N SER G 161 31.35 -43.00 -19.36
CA SER G 161 32.76 -43.26 -19.12
C SER G 161 33.28 -42.47 -17.92
N CYS G 162 33.60 -43.22 -16.89
CA CYS G 162 34.24 -42.63 -15.71
C CYS G 162 35.70 -43.07 -15.61
N ALA G 163 36.59 -42.08 -15.60
CA ALA G 163 38.00 -42.22 -15.19
C ALA G 163 38.24 -41.72 -13.74
N LYS G 164 39.50 -41.65 -13.33
CA LYS G 164 39.83 -40.92 -12.09
C LYS G 164 39.50 -39.43 -12.13
N ASP G 165 39.81 -38.71 -13.19
CA ASP G 165 39.61 -37.26 -13.21
C ASP G 165 38.14 -36.81 -13.26
N GLY G 166 37.23 -37.68 -13.67
CA GLY G 166 35.91 -37.22 -14.00
C GLY G 166 35.05 -38.19 -14.77
N VAL G 167 33.76 -37.88 -14.84
CA VAL G 167 32.78 -38.81 -15.40
C VAL G 167 32.19 -38.16 -16.66
N LYS G 168 31.98 -38.99 -17.67
CA LYS G 168 31.46 -38.52 -18.92
C LYS G 168 30.24 -39.30 -19.44
N PHE G 169 29.42 -38.53 -20.15
CA PHE G 169 28.08 -38.88 -20.57
C PHE G 169 27.89 -38.38 -21.98
N SER G 170 27.76 -39.29 -22.94
CA SER G 170 27.78 -38.97 -24.37
C SER G 170 26.66 -39.69 -25.07
N ALA G 171 25.96 -39.00 -25.96
CA ALA G 171 25.15 -39.76 -26.90
C ALA G 171 25.22 -39.13 -28.28
N SER G 172 24.63 -39.84 -29.24
CA SER G 172 24.68 -39.44 -30.64
C SER G 172 23.38 -39.88 -31.31
N GLY G 173 22.88 -39.03 -32.22
CA GLY G 173 21.67 -39.29 -32.99
C GLY G 173 21.66 -38.51 -34.31
N GLU G 174 20.43 -38.35 -34.83
CA GLU G 174 20.19 -37.62 -36.07
C GLU G 174 20.72 -36.18 -36.06
N LEU G 175 20.30 -35.37 -35.09
CA LEU G 175 20.70 -33.96 -35.03
C LEU G 175 22.17 -33.74 -34.72
N GLY G 176 22.76 -34.68 -34.02
CA GLY G 176 24.20 -34.87 -34.11
C GLY G 176 24.68 -35.55 -32.86
N ASN G 177 25.72 -35.02 -32.24
CA ASN G 177 26.25 -35.72 -31.07
C ASN G 177 26.66 -34.79 -29.93
N GLY G 178 26.72 -35.40 -28.74
CA GLY G 178 27.01 -34.64 -27.54
C GLY G 178 27.78 -35.38 -26.48
N ASN G 179 28.64 -34.62 -25.79
CA ASN G 179 29.22 -35.11 -24.55
C ASN G 179 29.21 -34.15 -23.35
N ILE G 180 28.81 -34.75 -22.22
CA ILE G 180 28.79 -34.07 -20.92
C ILE G 180 29.83 -34.64 -19.93
N LYS G 181 30.84 -33.82 -19.61
CA LYS G 181 31.95 -34.14 -18.72
C LYS G 181 31.81 -33.43 -17.36
N LEU G 182 31.83 -34.25 -16.31
CA LEU G 182 31.82 -33.77 -14.93
C LEU G 182 33.16 -34.13 -14.28
N SER G 183 33.92 -33.13 -13.84
CA SER G 183 35.23 -33.39 -13.23
C SER G 183 35.15 -33.55 -11.69
N GLN G 184 36.05 -34.35 -11.09
CA GLN G 184 35.81 -34.66 -9.69
C GLN G 184 36.24 -33.52 -8.77
N THR G 185 35.23 -32.80 -8.26
CA THR G 185 35.51 -31.61 -7.45
C THR G 185 35.21 -31.82 -5.96
N SER G 186 35.98 -31.08 -5.16
CA SER G 186 35.68 -30.94 -3.74
C SER G 186 36.30 -29.64 -3.23
N ASN G 187 37.05 -29.00 -4.14
CA ASN G 187 37.64 -27.70 -3.84
C ASN G 187 36.61 -26.58 -4.07
N VAL G 188 35.50 -26.69 -3.32
CA VAL G 188 34.44 -25.71 -3.44
C VAL G 188 33.99 -25.21 -2.06
N ASP G 189 32.70 -25.47 -1.76
CA ASP G 189 32.17 -25.08 -0.46
C ASP G 189 31.52 -26.26 0.26
N LYS G 190 32.29 -26.86 1.19
CA LYS G 190 31.78 -28.01 1.90
C LYS G 190 31.37 -29.13 0.94
N GLU G 191 30.18 -29.69 1.21
CA GLU G 191 29.55 -30.69 0.32
C GLU G 191 28.61 -30.05 -0.72
N GLU G 192 27.36 -29.84 -0.32
CA GLU G 192 26.29 -29.51 -1.27
C GLU G 192 26.21 -30.58 -2.36
N GLU G 193 26.93 -30.29 -3.42
CA GLU G 193 26.55 -30.73 -4.74
C GLU G 193 27.90 -30.95 -5.42
N ALA G 194 28.50 -32.12 -5.17
CA ALA G 194 29.80 -32.45 -5.70
C ALA G 194 29.85 -33.86 -6.23
N VAL G 195 30.87 -34.08 -7.04
CA VAL G 195 31.12 -35.37 -7.67
C VAL G 195 32.38 -36.01 -7.09
N THR G 196 32.30 -37.31 -6.82
CA THR G 196 33.43 -38.04 -6.29
C THR G 196 33.43 -39.44 -6.86
N ILE G 197 34.55 -39.82 -7.48
CA ILE G 197 34.66 -41.14 -8.09
C ILE G 197 35.59 -41.98 -7.23
N GLU G 198 35.20 -43.22 -6.90
CA GLU G 198 36.11 -44.29 -6.48
C GLU G 198 36.48 -45.14 -7.66
N MET G 199 37.57 -44.73 -8.32
CA MET G 199 38.15 -45.43 -9.49
C MET G 199 38.91 -46.70 -9.09
N ASN G 200 38.66 -47.82 -9.75
CA ASN G 200 39.51 -49.00 -9.57
C ASN G 200 40.07 -49.37 -10.91
N GLU G 201 39.26 -49.35 -11.94
CA GLU G 201 39.79 -49.23 -13.28
C GLU G 201 38.67 -48.63 -14.12
N PRO G 202 39.03 -47.75 -15.04
CA PRO G 202 38.06 -47.04 -15.88
C PRO G 202 37.08 -47.99 -16.55
N VAL G 203 35.84 -47.53 -16.55
CA VAL G 203 34.77 -48.21 -17.25
C VAL G 203 34.18 -47.26 -18.29
N GLN G 204 33.93 -47.76 -19.50
CA GLN G 204 33.01 -47.13 -20.46
C GLN G 204 31.84 -48.08 -20.67
N LEU G 205 30.61 -47.64 -20.47
CA LEU G 205 29.51 -48.54 -20.82
C LEU G 205 28.39 -47.79 -21.53
N THR G 206 27.55 -48.55 -22.22
CA THR G 206 26.48 -47.93 -22.99
C THR G 206 25.15 -48.40 -22.39
N PHE G 207 24.27 -47.46 -22.04
CA PHE G 207 22.96 -47.80 -21.52
C PHE G 207 21.82 -47.10 -22.25
N ALA G 208 20.61 -47.62 -22.11
CA ALA G 208 19.45 -46.97 -22.69
C ALA G 208 18.90 -45.79 -21.87
N LEU G 209 18.77 -44.61 -22.49
CA LEU G 209 18.36 -43.41 -21.75
C LEU G 209 16.96 -43.53 -21.15
N ARG G 210 16.10 -44.28 -21.84
CA ARG G 210 14.67 -44.25 -21.51
C ARG G 210 14.47 -44.93 -20.17
N TYR G 211 15.26 -45.97 -19.94
CA TYR G 211 15.24 -46.65 -18.65
C TYR G 211 15.78 -45.76 -17.53
N LEU G 212 16.76 -44.90 -17.85
CA LEU G 212 17.44 -44.13 -16.83
C LEU G 212 16.52 -42.98 -16.44
N ASN G 213 15.71 -42.51 -17.38
CA ASN G 213 14.75 -41.43 -17.08
C ASN G 213 13.50 -41.99 -16.44
N PHE G 214 13.36 -43.30 -16.39
CA PHE G 214 12.51 -43.88 -15.34
C PHE G 214 13.08 -43.77 -13.93
N PHE G 215 14.35 -44.14 -13.75
CA PHE G 215 14.99 -44.15 -12.43
C PHE G 215 15.08 -42.74 -11.80
N THR G 216 15.31 -41.71 -12.63
CA THR G 216 15.46 -40.40 -12.05
C THR G 216 14.21 -39.86 -11.38
N LYS G 217 13.12 -40.63 -11.48
CA LYS G 217 11.86 -40.34 -10.81
C LYS G 217 12.00 -40.51 -9.30
N ALA G 218 13.13 -41.08 -8.89
CA ALA G 218 13.50 -41.20 -7.48
C ALA G 218 14.24 -39.98 -6.88
N THR G 219 14.59 -39.02 -7.74
CA THR G 219 15.31 -37.81 -7.35
C THR G 219 14.80 -37.09 -6.10
N PRO G 220 13.50 -36.94 -5.95
CA PRO G 220 12.97 -36.32 -4.73
C PRO G 220 13.50 -37.01 -3.45
N LEU G 221 13.87 -38.27 -3.57
CA LEU G 221 14.08 -39.08 -2.38
C LEU G 221 15.39 -38.64 -1.71
N SER G 222 16.27 -38.02 -2.48
CA SER G 222 17.63 -37.78 -2.03
C SER G 222 18.32 -36.81 -2.97
N SER G 223 19.16 -35.96 -2.38
CA SER G 223 19.86 -34.95 -3.11
C SER G 223 21.12 -35.51 -3.77
N THR G 224 21.59 -36.68 -3.37
CA THR G 224 22.58 -37.37 -4.20
C THR G 224 22.12 -38.74 -4.64
N VAL G 225 22.56 -39.07 -5.86
CA VAL G 225 22.62 -40.43 -6.39
C VAL G 225 24.05 -40.92 -6.57
N THR G 226 24.23 -42.24 -6.63
CA THR G 226 25.55 -42.80 -6.81
C THR G 226 25.50 -43.92 -7.84
N LEU G 227 26.28 -43.77 -8.90
CA LEU G 227 26.35 -44.79 -9.93
C LEU G 227 27.55 -45.66 -9.76
N SER G 228 27.29 -46.94 -9.90
CA SER G 228 28.33 -47.90 -9.67
C SER G 228 28.27 -48.92 -10.85
N MET G 229 29.42 -49.18 -11.50
CA MET G 229 29.49 -49.80 -12.82
C MET G 229 30.82 -50.51 -13.07
N SER G 230 30.70 -51.75 -13.51
CA SER G 230 31.74 -52.53 -14.13
C SER G 230 31.26 -52.97 -15.52
N ALA G 231 32.15 -52.90 -16.50
CA ALA G 231 32.10 -53.71 -17.71
C ALA G 231 31.41 -55.04 -17.57
N ASP G 232 30.42 -55.28 -18.43
CA ASP G 232 29.79 -56.59 -18.62
C ASP G 232 28.89 -57.03 -17.46
N VAL G 233 28.59 -56.10 -16.55
CA VAL G 233 27.44 -56.22 -15.65
C VAL G 233 26.51 -55.00 -15.57
N PRO G 234 25.31 -55.26 -15.06
CA PRO G 234 24.30 -54.21 -14.90
C PRO G 234 24.84 -53.11 -14.04
N LEU G 235 24.42 -51.90 -14.37
CA LEU G 235 24.69 -50.64 -13.65
C LEU G 235 23.73 -50.50 -12.50
N VAL G 236 24.18 -49.79 -11.49
CA VAL G 236 23.35 -49.59 -10.32
C VAL G 236 23.25 -48.11 -10.17
N VAL G 237 22.00 -47.63 -10.09
CA VAL G 237 21.70 -46.29 -9.62
C VAL G 237 21.01 -46.36 -8.27
N GLU G 238 21.68 -45.79 -7.26
CA GLU G 238 21.29 -45.92 -5.84
C GLU G 238 20.87 -44.55 -5.25
N TYR G 239 19.64 -44.53 -4.73
CA TYR G 239 19.03 -43.46 -3.96
C TYR G 239 18.75 -43.88 -2.52
N LYS G 240 19.51 -43.28 -1.59
CA LYS G 240 19.39 -43.65 -0.18
C LYS G 240 18.24 -42.90 0.51
N ILE G 241 17.17 -43.66 0.84
CA ILE G 241 16.07 -43.05 1.60
C ILE G 241 16.54 -42.67 3.01
N ALA G 242 17.22 -41.51 3.08
CA ALA G 242 17.79 -41.06 4.36
C ALA G 242 17.22 -41.82 5.56
N ASP G 243 18.16 -42.38 6.35
CA ASP G 243 17.77 -43.03 7.61
C ASP G 243 16.48 -43.85 7.48
N MET G 244 16.56 -44.90 6.65
CA MET G 244 15.39 -45.77 6.50
C MET G 244 15.70 -46.94 5.57
N GLY G 245 16.49 -46.63 4.54
CA GLY G 245 16.81 -47.64 3.55
C GLY G 245 17.33 -47.01 2.26
N HIS G 246 17.06 -47.75 1.19
CA HIS G 246 17.48 -47.31 -0.14
C HIS G 246 16.60 -47.80 -1.27
N LEU G 247 16.78 -47.14 -2.40
CA LEU G 247 16.22 -47.63 -3.65
C LEU G 247 17.36 -47.85 -4.64
N LYS G 248 17.53 -49.11 -5.08
CA LYS G 248 18.58 -49.43 -6.04
C LYS G 248 17.90 -49.86 -7.32
N TYR G 249 18.14 -49.08 -8.37
CA TYR G 249 17.73 -49.45 -9.71
C TYR G 249 18.87 -50.13 -10.44
N TYR G 250 18.66 -51.38 -10.86
CA TYR G 250 19.68 -52.08 -11.63
C TYR G 250 19.30 -52.15 -13.11
N LEU G 251 20.30 -51.95 -13.97
CA LEU G 251 20.10 -51.82 -15.41
C LEU G 251 21.06 -52.67 -16.27
N ALA G 252 20.59 -53.75 -16.88
CA ALA G 252 21.36 -54.35 -18.01
C ALA G 252 21.93 -53.38 -19.05
N PRO G 253 23.18 -53.61 -19.48
CA PRO G 253 23.83 -52.74 -20.48
C PRO G 253 23.54 -53.22 -21.90
N LYS G 254 23.85 -52.32 -22.83
CA LYS G 254 23.71 -52.56 -24.26
C LYS G 254 25.11 -52.87 -24.68
N ILE G 255 25.42 -54.15 -24.85
CA ILE G 255 26.80 -54.49 -25.15
C ILE G 255 26.91 -54.75 -26.65
N GLU G 256 28.19 -54.48 -27.35
CA GLU G 256 28.31 -54.67 -28.80
C GLU G 256 28.01 -56.12 -29.19
N ASP G 257 27.58 -56.29 -30.45
CA ASP G 257 27.24 -57.63 -30.90
C ASP G 257 27.97 -58.03 -32.18
N GLU G 258 28.93 -58.96 -31.99
CA GLU G 258 29.62 -59.53 -33.14
C GLU G 258 30.00 -60.99 -32.87
N GLU G 259 30.86 -61.54 -33.76
CA GLU G 259 31.27 -62.92 -33.59
C GLU G 259 31.83 -63.18 -32.20
N GLY G 260 30.97 -62.99 -31.19
CA GLY G 260 31.39 -63.21 -29.82
C GLY G 260 30.39 -62.60 -28.82
N SER H 1 29.02 -47.74 -30.34
CA SER H 1 28.22 -48.77 -30.99
C SER H 1 27.89 -49.90 -30.02
N ALA H 2 26.79 -50.61 -30.33
CA ALA H 2 26.37 -51.69 -29.45
C ALA H 2 24.89 -52.02 -29.64
N VAL H 3 24.69 -53.08 -30.42
CA VAL H 3 23.35 -53.45 -30.87
C VAL H 3 22.48 -53.81 -29.65
N LEU H 4 22.83 -54.83 -28.87
CA LEU H 4 21.84 -55.61 -28.10
C LEU H 4 21.59 -55.25 -26.61
N GLN H 5 20.34 -54.92 -26.31
CA GLN H 5 19.93 -54.79 -24.93
C GLN H 5 20.03 -56.16 -24.30
N LYS H 6 20.93 -56.31 -23.33
CA LYS H 6 20.90 -57.54 -22.58
C LYS H 6 19.73 -57.42 -21.62
N LYS H 7 19.42 -58.53 -20.98
CA LYS H 7 18.44 -58.60 -19.92
C LYS H 7 19.09 -58.86 -18.53
N ILE H 8 18.43 -58.38 -17.48
CA ILE H 8 18.87 -58.60 -16.11
C ILE H 8 18.94 -60.11 -15.90
N THR H 9 18.03 -60.86 -16.52
CA THR H 9 17.95 -62.32 -16.32
C THR H 9 19.10 -63.04 -17.03
N ASP H 10 19.88 -62.28 -17.76
CA ASP H 10 21.18 -62.73 -18.23
C ASP H 10 22.26 -62.72 -17.17
N TYR H 11 22.09 -61.95 -16.10
CA TYR H 11 23.10 -61.88 -15.04
C TYR H 11 22.61 -62.51 -13.74
N PHE H 12 21.64 -61.88 -13.09
CA PHE H 12 20.85 -62.47 -12.02
C PHE H 12 19.95 -63.66 -12.34
N HIS H 13 20.00 -64.63 -11.44
CA HIS H 13 19.30 -65.91 -11.63
C HIS H 13 18.66 -66.29 -10.33
N PRO H 14 17.63 -67.10 -10.45
CA PRO H 14 16.67 -67.33 -9.36
C PRO H 14 17.29 -68.03 -8.16
N LYS H 15 16.91 -67.66 -6.93
CA LYS H 15 17.59 -68.06 -5.68
C LYS H 15 17.67 -69.57 -5.43
N LYS H 16 16.53 -70.25 -5.51
CA LYS H 16 16.46 -71.68 -5.15
C LYS H 16 15.22 -72.34 -5.78
N MET I 1 -32.62 -1.22 -21.37
CA MET I 1 -31.26 -0.58 -21.34
C MET I 1 -30.45 -0.71 -20.04
N PHE I 2 -29.44 -1.58 -20.08
CA PHE I 2 -28.85 -2.19 -18.91
C PHE I 2 -27.39 -1.74 -18.79
N GLU I 3 -27.00 -1.04 -17.74
CA GLU I 3 -25.56 -0.84 -17.49
C GLU I 3 -25.14 -1.05 -16.04
N ALA I 4 -24.30 -2.05 -15.83
CA ALA I 4 -23.70 -2.33 -14.53
C ALA I 4 -22.18 -2.15 -14.55
N ARG I 5 -21.63 -1.55 -13.49
CA ARG I 5 -20.20 -1.29 -13.45
C ARG I 5 -19.76 -1.91 -12.16
N LEU I 6 -18.69 -2.68 -12.29
CA LEU I 6 -18.28 -3.59 -11.26
C LEU I 6 -16.79 -3.39 -11.06
N VAL I 7 -16.41 -2.78 -9.96
CA VAL I 7 -15.03 -2.41 -9.78
C VAL I 7 -14.20 -3.69 -9.60
N GLN I 8 -14.73 -4.65 -8.84
CA GLN I 8 -14.01 -5.86 -8.53
C GLN I 8 -14.29 -6.89 -9.62
N GLY I 9 -13.94 -6.54 -10.85
CA GLY I 9 -14.17 -7.39 -12.00
C GLY I 9 -13.55 -8.79 -12.01
N SER I 10 -12.53 -9.05 -11.20
CA SER I 10 -12.10 -10.41 -10.93
C SER I 10 -13.27 -11.30 -10.57
N ILE I 11 -14.32 -10.72 -10.04
CA ILE I 11 -15.41 -11.56 -9.59
C ILE I 11 -16.04 -12.15 -10.83
N LEU I 12 -16.23 -11.30 -11.84
CA LEU I 12 -16.93 -11.76 -13.02
C LEU I 12 -16.02 -12.72 -13.80
N LYS I 13 -14.74 -12.45 -13.80
CA LYS I 13 -13.76 -13.44 -14.21
C LYS I 13 -13.98 -14.77 -13.50
N LYS I 14 -13.94 -14.73 -12.17
CA LYS I 14 -14.00 -15.98 -11.42
C LYS I 14 -15.35 -16.70 -11.63
N VAL I 15 -16.43 -15.95 -11.85
CA VAL I 15 -17.73 -16.58 -12.03
C VAL I 15 -17.76 -17.37 -13.34
N LEU I 16 -17.24 -16.76 -14.41
CA LEU I 16 -17.25 -17.50 -15.67
C LEU I 16 -16.35 -18.71 -15.68
N GLU I 17 -15.17 -18.59 -15.08
CA GLU I 17 -14.41 -19.80 -14.87
C GLU I 17 -15.19 -20.90 -14.15
N ALA I 18 -16.17 -20.53 -13.33
CA ALA I 18 -16.94 -21.51 -12.56
C ALA I 18 -18.10 -22.10 -13.34
N LEU I 19 -18.31 -21.59 -14.55
CA LEU I 19 -19.53 -21.94 -15.23
C LEU I 19 -19.19 -22.61 -16.54
N LYS I 20 -18.11 -22.19 -17.19
CA LYS I 20 -17.88 -22.48 -18.61
C LYS I 20 -17.61 -23.96 -18.92
N ASP I 21 -16.88 -24.63 -18.06
CA ASP I 21 -16.74 -26.08 -18.20
C ASP I 21 -17.98 -26.92 -18.00
N LEU I 22 -18.90 -26.42 -17.19
CA LEU I 22 -20.10 -27.20 -16.90
C LEU I 22 -21.20 -26.99 -17.94
N ILE I 23 -21.44 -25.73 -18.30
CA ILE I 23 -22.46 -25.40 -19.27
C ILE I 23 -21.96 -24.43 -20.31
N ASN I 24 -22.35 -24.65 -21.56
CA ASN I 24 -21.67 -23.97 -22.65
C ASN I 24 -22.42 -22.73 -23.12
N GLU I 25 -23.72 -22.68 -22.88
CA GLU I 25 -24.54 -21.55 -23.27
C GLU I 25 -25.64 -21.48 -22.27
N ALA I 26 -25.90 -20.29 -21.76
CA ALA I 26 -27.00 -20.14 -20.85
C ALA I 26 -27.54 -18.73 -20.94
N CYS I 27 -28.70 -18.52 -20.36
CA CYS I 27 -29.38 -17.25 -20.44
C CYS I 27 -29.14 -16.47 -19.16
N TRP I 28 -28.57 -15.28 -19.27
CA TRP I 28 -28.43 -14.32 -18.18
C TRP I 28 -29.66 -13.47 -18.17
N ASP I 29 -30.43 -13.60 -17.11
CA ASP I 29 -31.67 -12.86 -16.91
C ASP I 29 -31.28 -11.58 -16.23
N ILE I 30 -31.46 -10.46 -16.89
CA ILE I 30 -31.23 -9.19 -16.18
C ILE I 30 -32.49 -8.46 -15.68
N SER I 31 -32.43 -7.89 -14.48
CA SER I 31 -33.53 -7.06 -13.95
C SER I 31 -33.05 -5.97 -12.97
N SER I 32 -34.00 -5.26 -12.37
CA SER I 32 -33.71 -4.22 -11.38
C SER I 32 -32.98 -4.82 -10.21
N SER I 33 -33.39 -6.03 -9.83
CA SER I 33 -32.88 -6.58 -8.60
C SER I 33 -31.46 -7.11 -8.87
N GLY I 34 -31.17 -7.36 -10.14
CA GLY I 34 -29.81 -7.60 -10.61
C GLY I 34 -29.75 -8.77 -11.56
N VAL I 35 -28.69 -9.58 -11.44
CA VAL I 35 -28.38 -10.56 -12.49
C VAL I 35 -28.61 -11.99 -12.05
N ASN I 36 -29.47 -12.74 -12.74
CA ASN I 36 -29.65 -14.16 -12.41
C ASN I 36 -29.43 -15.12 -13.58
N LEU I 37 -28.93 -16.31 -13.26
CA LEU I 37 -28.61 -17.34 -14.26
C LEU I 37 -29.00 -18.76 -13.78
N GLN I 38 -29.79 -19.48 -14.57
CA GLN I 38 -30.12 -20.85 -14.21
C GLN I 38 -29.93 -21.75 -15.41
N SER I 39 -29.23 -22.86 -15.30
CA SER I 39 -29.16 -23.74 -16.43
C SER I 39 -28.81 -25.10 -15.94
N MET I 40 -29.30 -26.13 -16.61
CA MET I 40 -28.86 -27.50 -16.33
C MET I 40 -27.70 -27.81 -17.25
N ASP I 41 -27.03 -28.92 -17.01
CA ASP I 41 -26.02 -29.30 -17.96
C ASP I 41 -26.71 -30.17 -18.96
N SER I 42 -26.03 -30.41 -20.08
CA SER I 42 -26.62 -31.21 -21.16
C SER I 42 -27.28 -32.49 -20.63
N SER I 43 -26.74 -33.04 -19.57
CA SER I 43 -27.27 -34.31 -19.11
C SER I 43 -28.36 -34.21 -18.04
N HIS I 44 -28.77 -32.99 -17.69
CA HIS I 44 -29.87 -32.75 -16.76
C HIS I 44 -29.67 -33.49 -15.43
N VAL I 45 -28.40 -33.78 -15.14
CA VAL I 45 -28.09 -34.42 -13.87
C VAL I 45 -27.79 -33.41 -12.79
N SER I 46 -27.24 -32.26 -13.21
CA SER I 46 -26.85 -31.17 -12.33
C SER I 46 -27.40 -29.83 -12.84
N LEU I 47 -27.52 -28.86 -11.95
CA LEU I 47 -28.07 -27.57 -12.30
C LEU I 47 -27.25 -26.53 -11.60
N VAL I 48 -27.05 -25.39 -12.23
CA VAL I 48 -26.36 -24.30 -11.58
C VAL I 48 -27.22 -23.04 -11.49
N GLN I 49 -27.18 -22.37 -10.35
CA GLN I 49 -27.92 -21.12 -10.19
C GLN I 49 -26.98 -20.05 -9.65
N LEU I 50 -26.85 -18.98 -10.42
CA LEU I 50 -26.03 -17.83 -10.06
C LEU I 50 -26.90 -16.65 -9.67
N THR I 51 -26.45 -15.90 -8.67
CA THR I 51 -27.15 -14.72 -8.20
C THR I 51 -26.15 -13.61 -7.98
N LEU I 52 -26.45 -12.47 -8.60
CA LEU I 52 -25.73 -11.21 -8.38
C LEU I 52 -26.74 -10.07 -8.18
N ARG I 53 -26.71 -9.52 -6.97
CA ARG I 53 -27.57 -8.39 -6.58
C ARG I 53 -27.04 -7.04 -7.06
N SER I 54 -27.95 -6.13 -7.37
CA SER I 54 -27.52 -4.85 -7.90
C SER I 54 -26.85 -4.00 -6.85
N GLU I 55 -27.22 -4.21 -5.58
CA GLU I 55 -26.58 -3.49 -4.46
C GLU I 55 -25.07 -3.71 -4.49
N GLY I 56 -24.68 -4.88 -4.99
CA GLY I 56 -23.28 -5.26 -5.00
C GLY I 56 -22.45 -4.82 -6.19
N PHE I 57 -23.07 -4.10 -7.13
CA PHE I 57 -22.32 -3.30 -8.11
C PHE I 57 -22.22 -1.82 -7.74
N ASP I 58 -21.10 -1.23 -8.04
CA ASP I 58 -20.90 0.19 -7.89
C ASP I 58 -22.08 0.93 -8.49
N THR I 59 -22.48 0.52 -9.68
CA THR I 59 -23.53 1.20 -10.43
C THR I 59 -24.37 0.14 -11.10
N TYR I 60 -25.67 0.35 -11.13
CA TYR I 60 -26.51 -0.61 -11.78
C TYR I 60 -27.81 0.01 -12.21
N ARG I 61 -28.09 -0.05 -13.50
CA ARG I 61 -29.30 0.52 -14.12
C ARG I 61 -29.87 -0.60 -15.00
N CYS I 62 -31.15 -0.89 -14.88
CA CYS I 62 -31.88 -1.75 -15.80
C CYS I 62 -33.31 -1.27 -15.90
N ASP I 63 -33.63 -0.68 -17.07
CA ASP I 63 -34.89 -0.02 -17.41
C ASP I 63 -35.96 -0.99 -17.89
N ARG I 64 -35.53 -2.09 -18.49
CA ARG I 64 -36.44 -3.15 -18.96
C ARG I 64 -35.77 -4.53 -18.93
N ASN I 65 -36.46 -5.47 -18.30
CA ASN I 65 -35.87 -6.76 -18.09
C ASN I 65 -35.28 -7.20 -19.42
N LEU I 66 -34.21 -7.98 -19.36
CA LEU I 66 -33.59 -8.62 -20.52
C LEU I 66 -33.44 -10.11 -20.29
N ALA I 67 -33.45 -10.87 -21.37
CA ALA I 67 -32.94 -12.23 -21.31
C ALA I 67 -31.88 -12.39 -22.37
N MET I 68 -30.64 -12.64 -21.93
CA MET I 68 -29.54 -12.63 -22.88
C MET I 68 -28.99 -14.02 -23.11
N GLY I 69 -29.07 -14.52 -24.35
CA GLY I 69 -28.36 -15.74 -24.71
C GLY I 69 -26.85 -15.62 -24.91
N VAL I 70 -26.09 -16.34 -24.10
CA VAL I 70 -24.65 -16.09 -23.97
C VAL I 70 -23.90 -17.41 -24.17
N ASN I 71 -23.17 -17.54 -25.27
CA ASN I 71 -22.24 -18.63 -25.38
C ASN I 71 -21.19 -18.38 -24.31
N LEU I 72 -21.15 -19.22 -23.30
CA LEU I 72 -20.35 -18.96 -22.10
C LEU I 72 -18.87 -19.12 -22.37
N THR I 73 -18.55 -19.90 -23.40
CA THR I 73 -17.17 -20.00 -23.87
C THR I 73 -16.71 -18.69 -24.48
N SER I 74 -17.57 -18.10 -25.30
CA SER I 74 -17.30 -16.81 -25.92
C SER I 74 -17.06 -15.71 -24.89
N MET I 75 -17.84 -15.73 -23.83
CA MET I 75 -17.82 -14.66 -22.86
C MET I 75 -16.60 -14.92 -22.00
N SER I 76 -16.34 -16.17 -21.68
CA SER I 76 -15.04 -16.54 -21.09
C SER I 76 -13.79 -15.93 -21.77
N LYS I 77 -13.78 -15.96 -23.11
CA LYS I 77 -12.56 -15.74 -23.86
C LYS I 77 -12.40 -14.26 -23.69
N ILE I 78 -13.49 -13.53 -23.83
CA ILE I 78 -13.44 -12.10 -23.58
C ILE I 78 -13.06 -11.71 -22.13
N LEU I 79 -13.61 -12.43 -21.17
CA LEU I 79 -13.37 -12.05 -19.79
C LEU I 79 -11.89 -12.29 -19.49
N LYS I 80 -11.24 -13.12 -20.28
CA LYS I 80 -9.86 -13.46 -19.95
C LYS I 80 -8.98 -12.35 -20.47
N CYS I 81 -9.54 -11.49 -21.32
CA CYS I 81 -8.80 -10.30 -21.73
C CYS I 81 -8.85 -9.14 -20.76
N ALA I 82 -9.60 -9.30 -19.67
CA ALA I 82 -9.58 -8.28 -18.65
C ALA I 82 -8.57 -8.71 -17.63
N GLY I 83 -8.02 -7.71 -16.95
CA GLY I 83 -6.92 -7.91 -16.01
C GLY I 83 -7.55 -8.04 -14.65
N ASN I 84 -6.82 -8.39 -13.60
CA ASN I 84 -7.45 -8.82 -12.34
C ASN I 84 -7.79 -7.61 -11.45
N GLU I 85 -7.43 -6.41 -11.91
CA GLU I 85 -7.75 -5.23 -11.13
C GLU I 85 -8.63 -4.35 -11.99
N ASP I 86 -9.13 -4.89 -13.10
CA ASP I 86 -9.83 -4.06 -14.07
C ASP I 86 -11.22 -3.79 -13.58
N ILE I 87 -11.65 -2.56 -13.82
CA ILE I 87 -13.04 -2.21 -13.61
C ILE I 87 -13.79 -2.65 -14.85
N ILE I 88 -14.81 -3.47 -14.62
CA ILE I 88 -15.57 -4.12 -15.67
C ILE I 88 -16.97 -3.53 -15.75
N THR I 89 -17.25 -2.84 -16.84
CA THR I 89 -18.62 -2.48 -17.17
C THR I 89 -19.30 -3.39 -18.20
N LEU I 90 -20.44 -3.96 -17.82
CA LEU I 90 -21.38 -4.58 -18.78
C LEU I 90 -22.43 -3.60 -19.31
N ARG I 91 -22.62 -3.50 -20.61
CA ARG I 91 -23.71 -2.66 -21.06
C ARG I 91 -24.47 -3.32 -22.20
N ALA I 92 -25.80 -3.26 -22.12
CA ALA I 92 -26.67 -3.73 -23.19
C ALA I 92 -27.85 -2.81 -23.46
N GLU I 93 -28.39 -2.90 -24.66
CA GLU I 93 -29.49 -2.03 -25.08
C GLU I 93 -30.77 -2.81 -24.92
N ASP I 94 -31.87 -2.12 -25.17
CA ASP I 94 -33.19 -2.64 -24.83
C ASP I 94 -33.45 -3.90 -25.65
N ASN I 95 -32.96 -3.91 -26.88
CA ASN I 95 -32.94 -5.12 -27.74
C ASN I 95 -31.65 -5.91 -27.67
N ALA I 96 -31.63 -6.94 -26.84
CA ALA I 96 -30.54 -7.90 -26.84
C ALA I 96 -30.15 -8.30 -28.25
N ASP I 97 -29.17 -7.63 -28.84
CA ASP I 97 -28.43 -8.30 -29.92
C ASP I 97 -26.98 -8.75 -29.61
N THR I 98 -26.34 -8.01 -28.72
CA THR I 98 -24.90 -7.92 -28.65
C THR I 98 -24.75 -7.27 -27.26
N LEU I 99 -23.79 -7.71 -26.44
CA LEU I 99 -23.64 -7.12 -25.10
C LEU I 99 -22.23 -6.60 -25.00
N ALA I 100 -22.07 -5.35 -24.55
CA ALA I 100 -20.75 -4.74 -24.34
C ALA I 100 -20.08 -5.13 -23.01
N LEU I 101 -18.77 -5.04 -23.05
CA LEU I 101 -17.94 -5.33 -21.91
C LEU I 101 -16.74 -4.40 -22.00
N VAL I 102 -16.61 -3.50 -21.03
CA VAL I 102 -15.53 -2.52 -20.99
C VAL I 102 -14.58 -2.78 -19.81
N PHE I 103 -13.30 -3.07 -20.16
CA PHE I 103 -12.30 -3.26 -19.11
C PHE I 103 -11.44 -2.00 -18.96
N GLU I 104 -11.62 -1.32 -17.80
CA GLU I 104 -10.87 -0.10 -17.56
C GLU I 104 -9.73 -0.31 -16.56
N ALA I 105 -8.54 -0.62 -17.11
CA ALA I 105 -7.40 -0.78 -16.21
C ALA I 105 -7.39 0.30 -15.11
N PRO I 106 -6.76 -0.06 -13.97
CA PRO I 106 -6.64 0.85 -12.84
C PRO I 106 -6.30 2.26 -13.29
N ASN I 107 -5.01 2.62 -13.12
CA ASN I 107 -4.58 3.95 -13.54
C ASN I 107 -4.11 3.94 -15.00
N GLN I 108 -2.89 3.42 -15.21
CA GLN I 108 -2.36 3.35 -16.57
C GLN I 108 -3.48 3.14 -17.59
N GLU I 109 -4.05 4.28 -18.05
CA GLU I 109 -5.16 4.19 -19.00
C GLU I 109 -4.99 3.02 -19.97
N LYS I 110 -6.00 2.13 -19.95
CA LYS I 110 -5.95 0.96 -20.83
C LYS I 110 -7.34 0.38 -21.07
N VAL I 111 -8.20 1.21 -21.69
CA VAL I 111 -9.57 0.78 -21.94
C VAL I 111 -9.65 -0.27 -23.04
N SER I 112 -10.30 -1.37 -22.62
CA SER I 112 -10.62 -2.44 -23.56
C SER I 112 -12.12 -2.51 -23.83
N ASP I 113 -12.50 -2.19 -25.09
CA ASP I 113 -13.92 -2.25 -25.44
C ASP I 113 -14.26 -3.49 -26.26
N TYR I 114 -15.02 -4.39 -25.61
CA TYR I 114 -15.38 -5.64 -26.28
C TYR I 114 -16.89 -5.69 -26.58
N GLU I 115 -17.23 -6.47 -27.61
CA GLU I 115 -18.64 -6.61 -27.98
C GLU I 115 -18.97 -8.05 -28.40
N MET I 116 -19.88 -8.70 -27.69
CA MET I 116 -20.16 -10.12 -27.93
C MET I 116 -21.55 -10.34 -28.53
N LYS I 117 -21.62 -11.22 -29.50
CA LYS I 117 -22.90 -11.56 -30.12
C LYS I 117 -23.73 -12.40 -29.14
N LEU I 118 -25.00 -12.10 -29.02
CA LEU I 118 -25.90 -12.96 -28.27
C LEU I 118 -26.49 -14.04 -29.16
N MET I 119 -27.04 -15.06 -28.55
CA MET I 119 -27.66 -16.07 -29.37
C MET I 119 -29.05 -16.24 -28.77
N ASP I 120 -29.78 -17.19 -29.33
CA ASP I 120 -31.20 -17.28 -29.08
C ASP I 120 -31.26 -18.65 -28.50
N LEU I 121 -31.55 -18.76 -27.22
CA LEU I 121 -31.96 -20.05 -26.73
C LEU I 121 -33.27 -19.90 -26.02
N ASP I 122 -34.12 -20.91 -26.07
CA ASP I 122 -35.21 -20.90 -25.14
C ASP I 122 -34.90 -22.00 -24.12
N VAL I 123 -35.22 -21.66 -22.88
CA VAL I 123 -34.97 -22.58 -21.78
C VAL I 123 -35.98 -22.29 -20.69
N GLU I 124 -36.70 -23.31 -20.30
CA GLU I 124 -37.61 -23.13 -19.20
C GLU I 124 -36.80 -22.96 -17.93
N GLN I 125 -37.02 -21.87 -17.22
CA GLN I 125 -36.77 -21.81 -15.79
C GLN I 125 -37.41 -22.92 -14.95
N LEU I 126 -36.62 -23.53 -14.09
CA LEU I 126 -37.12 -24.48 -13.12
C LEU I 126 -37.36 -23.80 -11.77
N GLY I 127 -38.30 -24.34 -11.00
CA GLY I 127 -38.83 -23.91 -9.71
C GLY I 127 -38.16 -24.64 -8.55
N ILE I 128 -37.13 -23.98 -7.98
CA ILE I 128 -36.44 -24.56 -6.83
C ILE I 128 -37.08 -24.08 -5.51
N PRO I 129 -37.90 -24.97 -4.93
CA PRO I 129 -38.72 -24.62 -3.78
C PRO I 129 -37.89 -24.24 -2.55
N GLU I 130 -38.48 -23.36 -1.71
CA GLU I 130 -37.90 -23.06 -0.42
C GLU I 130 -37.97 -24.29 0.51
N GLN I 131 -36.78 -24.83 0.82
CA GLN I 131 -36.75 -26.04 1.63
C GLN I 131 -35.60 -26.06 2.62
N GLU I 132 -35.89 -26.60 3.81
CA GLU I 132 -34.84 -26.79 4.80
C GLU I 132 -34.26 -28.20 4.72
N TYR I 133 -32.92 -28.28 4.79
CA TYR I 133 -32.27 -29.58 4.62
C TYR I 133 -32.01 -30.27 5.96
N SER I 134 -31.89 -31.61 5.89
CA SER I 134 -31.64 -32.39 7.10
C SER I 134 -30.29 -32.05 7.72
N CYS I 135 -29.25 -32.05 6.87
CA CYS I 135 -27.92 -31.74 7.36
C CYS I 135 -27.22 -30.72 6.48
N VAL I 136 -26.66 -29.68 7.14
CA VAL I 136 -26.01 -28.62 6.39
C VAL I 136 -24.58 -28.37 6.88
N VAL I 137 -23.63 -28.55 5.99
CA VAL I 137 -22.25 -28.65 6.42
C VAL I 137 -21.53 -27.49 5.79
N LYS I 138 -20.87 -26.69 6.62
CA LYS I 138 -20.11 -25.55 6.13
C LYS I 138 -18.70 -25.95 6.45
N MET I 139 -17.88 -26.02 5.41
CA MET I 139 -16.48 -26.40 5.50
C MET I 139 -15.65 -25.57 4.53
N PRO I 140 -14.33 -25.72 4.62
CA PRO I 140 -13.39 -25.09 3.70
C PRO I 140 -13.53 -25.55 2.26
N SER I 141 -13.46 -24.63 1.33
CA SER I 141 -13.85 -24.95 -0.03
C SER I 141 -12.75 -25.75 -0.69
N GLY I 142 -11.52 -25.43 -0.29
CA GLY I 142 -10.31 -26.10 -0.75
C GLY I 142 -10.29 -27.55 -0.33
N GLU I 143 -10.79 -27.80 0.87
CA GLU I 143 -10.69 -29.13 1.46
C GLU I 143 -11.69 -29.98 0.73
N PHE I 144 -12.76 -29.33 0.28
CA PHE I 144 -13.89 -30.05 -0.26
C PHE I 144 -13.46 -30.42 -1.66
N ALA I 145 -12.67 -29.54 -2.25
CA ALA I 145 -12.22 -29.83 -3.60
C ALA I 145 -11.15 -30.92 -3.53
N ARG I 146 -10.21 -30.83 -2.59
CA ARG I 146 -9.26 -31.92 -2.41
C ARG I 146 -9.96 -33.25 -2.25
N ILE I 147 -10.98 -33.29 -1.39
CA ILE I 147 -11.72 -34.51 -1.10
C ILE I 147 -12.44 -35.09 -2.31
N CYS I 148 -13.08 -34.26 -3.13
CA CYS I 148 -13.69 -34.74 -4.36
C CYS I 148 -12.68 -35.23 -5.33
N ARG I 149 -11.54 -34.56 -5.43
CA ARG I 149 -10.53 -34.92 -6.41
C ARG I 149 -9.84 -36.24 -6.01
N ASP I 150 -9.70 -36.50 -4.73
CA ASP I 150 -8.98 -37.68 -4.33
C ASP I 150 -9.89 -38.89 -4.36
N LEU I 151 -11.12 -38.74 -3.90
CA LEU I 151 -11.98 -39.89 -4.00
C LEU I 151 -12.15 -40.26 -5.47
N SER I 152 -12.04 -39.29 -6.38
CA SER I 152 -12.35 -39.56 -7.79
C SER I 152 -11.38 -40.50 -8.46
N HIS I 153 -10.14 -40.57 -7.98
CA HIS I 153 -9.18 -41.67 -8.28
C HIS I 153 -9.43 -43.06 -7.69
N ILE I 154 -10.30 -43.12 -6.71
CA ILE I 154 -10.72 -44.37 -6.09
C ILE I 154 -12.01 -44.92 -6.70
N GLY I 155 -12.89 -44.05 -7.19
CA GLY I 155 -14.27 -44.46 -7.38
C GLY I 155 -15.10 -43.42 -8.09
N ASP I 156 -16.27 -43.84 -8.54
CA ASP I 156 -17.05 -43.00 -9.45
C ASP I 156 -18.04 -42.16 -8.67
N ALA I 157 -18.39 -42.62 -7.47
CA ALA I 157 -19.46 -42.03 -6.68
C ALA I 157 -19.02 -41.86 -5.23
N VAL I 158 -19.52 -40.80 -4.61
CA VAL I 158 -19.12 -40.54 -3.24
C VAL I 158 -20.33 -40.63 -2.36
N VAL I 159 -20.17 -41.29 -1.21
CA VAL I 159 -21.26 -41.39 -0.25
C VAL I 159 -20.92 -40.42 0.85
N ILE I 160 -21.83 -39.49 1.10
CA ILE I 160 -21.66 -38.43 2.09
C ILE I 160 -22.57 -38.77 3.25
N SER I 161 -21.95 -39.11 4.37
CA SER I 161 -22.62 -39.66 5.52
C SER I 161 -22.42 -38.60 6.57
N CYS I 162 -23.46 -37.83 6.84
CA CYS I 162 -23.41 -36.69 7.76
C CYS I 162 -24.10 -36.98 9.09
N ALA I 163 -23.59 -36.39 10.18
CA ALA I 163 -23.94 -36.79 11.55
C ALA I 163 -23.38 -35.70 12.50
N LYS I 164 -23.84 -35.63 13.74
CA LYS I 164 -23.56 -34.44 14.53
C LYS I 164 -22.05 -34.38 14.83
N ASP I 165 -21.46 -35.56 14.97
CA ASP I 165 -20.07 -35.61 15.39
C ASP I 165 -19.10 -35.21 14.23
N GLY I 166 -19.64 -35.09 13.02
CA GLY I 166 -18.81 -34.94 11.83
C GLY I 166 -19.40 -35.47 10.53
N VAL I 167 -18.78 -35.10 9.41
CA VAL I 167 -19.15 -35.60 8.09
C VAL I 167 -18.11 -36.55 7.47
N LYS I 168 -18.58 -37.37 6.54
CA LYS I 168 -17.84 -38.51 6.03
C LYS I 168 -18.00 -38.62 4.51
N PHE I 169 -16.93 -38.98 3.82
CA PHE I 169 -16.91 -39.07 2.37
C PHE I 169 -16.31 -40.42 1.94
N SER I 170 -17.11 -41.28 1.30
CA SER I 170 -16.62 -42.60 0.98
C SER I 170 -16.71 -42.85 -0.49
N ALA I 171 -15.73 -43.57 -0.98
CA ALA I 171 -15.86 -44.09 -2.34
C ALA I 171 -15.36 -45.51 -2.40
N SER I 172 -15.62 -46.11 -3.55
CA SER I 172 -15.28 -47.51 -3.71
C SER I 172 -15.24 -47.81 -5.21
N GLY I 173 -14.22 -48.54 -5.62
CA GLY I 173 -13.99 -48.79 -7.04
C GLY I 173 -13.32 -50.13 -7.26
N GLU I 174 -12.91 -50.38 -8.49
CA GLU I 174 -12.09 -51.55 -8.81
C GLU I 174 -11.05 -51.83 -7.72
N LEU I 175 -10.23 -50.83 -7.40
CA LEU I 175 -8.98 -51.08 -6.70
C LEU I 175 -9.19 -51.21 -5.18
N GLY I 176 -10.39 -50.94 -4.71
CA GLY I 176 -10.60 -50.92 -3.28
C GLY I 176 -11.42 -49.69 -2.93
N ASN I 177 -11.40 -49.31 -1.67
CA ASN I 177 -12.30 -48.25 -1.26
C ASN I 177 -11.63 -47.41 -0.22
N GLY I 178 -12.27 -46.27 0.06
CA GLY I 178 -11.68 -45.25 0.88
C GLY I 178 -12.69 -44.39 1.62
N ASN I 179 -12.14 -43.61 2.55
CA ASN I 179 -12.94 -43.07 3.59
C ASN I 179 -12.28 -41.88 4.28
N ILE I 180 -12.88 -40.71 4.13
CA ILE I 180 -12.31 -39.50 4.67
C ILE I 180 -13.28 -38.89 5.67
N LYS I 181 -12.87 -38.70 6.92
CA LYS I 181 -13.85 -38.19 7.89
C LYS I 181 -13.36 -36.92 8.57
N LEU I 182 -14.21 -35.90 8.54
CA LEU I 182 -13.93 -34.58 9.07
C LEU I 182 -14.81 -34.38 10.30
N SER I 183 -14.19 -34.21 11.46
CA SER I 183 -14.92 -33.97 12.68
C SER I 183 -15.29 -32.49 12.70
N GLN I 184 -16.39 -32.11 13.36
CA GLN I 184 -16.63 -30.71 13.71
C GLN I 184 -15.43 -30.12 14.45
N THR I 185 -14.95 -28.95 14.08
CA THR I 185 -13.86 -28.35 14.84
C THR I 185 -14.45 -27.37 15.83
N SER I 186 -15.58 -26.80 15.41
CA SER I 186 -16.02 -25.42 15.65
C SER I 186 -14.88 -24.52 16.11
N ASN I 187 -14.79 -23.35 15.45
CA ASN I 187 -13.62 -22.48 15.65
C ASN I 187 -13.12 -22.45 17.08
N VAL I 188 -13.56 -21.41 17.82
CA VAL I 188 -12.97 -21.17 19.13
C VAL I 188 -11.45 -21.24 19.00
N ASP I 189 -11.02 -20.88 17.77
CA ASP I 189 -9.62 -20.98 17.38
C ASP I 189 -9.33 -19.96 16.27
N LYS I 190 -8.04 -19.81 15.93
CA LYS I 190 -7.71 -18.97 14.78
C LYS I 190 -7.99 -19.70 13.48
N GLU I 191 -9.22 -19.51 12.97
CA GLU I 191 -9.62 -20.31 11.83
C GLU I 191 -10.65 -19.64 10.91
N GLU I 192 -11.57 -20.48 10.42
CA GLU I 192 -12.49 -20.06 9.37
C GLU I 192 -12.10 -20.68 8.04
N GLU I 193 -11.31 -21.65 8.49
CA GLU I 193 -11.32 -23.00 7.92
C GLU I 193 -11.63 -24.08 8.98
N ALA I 194 -12.90 -24.02 9.35
CA ALA I 194 -13.50 -24.74 10.44
C ALA I 194 -14.50 -25.66 9.76
N VAL I 195 -15.23 -26.44 10.55
CA VAL I 195 -16.23 -27.35 10.00
C VAL I 195 -17.50 -27.37 10.87
N THR I 196 -18.59 -26.80 10.37
CA THR I 196 -19.80 -26.76 11.15
C THR I 196 -20.94 -27.52 10.50
N ILE I 197 -21.63 -28.27 11.36
CA ILE I 197 -22.77 -29.05 10.96
C ILE I 197 -23.93 -28.51 11.75
N GLU I 198 -25.03 -28.22 11.04
CA GLU I 198 -26.38 -28.05 11.59
C GLU I 198 -27.14 -29.30 11.27
N MET I 199 -27.20 -30.25 12.20
CA MET I 199 -27.98 -31.46 11.95
C MET I 199 -29.43 -31.28 12.39
N ASN I 200 -30.35 -31.95 11.71
CA ASN I 200 -31.72 -32.15 12.20
C ASN I 200 -31.98 -33.65 12.21
N GLU I 201 -31.45 -34.32 11.20
CA GLU I 201 -31.47 -35.77 11.16
C GLU I 201 -30.40 -36.22 10.18
N PRO I 202 -29.79 -37.35 10.49
CA PRO I 202 -28.50 -37.64 9.89
C PRO I 202 -28.83 -38.09 8.47
N VAL I 203 -28.02 -37.65 7.53
CA VAL I 203 -28.20 -38.09 6.16
C VAL I 203 -27.11 -39.02 5.69
N GLN I 204 -27.44 -39.89 4.74
CA GLN I 204 -26.38 -40.58 4.01
C GLN I 204 -26.74 -40.71 2.54
N LEU I 205 -26.13 -39.85 1.73
CA LEU I 205 -26.52 -39.77 0.33
C LEU I 205 -25.35 -40.07 -0.57
N THR I 206 -25.65 -40.61 -1.73
CA THR I 206 -24.65 -41.02 -2.73
C THR I 206 -24.73 -40.14 -3.97
N PHE I 207 -23.62 -39.50 -4.30
CA PHE I 207 -23.55 -38.66 -5.49
C PHE I 207 -22.46 -39.11 -6.45
N ALA I 208 -22.46 -38.53 -7.64
CA ALA I 208 -21.47 -38.78 -8.68
C ALA I 208 -20.34 -37.78 -8.60
N LEU I 209 -19.12 -38.27 -8.49
CA LEU I 209 -18.02 -37.41 -8.13
C LEU I 209 -17.70 -36.50 -9.28
N ARG I 210 -18.05 -36.92 -10.48
CA ARG I 210 -17.55 -36.25 -11.66
C ARG I 210 -18.23 -34.90 -11.77
N TYR I 211 -19.36 -34.72 -11.10
CA TYR I 211 -20.11 -33.48 -11.26
C TYR I 211 -19.68 -32.48 -10.19
N LEU I 212 -19.37 -33.05 -9.03
CA LEU I 212 -18.85 -32.22 -7.97
C LEU I 212 -17.56 -31.50 -8.43
N ASN I 213 -16.84 -32.09 -9.36
CA ASN I 213 -15.51 -31.64 -9.64
C ASN I 213 -15.67 -30.57 -10.68
N PHE I 214 -16.89 -30.44 -11.18
CA PHE I 214 -17.21 -29.24 -11.94
C PHE I 214 -17.54 -28.15 -10.98
N PHE I 215 -18.25 -28.49 -9.91
CA PHE I 215 -18.73 -27.50 -8.95
C PHE I 215 -17.52 -26.84 -8.28
N THR I 216 -16.45 -27.59 -8.05
CA THR I 216 -15.34 -27.04 -7.27
C THR I 216 -14.49 -26.06 -8.05
N LYS I 217 -14.71 -25.89 -9.34
CA LYS I 217 -14.15 -24.74 -10.02
C LYS I 217 -14.70 -23.42 -9.51
N ALA I 218 -15.68 -23.39 -8.62
CA ALA I 218 -16.08 -22.11 -8.04
C ALA I 218 -15.25 -21.78 -6.81
N THR I 219 -14.26 -22.62 -6.53
CA THR I 219 -13.44 -22.42 -5.34
C THR I 219 -12.75 -21.08 -5.14
N PRO I 220 -12.26 -20.49 -6.20
CA PRO I 220 -11.73 -19.12 -6.14
C PRO I 220 -12.66 -18.12 -5.47
N LEU I 221 -13.95 -18.39 -5.42
CA LEU I 221 -14.89 -17.31 -5.15
C LEU I 221 -15.18 -17.23 -3.65
N SER I 222 -14.83 -18.30 -2.93
CA SER I 222 -15.02 -18.34 -1.51
C SER I 222 -14.08 -19.28 -0.78
N SER I 223 -13.78 -18.90 0.46
CA SER I 223 -12.89 -19.66 1.33
C SER I 223 -13.65 -20.91 1.76
N THR I 224 -14.98 -20.84 1.69
CA THR I 224 -15.80 -21.76 2.46
C THR I 224 -16.93 -22.19 1.53
N VAL I 225 -17.40 -23.43 1.71
CA VAL I 225 -18.51 -23.96 0.92
C VAL I 225 -19.57 -24.61 1.79
N THR I 226 -20.84 -24.49 1.43
CA THR I 226 -21.89 -25.04 2.28
C THR I 226 -22.60 -26.18 1.53
N LEU I 227 -22.65 -27.35 2.13
CA LEU I 227 -23.31 -28.48 1.51
C LEU I 227 -24.66 -28.68 2.20
N SER I 228 -25.77 -28.51 1.51
CA SER I 228 -27.01 -28.85 2.17
C SER I 228 -27.67 -30.10 1.60
N MET I 229 -28.05 -30.99 2.51
CA MET I 229 -28.42 -32.35 2.16
C MET I 229 -29.83 -32.72 2.63
N SER I 230 -30.57 -33.51 1.87
CA SER I 230 -31.62 -34.28 2.53
C SER I 230 -31.90 -35.47 1.65
N ALA I 231 -32.58 -36.45 2.23
CA ALA I 231 -32.84 -37.68 1.49
C ALA I 231 -33.91 -37.44 0.43
N ASP I 232 -33.63 -37.98 -0.75
CA ASP I 232 -34.38 -37.72 -1.98
C ASP I 232 -34.61 -36.25 -2.19
N VAL I 233 -33.61 -35.44 -1.90
CA VAL I 233 -33.51 -34.20 -2.67
C VAL I 233 -32.12 -33.97 -3.23
N PRO I 234 -32.04 -33.19 -4.30
CA PRO I 234 -30.77 -32.95 -4.99
C PRO I 234 -29.91 -32.18 -4.03
N LEU I 235 -28.61 -32.47 -4.04
CA LEU I 235 -27.62 -31.80 -3.17
C LEU I 235 -27.46 -30.38 -3.58
N VAL I 236 -27.31 -29.46 -2.62
CA VAL I 236 -26.82 -28.11 -2.95
C VAL I 236 -25.42 -27.87 -2.44
N VAL I 237 -24.56 -27.37 -3.32
CA VAL I 237 -23.20 -26.93 -3.00
C VAL I 237 -23.06 -25.43 -3.30
N GLU I 238 -22.99 -24.60 -2.27
CA GLU I 238 -23.16 -23.16 -2.42
C GLU I 238 -21.85 -22.41 -2.07
N TYR I 239 -21.55 -21.39 -2.86
CA TYR I 239 -20.33 -20.61 -2.77
C TYR I 239 -20.79 -19.15 -2.68
N LYS I 240 -20.60 -18.49 -1.53
CA LYS I 240 -20.94 -17.09 -1.41
C LYS I 240 -19.86 -16.21 -2.05
N ILE I 241 -20.29 -15.43 -3.07
CA ILE I 241 -19.35 -14.55 -3.75
C ILE I 241 -19.48 -13.11 -3.24
N ALA I 242 -18.60 -12.74 -2.29
CA ALA I 242 -18.70 -11.40 -1.71
C ALA I 242 -20.05 -11.22 -1.02
N ASP I 243 -20.45 -9.94 -0.89
CA ASP I 243 -21.78 -9.66 -0.36
C ASP I 243 -22.76 -9.33 -1.50
N MET I 244 -22.54 -10.02 -2.63
CA MET I 244 -23.31 -9.70 -3.83
C MET I 244 -24.20 -10.86 -4.28
N GLY I 245 -24.02 -12.03 -3.65
CA GLY I 245 -24.86 -13.17 -3.98
C GLY I 245 -24.14 -14.51 -3.79
N HIS I 246 -24.58 -15.50 -4.60
CA HIS I 246 -23.96 -16.83 -4.51
C HIS I 246 -23.93 -17.52 -5.88
N LEU I 247 -23.23 -18.63 -5.88
CA LEU I 247 -23.33 -19.59 -6.96
C LEU I 247 -23.74 -20.84 -6.26
N LYS I 248 -24.94 -21.34 -6.57
CA LYS I 248 -25.38 -22.65 -6.08
C LYS I 248 -25.36 -23.79 -7.12
N TYR I 249 -24.77 -24.94 -6.79
CA TYR I 249 -24.82 -26.09 -7.69
C TYR I 249 -25.80 -27.12 -7.12
N TYR I 250 -26.76 -27.59 -7.94
CA TYR I 250 -27.69 -28.64 -7.50
C TYR I 250 -27.31 -29.89 -8.27
N LEU I 251 -27.18 -31.00 -7.52
CA LEU I 251 -26.82 -32.29 -8.10
C LEU I 251 -27.82 -33.37 -7.72
N ALA I 252 -28.51 -33.89 -8.71
CA ALA I 252 -29.40 -35.03 -8.47
C ALA I 252 -28.66 -36.26 -7.90
N PRO I 253 -29.27 -36.97 -7.09
CA PRO I 253 -28.63 -37.98 -6.27
C PRO I 253 -28.61 -39.35 -6.97
N LYS I 254 -27.87 -40.29 -6.36
CA LYS I 254 -27.85 -41.66 -6.87
C LYS I 254 -28.64 -42.59 -5.95
N ILE I 255 -29.95 -42.70 -6.23
CA ILE I 255 -30.83 -43.42 -5.33
C ILE I 255 -31.16 -44.83 -5.85
N GLU I 256 -31.36 -45.75 -4.87
CA GLU I 256 -31.76 -47.10 -5.22
C GLU I 256 -33.29 -47.25 -5.21
N ASP I 257 -33.86 -47.31 -6.43
CA ASP I 257 -35.31 -47.39 -6.53
C ASP I 257 -35.99 -46.66 -5.37
N SER J 1 -23.58 -53.87 -8.79
CA SER J 1 -24.12 -52.99 -7.77
C SER J 1 -23.50 -51.59 -7.84
N ALA J 2 -24.35 -50.62 -8.21
CA ALA J 2 -23.87 -49.24 -8.32
C ALA J 2 -25.01 -48.24 -8.49
N VAL J 3 -26.17 -48.62 -7.94
CA VAL J 3 -27.35 -47.75 -7.76
C VAL J 3 -27.94 -47.17 -9.07
N LEU J 4 -28.67 -46.06 -9.02
CA LEU J 4 -29.36 -45.50 -10.19
C LEU J 4 -29.37 -43.94 -10.24
N GLN J 5 -29.11 -43.33 -11.39
CA GLN J 5 -28.89 -41.89 -11.43
C GLN J 5 -30.17 -41.10 -11.71
N LYS J 6 -30.64 -40.36 -10.71
CA LYS J 6 -31.74 -39.46 -10.89
C LYS J 6 -31.30 -38.23 -11.67
N LYS J 7 -32.26 -37.36 -11.88
CA LYS J 7 -32.11 -36.22 -12.75
C LYS J 7 -32.77 -35.06 -11.99
N ILE J 8 -32.17 -33.87 -12.10
CA ILE J 8 -32.75 -32.65 -11.55
C ILE J 8 -34.21 -32.45 -11.97
N THR J 9 -34.54 -32.70 -13.24
CA THR J 9 -35.92 -32.64 -13.73
C THR J 9 -36.87 -33.56 -12.97
N ASP J 10 -36.34 -34.52 -12.23
CA ASP J 10 -37.17 -35.34 -11.36
C ASP J 10 -37.61 -34.63 -10.09
N TYR J 11 -36.88 -33.61 -9.62
CA TYR J 11 -37.26 -32.89 -8.40
C TYR J 11 -37.70 -31.45 -8.68
N PHE J 12 -37.22 -30.86 -9.77
CA PHE J 12 -37.48 -29.45 -10.07
C PHE J 12 -38.21 -29.35 -11.40
N HIS J 13 -39.31 -28.60 -11.38
CA HIS J 13 -40.16 -28.51 -12.55
C HIS J 13 -40.26 -27.08 -13.05
N PRO J 14 -40.58 -26.93 -14.34
CA PRO J 14 -40.68 -25.59 -14.91
C PRO J 14 -41.47 -24.67 -13.98
N LYS J 15 -41.18 -23.38 -14.09
CA LYS J 15 -41.81 -22.32 -13.30
C LYS J 15 -43.09 -21.82 -13.97
N LYS J 16 -43.41 -22.27 -15.19
CA LYS J 16 -44.61 -21.85 -15.90
C LYS J 16 -45.15 -23.00 -16.75
N MET K 1 38.92 -20.09 -39.32
CA MET K 1 38.24 -20.54 -38.06
C MET K 1 37.27 -19.49 -37.50
N PHE K 2 36.01 -19.86 -37.32
CA PHE K 2 35.05 -19.04 -36.55
C PHE K 2 34.84 -19.53 -35.11
N GLU K 3 34.83 -18.57 -34.18
CA GLU K 3 34.72 -18.92 -32.78
C GLU K 3 34.23 -17.71 -32.01
N ALA K 4 33.09 -17.87 -31.36
CA ALA K 4 32.52 -16.78 -30.61
C ALA K 4 32.12 -17.27 -29.21
N ARG K 5 32.50 -16.51 -28.18
CA ARG K 5 32.14 -16.82 -26.81
C ARG K 5 31.17 -15.75 -26.24
N LEU K 6 30.12 -16.21 -25.58
CA LEU K 6 29.20 -15.35 -24.83
C LEU K 6 29.01 -15.97 -23.44
N VAL K 7 29.38 -15.22 -22.41
CA VAL K 7 29.29 -15.76 -21.06
C VAL K 7 27.87 -15.67 -20.54
N GLN K 8 27.14 -14.71 -21.09
CA GLN K 8 25.70 -14.69 -21.05
C GLN K 8 25.08 -15.61 -22.09
N GLY K 9 25.22 -16.91 -21.88
CA GLY K 9 24.68 -17.86 -22.83
C GLY K 9 23.20 -17.64 -23.02
N SER K 10 22.57 -17.21 -21.94
CA SER K 10 21.16 -16.86 -21.96
C SER K 10 20.72 -16.23 -23.30
N ILE K 11 21.46 -15.27 -23.83
CA ILE K 11 20.99 -14.46 -24.94
C ILE K 11 20.70 -15.37 -26.15
N LEU K 12 21.68 -16.21 -26.47
CA LEU K 12 21.54 -17.11 -27.59
C LEU K 12 20.40 -18.14 -27.43
N LYS K 13 20.28 -18.72 -26.24
CA LYS K 13 19.12 -19.52 -25.88
C LYS K 13 17.76 -18.83 -26.20
N LYS K 14 17.57 -17.59 -25.77
CA LYS K 14 16.42 -16.79 -26.19
C LYS K 14 16.24 -16.56 -27.69
N VAL K 15 17.34 -16.19 -28.35
CA VAL K 15 17.32 -15.89 -29.77
C VAL K 15 16.76 -17.13 -30.45
N LEU K 16 17.33 -18.26 -30.08
CA LEU K 16 16.95 -19.46 -30.81
C LEU K 16 15.53 -19.93 -30.53
N GLU K 17 15.01 -19.67 -29.32
CA GLU K 17 13.57 -19.69 -29.06
C GLU K 17 12.72 -18.63 -29.79
N ALA K 18 13.29 -17.47 -30.09
CA ALA K 18 12.53 -16.48 -30.81
C ALA K 18 12.47 -16.76 -32.32
N LEU K 19 13.19 -17.77 -32.79
CA LEU K 19 13.30 -18.02 -34.21
C LEU K 19 12.53 -19.24 -34.68
N LYS K 20 12.55 -20.29 -33.88
CA LYS K 20 12.34 -21.67 -34.35
C LYS K 20 10.86 -21.98 -34.55
N ASP K 21 9.95 -21.25 -33.92
CA ASP K 21 8.56 -21.32 -34.33
C ASP K 21 8.34 -20.66 -35.68
N LEU K 22 9.05 -19.59 -35.98
CA LEU K 22 8.73 -18.86 -37.19
C LEU K 22 9.37 -19.47 -38.42
N ILE K 23 10.55 -20.05 -38.22
CA ILE K 23 11.36 -20.48 -39.34
C ILE K 23 12.09 -21.79 -39.09
N ASN K 24 12.13 -22.55 -40.16
CA ASN K 24 12.33 -23.98 -40.14
C ASN K 24 13.88 -24.10 -40.08
N GLU K 25 14.51 -23.46 -41.08
CA GLU K 25 15.96 -23.40 -41.28
C GLU K 25 16.40 -21.99 -41.68
N ALA K 26 17.69 -21.73 -41.64
CA ALA K 26 18.17 -20.42 -42.04
C ALA K 26 19.66 -20.40 -42.20
N CYS K 27 20.16 -19.29 -42.70
CA CYS K 27 21.54 -19.20 -43.05
C CYS K 27 22.17 -18.12 -42.21
N TRP K 28 23.08 -18.54 -41.36
CA TRP K 28 23.86 -17.59 -40.57
C TRP K 28 25.02 -17.00 -41.37
N ASP K 29 25.01 -15.68 -41.54
CA ASP K 29 26.07 -14.97 -42.24
C ASP K 29 27.04 -14.43 -41.23
N ILE K 30 28.16 -15.15 -41.11
CA ILE K 30 29.24 -14.79 -40.19
C ILE K 30 30.31 -13.95 -40.86
N SER K 31 30.74 -12.89 -40.20
CA SER K 31 31.85 -12.11 -40.70
C SER K 31 32.56 -11.40 -39.55
N SER K 32 33.56 -10.58 -39.86
CA SER K 32 34.25 -9.83 -38.80
C SER K 32 33.31 -8.90 -38.05
N SER K 33 32.30 -8.36 -38.70
CA SER K 33 31.43 -7.37 -38.04
C SER K 33 30.51 -8.07 -37.03
N GLY K 34 30.29 -9.36 -37.27
CA GLY K 34 29.51 -10.19 -36.37
C GLY K 34 28.59 -11.18 -37.05
N VAL K 35 27.59 -11.60 -36.32
CA VAL K 35 26.62 -12.54 -36.88
C VAL K 35 25.42 -11.84 -37.48
N ASN K 36 24.88 -12.39 -38.55
CA ASN K 36 23.73 -11.78 -39.22
C ASN K 36 22.80 -12.81 -39.89
N LEU K 37 21.50 -12.71 -39.66
CA LEU K 37 20.57 -13.72 -40.15
C LEU K 37 19.35 -13.06 -40.78
N GLN K 38 19.07 -13.32 -42.05
CA GLN K 38 17.80 -12.91 -42.65
C GLN K 38 17.09 -14.11 -43.21
N SER K 39 15.77 -14.15 -43.09
CA SER K 39 15.03 -15.25 -43.66
C SER K 39 13.55 -14.98 -43.52
N MET K 40 12.76 -15.37 -44.52
CA MET K 40 11.31 -15.31 -44.39
C MET K 40 10.73 -16.65 -43.93
N ASP K 41 9.48 -16.65 -43.48
CA ASP K 41 8.86 -17.92 -43.12
C ASP K 41 8.43 -18.56 -44.42
N SER K 42 8.02 -19.83 -44.36
CA SER K 42 7.59 -20.62 -45.51
C SER K 42 6.57 -19.88 -46.40
N SER K 43 5.67 -19.13 -45.81
CA SER K 43 4.63 -18.48 -46.59
C SER K 43 5.08 -17.16 -47.24
N HIS K 44 6.28 -16.70 -46.90
CA HIS K 44 6.84 -15.43 -47.43
C HIS K 44 6.07 -14.16 -47.07
N VAL K 45 5.15 -14.30 -46.12
CA VAL K 45 4.43 -13.19 -45.50
C VAL K 45 5.32 -12.36 -44.52
N SER K 46 6.28 -12.99 -43.87
CA SER K 46 6.99 -12.29 -42.80
C SER K 46 8.43 -12.50 -42.99
N LEU K 47 9.25 -11.63 -42.43
CA LEU K 47 10.68 -11.84 -42.55
C LEU K 47 11.42 -11.46 -41.28
N VAL K 48 12.31 -12.34 -40.88
CA VAL K 48 13.09 -12.04 -39.71
C VAL K 48 14.54 -11.63 -39.98
N GLN K 49 14.99 -10.67 -39.19
CA GLN K 49 16.34 -10.18 -39.30
C GLN K 49 16.99 -10.02 -37.93
N LEU K 50 17.98 -10.90 -37.69
CA LEU K 50 18.84 -10.96 -36.51
C LEU K 50 20.17 -10.26 -36.69
N THR K 51 20.54 -9.45 -35.71
CA THR K 51 21.88 -8.85 -35.66
C THR K 51 22.60 -9.00 -34.32
N LEU K 52 23.71 -9.74 -34.33
CA LEU K 52 24.60 -9.79 -33.18
C LEU K 52 25.99 -9.24 -33.53
N ARG K 53 26.35 -8.12 -32.92
CA ARG K 53 27.51 -7.38 -33.36
C ARG K 53 28.66 -8.08 -32.66
N SER K 54 29.80 -8.22 -33.34
CA SER K 54 30.97 -8.90 -32.78
C SER K 54 31.45 -8.32 -31.44
N GLU K 55 31.40 -7.00 -31.31
CA GLU K 55 31.77 -6.32 -30.07
C GLU K 55 31.03 -6.85 -28.87
N GLY K 56 29.98 -7.64 -29.09
CA GLY K 56 28.97 -7.81 -28.07
C GLY K 56 29.35 -9.09 -27.41
N PHE K 57 30.09 -9.88 -28.16
CA PHE K 57 30.62 -11.16 -27.71
C PHE K 57 31.81 -10.88 -26.83
N ASP K 58 31.86 -11.63 -25.73
CA ASP K 58 33.08 -11.77 -24.93
C ASP K 58 34.32 -12.20 -25.70
N THR K 59 34.15 -13.05 -26.69
CA THR K 59 35.28 -13.44 -27.52
C THR K 59 34.81 -13.60 -28.96
N TYR K 60 35.52 -13.03 -29.91
CA TYR K 60 35.07 -13.14 -31.29
C TYR K 60 36.21 -13.29 -32.26
N ARG K 61 36.03 -14.16 -33.23
CA ARG K 61 37.12 -14.50 -34.13
C ARG K 61 36.50 -14.99 -35.43
N CYS K 62 36.95 -14.43 -36.54
CA CYS K 62 36.41 -14.85 -37.81
C CYS K 62 37.42 -14.68 -38.90
N ASP K 63 38.17 -15.73 -39.23
CA ASP K 63 39.24 -15.65 -40.23
C ASP K 63 38.66 -15.40 -41.61
N ARG K 64 37.50 -15.98 -41.87
CA ARG K 64 36.96 -15.93 -43.20
C ARG K 64 35.43 -15.90 -43.21
N ASN K 65 34.84 -14.96 -43.96
CA ASN K 65 33.40 -14.91 -44.15
C ASN K 65 32.74 -16.26 -44.39
N LEU K 66 31.68 -16.54 -43.64
CA LEU K 66 31.15 -17.90 -43.46
C LEU K 66 29.65 -17.84 -43.73
N ALA K 67 29.00 -18.95 -44.08
CA ALA K 67 27.55 -18.92 -44.31
C ALA K 67 26.96 -20.27 -43.99
N MET K 68 26.61 -20.47 -42.72
CA MET K 68 26.23 -21.78 -42.29
C MET K 68 24.73 -21.90 -42.47
N GLY K 69 24.31 -23.02 -42.99
CA GLY K 69 22.89 -23.29 -43.00
C GLY K 69 22.61 -24.13 -41.79
N VAL K 70 21.88 -23.59 -40.82
CA VAL K 70 21.51 -24.34 -39.63
C VAL K 70 20.07 -24.79 -39.77
N ASN K 71 19.79 -26.02 -39.39
CA ASN K 71 18.46 -26.39 -38.95
C ASN K 71 18.15 -25.83 -37.58
N LEU K 72 17.20 -24.91 -37.49
CA LEU K 72 17.01 -24.11 -36.29
C LEU K 72 16.25 -24.88 -35.24
N THR K 73 15.54 -25.92 -35.65
CA THR K 73 14.88 -26.77 -34.67
C THR K 73 15.99 -27.54 -33.98
N SER K 74 16.91 -28.10 -34.76
CA SER K 74 18.01 -28.89 -34.20
C SER K 74 18.89 -28.06 -33.24
N MET K 75 19.28 -26.87 -33.70
CA MET K 75 20.00 -25.94 -32.84
C MET K 75 19.29 -25.61 -31.51
N SER K 76 18.02 -25.27 -31.56
CA SER K 76 17.22 -24.97 -30.38
C SER K 76 17.37 -26.14 -29.43
N LYS K 77 17.12 -27.36 -29.93
CA LYS K 77 17.09 -28.50 -29.02
C LYS K 77 18.44 -28.62 -28.30
N ILE K 78 19.54 -28.50 -29.03
CA ILE K 78 20.88 -28.47 -28.46
C ILE K 78 21.05 -27.33 -27.46
N LEU K 79 20.56 -26.15 -27.81
CA LEU K 79 20.69 -25.00 -26.90
C LEU K 79 19.88 -25.15 -25.64
N LYS K 80 18.90 -26.05 -25.67
CA LYS K 80 18.05 -26.26 -24.52
C LYS K 80 18.83 -27.11 -23.55
N CYS K 81 20.06 -27.46 -23.91
CA CYS K 81 20.88 -28.29 -23.03
C CYS K 81 21.89 -27.42 -22.32
N ALA K 82 21.92 -26.12 -22.63
CA ALA K 82 22.67 -25.16 -21.83
C ALA K 82 21.83 -24.64 -20.68
N GLY K 83 22.45 -24.40 -19.53
CA GLY K 83 21.88 -23.55 -18.50
C GLY K 83 21.81 -22.07 -18.86
N ASN K 84 21.11 -21.29 -18.03
CA ASN K 84 20.94 -19.85 -18.32
C ASN K 84 22.23 -19.16 -17.87
N GLU K 85 22.81 -19.72 -16.81
CA GLU K 85 24.02 -19.12 -16.31
C GLU K 85 25.27 -19.60 -17.09
N ASP K 86 25.07 -20.58 -17.97
CA ASP K 86 26.11 -21.18 -18.80
C ASP K 86 26.81 -20.20 -19.73
N ILE K 87 28.09 -20.49 -19.98
CA ILE K 87 28.86 -19.80 -20.97
C ILE K 87 28.71 -20.66 -22.22
N ILE K 88 28.46 -19.98 -23.34
CA ILE K 88 28.29 -20.70 -24.58
C ILE K 88 29.26 -20.21 -25.64
N THR K 89 29.89 -21.19 -26.26
CA THR K 89 30.91 -20.98 -27.27
C THR K 89 30.46 -21.63 -28.59
N LEU K 90 30.57 -20.83 -29.64
CA LEU K 90 30.18 -21.23 -30.98
C LEU K 90 31.47 -21.32 -31.80
N ARG K 91 31.84 -22.53 -32.22
CA ARG K 91 33.03 -22.72 -33.04
C ARG K 91 32.65 -23.46 -34.31
N ALA K 92 33.26 -22.99 -35.40
CA ALA K 92 33.25 -23.66 -36.71
C ALA K 92 34.45 -23.32 -37.60
N GLU K 93 34.87 -24.32 -38.36
CA GLU K 93 35.89 -24.18 -39.37
C GLU K 93 35.40 -23.40 -40.60
N ASP K 94 36.32 -22.77 -41.32
CA ASP K 94 36.03 -22.13 -42.59
C ASP K 94 35.33 -22.98 -43.67
N ASN K 95 34.75 -24.12 -43.33
CA ASN K 95 34.05 -24.91 -44.33
C ASN K 95 32.89 -25.72 -43.72
N ALA K 96 31.71 -25.10 -43.61
CA ALA K 96 30.51 -25.80 -43.13
C ALA K 96 30.85 -27.21 -42.61
N ASP K 97 30.01 -28.18 -42.96
CA ASP K 97 29.98 -29.49 -42.31
C ASP K 97 29.23 -29.47 -41.00
N THR K 98 29.85 -28.80 -40.03
CA THR K 98 29.60 -29.10 -38.64
C THR K 98 29.74 -27.83 -37.83
N LEU K 99 28.97 -27.73 -36.75
CA LEU K 99 29.03 -26.58 -35.84
C LEU K 99 29.12 -27.07 -34.43
N ALA K 100 30.05 -26.48 -33.69
CA ALA K 100 30.34 -26.90 -32.34
C ALA K 100 29.80 -25.84 -31.40
N LEU K 101 29.05 -26.32 -30.42
CA LEU K 101 28.56 -25.50 -29.33
C LEU K 101 29.11 -26.09 -28.04
N VAL K 102 29.75 -25.23 -27.25
CA VAL K 102 30.30 -25.64 -25.96
C VAL K 102 29.64 -24.89 -24.82
N PHE K 103 29.10 -25.64 -23.86
CA PHE K 103 28.40 -25.09 -22.70
C PHE K 103 29.19 -25.31 -21.41
N GLU K 104 29.72 -24.23 -20.86
CA GLU K 104 30.54 -24.30 -19.64
C GLU K 104 29.80 -23.62 -18.50
N ALA K 105 29.80 -24.28 -17.34
CA ALA K 105 28.99 -23.86 -16.21
C ALA K 105 29.88 -22.96 -15.37
N PRO K 106 29.43 -21.74 -15.08
CA PRO K 106 30.38 -20.72 -14.65
C PRO K 106 30.80 -21.07 -13.24
N ASN K 107 30.00 -21.91 -12.59
CA ASN K 107 30.21 -22.28 -11.19
C ASN K 107 30.72 -23.69 -10.98
N GLN K 108 30.22 -24.64 -11.73
CA GLN K 108 30.59 -26.02 -11.47
C GLN K 108 31.66 -26.55 -12.46
N GLU K 109 32.16 -27.73 -12.10
CA GLU K 109 33.07 -28.52 -12.89
C GLU K 109 32.23 -29.36 -13.87
N LYS K 110 31.59 -28.68 -14.80
CA LYS K 110 30.75 -29.34 -15.80
C LYS K 110 30.93 -28.63 -17.16
N VAL K 111 31.39 -29.38 -18.17
CA VAL K 111 31.38 -28.89 -19.56
C VAL K 111 30.69 -29.81 -20.53
N SER K 112 29.84 -29.25 -21.40
CA SER K 112 29.11 -29.99 -22.42
C SER K 112 29.57 -29.50 -23.79
N ASP K 113 29.77 -30.43 -24.72
CA ASP K 113 30.35 -30.16 -26.05
C ASP K 113 29.39 -30.84 -26.99
N TYR K 114 28.65 -30.02 -27.76
CA TYR K 114 27.60 -30.54 -28.65
C TYR K 114 28.04 -30.27 -30.06
N GLU K 115 27.68 -31.17 -30.98
CA GLU K 115 28.17 -31.09 -32.36
C GLU K 115 27.03 -31.29 -33.35
N MET K 116 26.79 -30.27 -34.16
CA MET K 116 25.55 -30.14 -34.95
C MET K 116 25.84 -30.15 -36.45
N LYS K 117 25.07 -30.93 -37.20
CA LYS K 117 25.43 -31.04 -38.61
C LYS K 117 24.85 -29.80 -39.29
N LEU K 118 25.59 -29.22 -40.23
CA LEU K 118 25.14 -27.99 -40.85
C LEU K 118 24.72 -28.26 -42.28
N MET K 119 23.46 -27.97 -42.60
CA MET K 119 22.89 -28.15 -43.95
C MET K 119 23.24 -27.10 -45.01
N ASP K 120 22.90 -27.44 -46.24
CA ASP K 120 23.20 -26.63 -47.40
C ASP K 120 21.97 -25.91 -47.94
N LEU K 121 22.06 -24.58 -48.09
CA LEU K 121 20.84 -23.78 -48.30
C LEU K 121 21.09 -22.71 -49.33
N ASP K 122 20.17 -22.55 -50.27
CA ASP K 122 20.38 -21.56 -51.33
C ASP K 122 20.02 -20.12 -50.88
N VAL K 123 18.75 -19.81 -50.65
CA VAL K 123 18.41 -18.48 -50.11
C VAL K 123 19.02 -17.29 -50.86
N GLU K 124 18.20 -16.55 -51.61
CA GLU K 124 18.57 -15.17 -51.96
C GLU K 124 18.26 -14.22 -50.81
N GLN K 125 19.20 -13.32 -50.55
CA GLN K 125 19.05 -12.33 -49.48
C GLN K 125 18.37 -11.03 -49.95
N LEU K 126 17.25 -10.67 -49.33
CA LEU K 126 16.49 -9.49 -49.77
C LEU K 126 17.16 -8.23 -49.27
N GLY K 127 16.88 -7.12 -49.93
CA GLY K 127 17.54 -6.06 -49.25
C GLY K 127 16.46 -5.13 -48.72
N ILE K 128 16.64 -4.77 -47.43
CA ILE K 128 15.74 -3.80 -46.83
C ILE K 128 16.24 -2.37 -47.04
N PRO K 129 15.43 -1.57 -47.75
CA PRO K 129 15.77 -0.19 -48.02
C PRO K 129 15.69 0.66 -46.75
N GLU K 130 16.28 1.88 -46.84
CA GLU K 130 16.23 2.78 -45.70
C GLU K 130 14.97 3.65 -45.75
N GLN K 131 14.40 3.91 -44.56
CA GLN K 131 13.13 4.63 -44.56
C GLN K 131 12.63 4.92 -43.14
N GLU K 132 12.24 6.20 -42.94
CA GLU K 132 11.62 6.58 -41.68
C GLU K 132 10.11 6.36 -41.73
N TYR K 133 9.60 5.61 -40.75
CA TYR K 133 8.18 5.33 -40.72
C TYR K 133 7.36 6.58 -40.37
N SER K 134 6.04 6.48 -40.60
CA SER K 134 5.18 7.62 -40.33
C SER K 134 4.56 7.55 -38.93
N CYS K 135 5.15 6.76 -38.04
CA CYS K 135 4.63 6.46 -36.72
C CYS K 135 5.34 5.25 -36.10
N VAL K 136 5.85 5.47 -34.88
CA VAL K 136 6.65 4.46 -34.21
C VAL K 136 6.22 4.33 -32.75
N VAL K 137 5.67 3.18 -32.44
CA VAL K 137 5.24 2.95 -31.09
C VAL K 137 6.30 2.19 -30.31
N LYS K 138 6.75 2.74 -29.19
CA LYS K 138 7.64 2.02 -28.28
C LYS K 138 6.74 1.66 -27.14
N MET K 139 6.66 0.38 -26.78
CA MET K 139 5.80 -0.03 -25.67
C MET K 139 6.34 -1.29 -25.01
N PRO K 140 5.74 -1.66 -23.89
CA PRO K 140 6.20 -2.85 -23.18
C PRO K 140 5.99 -4.11 -23.99
N SER K 141 6.87 -5.09 -23.82
CA SER K 141 6.91 -6.17 -24.77
C SER K 141 5.97 -7.25 -24.29
N GLY K 142 5.68 -7.24 -22.99
CA GLY K 142 4.66 -8.11 -22.41
C GLY K 142 3.25 -7.65 -22.73
N GLU K 143 3.07 -6.33 -22.92
CA GLU K 143 1.73 -5.83 -23.11
C GLU K 143 1.37 -6.15 -24.54
N PHE K 144 2.26 -5.80 -25.47
CA PHE K 144 2.16 -6.28 -26.85
C PHE K 144 1.85 -7.76 -26.97
N ALA K 145 2.43 -8.56 -26.11
CA ALA K 145 2.16 -9.98 -26.25
C ALA K 145 0.78 -10.28 -25.74
N ARG K 146 0.44 -9.62 -24.64
CA ARG K 146 -0.85 -9.84 -23.99
C ARG K 146 -1.91 -9.55 -25.08
N ILE K 147 -1.65 -8.51 -25.85
CA ILE K 147 -2.71 -7.92 -26.63
C ILE K 147 -2.84 -8.76 -27.89
N CYS K 148 -1.72 -9.25 -28.39
CA CYS K 148 -1.75 -10.03 -29.62
C CYS K 148 -2.38 -11.37 -29.31
N ARG K 149 -2.01 -11.97 -28.19
CA ARG K 149 -2.65 -13.21 -27.76
C ARG K 149 -4.16 -13.00 -27.56
N ASP K 150 -4.49 -12.02 -26.74
CA ASP K 150 -5.88 -11.77 -26.41
C ASP K 150 -6.74 -11.50 -27.63
N LEU K 151 -6.29 -10.66 -28.55
CA LEU K 151 -7.13 -10.37 -29.72
C LEU K 151 -7.27 -11.55 -30.64
N SER K 152 -6.39 -12.53 -30.50
CA SER K 152 -6.35 -13.67 -31.41
C SER K 152 -7.53 -14.61 -31.11
N HIS K 153 -8.12 -14.46 -29.93
CA HIS K 153 -9.28 -15.22 -29.54
C HIS K 153 -10.56 -14.61 -30.06
N ILE K 154 -10.44 -13.38 -30.51
CA ILE K 154 -11.58 -12.68 -31.05
C ILE K 154 -11.58 -12.72 -32.58
N GLY K 155 -10.40 -12.76 -33.17
CA GLY K 155 -10.33 -12.60 -34.62
C GLY K 155 -8.97 -12.99 -35.15
N ASP K 156 -8.81 -12.96 -36.47
CA ASP K 156 -7.52 -13.38 -37.02
C ASP K 156 -6.64 -12.28 -37.53
N ALA K 157 -7.22 -11.17 -37.91
CA ALA K 157 -6.38 -10.00 -38.00
C ALA K 157 -6.75 -9.00 -36.93
N VAL K 158 -5.84 -8.05 -36.89
CA VAL K 158 -5.81 -6.96 -35.96
C VAL K 158 -5.61 -5.70 -36.82
N VAL K 159 -6.38 -4.67 -36.48
CA VAL K 159 -6.11 -3.35 -36.98
C VAL K 159 -5.41 -2.45 -35.98
N ILE K 160 -4.14 -2.23 -36.21
CA ILE K 160 -3.36 -1.32 -35.41
C ILE K 160 -3.49 0.10 -35.96
N SER K 161 -3.61 1.08 -35.07
CA SER K 161 -4.14 2.41 -35.38
C SER K 161 -3.55 3.47 -34.45
N CYS K 162 -2.49 4.14 -34.92
CA CYS K 162 -1.76 5.04 -34.05
C CYS K 162 -2.03 6.51 -34.35
N ALA K 163 -1.86 7.34 -33.30
CA ALA K 163 -2.02 8.78 -33.44
C ALA K 163 -1.27 9.50 -32.31
N LYS K 164 -1.65 10.76 -32.08
CA LYS K 164 -1.10 11.46 -30.93
C LYS K 164 -1.64 10.87 -29.64
N ASP K 165 -2.98 10.76 -29.58
CA ASP K 165 -3.57 10.02 -28.48
C ASP K 165 -2.67 8.86 -28.08
N GLY K 166 -2.73 7.78 -28.89
CA GLY K 166 -1.87 6.64 -28.68
C GLY K 166 -2.05 5.60 -29.79
N VAL K 167 -1.96 4.32 -29.39
CA VAL K 167 -2.22 3.28 -30.35
C VAL K 167 -3.47 2.48 -29.95
N LYS K 168 -4.21 2.13 -31.00
CA LYS K 168 -5.39 1.29 -30.84
C LYS K 168 -5.31 -0.06 -31.61
N PHE K 169 -5.79 -1.13 -30.99
CA PHE K 169 -5.61 -2.46 -31.52
C PHE K 169 -6.97 -3.09 -31.51
N SER K 170 -7.49 -3.38 -32.69
CA SER K 170 -8.86 -3.84 -32.78
C SER K 170 -8.90 -5.05 -33.72
N ALA K 171 -9.82 -5.96 -33.38
CA ALA K 171 -9.92 -7.24 -34.01
C ALA K 171 -11.40 -7.58 -34.16
N SER K 172 -11.69 -8.41 -35.14
CA SER K 172 -13.10 -8.64 -35.44
C SER K 172 -13.34 -10.07 -35.92
N GLY K 173 -14.41 -10.68 -35.46
CA GLY K 173 -14.60 -12.09 -35.70
C GLY K 173 -16.00 -12.62 -35.45
N GLU K 174 -16.19 -13.90 -35.74
CA GLU K 174 -17.52 -14.49 -35.71
C GLU K 174 -18.24 -14.26 -34.40
N LEU K 175 -17.54 -14.29 -33.26
CA LEU K 175 -18.15 -14.13 -31.92
C LEU K 175 -18.50 -12.72 -31.38
N GLY K 176 -18.11 -11.69 -32.13
CA GLY K 176 -18.00 -10.37 -31.57
C GLY K 176 -16.76 -9.67 -32.05
N ASN K 177 -16.57 -8.45 -31.57
CA ASN K 177 -15.36 -7.71 -31.89
C ASN K 177 -14.71 -7.03 -30.69
N GLY K 178 -13.52 -6.50 -30.90
CA GLY K 178 -12.60 -6.24 -29.82
C GLY K 178 -11.71 -5.07 -30.13
N ASN K 179 -11.45 -4.27 -29.10
CA ASN K 179 -10.93 -2.93 -29.34
C ASN K 179 -10.17 -2.58 -28.07
N ILE K 180 -8.84 -2.54 -28.16
CA ILE K 180 -7.95 -2.21 -27.03
C ILE K 180 -7.18 -0.92 -27.30
N LYS K 181 -7.24 0.04 -26.38
CA LYS K 181 -6.71 1.38 -26.56
C LYS K 181 -5.66 1.64 -25.51
N LEU K 182 -4.40 1.89 -25.90
CA LEU K 182 -3.31 2.22 -24.96
C LEU K 182 -2.88 3.65 -25.11
N SER K 183 -2.76 4.38 -24.01
CA SER K 183 -2.37 5.78 -24.10
C SER K 183 -0.86 5.99 -23.93
N GLN K 184 -0.37 7.19 -24.24
CA GLN K 184 1.02 7.56 -23.98
C GLN K 184 1.18 7.92 -22.53
N THR K 185 2.17 7.38 -21.84
CA THR K 185 2.41 7.59 -20.42
C THR K 185 3.45 8.70 -20.17
N SER K 186 3.98 8.73 -18.93
CA SER K 186 4.98 9.76 -18.67
C SER K 186 5.42 9.77 -17.20
N ASN K 187 6.37 8.87 -16.88
CA ASN K 187 6.89 8.82 -15.51
C ASN K 187 6.68 7.46 -14.86
N VAL K 188 7.78 6.92 -14.31
CA VAL K 188 7.69 5.63 -13.62
C VAL K 188 8.91 4.75 -13.88
N ASP K 189 9.21 4.58 -15.19
CA ASP K 189 10.37 3.75 -15.56
C ASP K 189 10.28 3.29 -17.02
N LYS K 190 11.32 3.67 -17.79
CA LYS K 190 11.32 3.33 -19.21
C LYS K 190 10.36 2.17 -19.52
N GLU K 191 10.78 0.97 -19.08
CA GLU K 191 9.94 -0.21 -19.32
C GLU K 191 8.61 -0.12 -18.57
N GLU K 192 8.03 -1.30 -18.32
CA GLU K 192 6.74 -1.34 -17.62
C GLU K 192 5.98 -0.03 -17.79
N GLU K 193 5.28 -0.10 -18.92
CA GLU K 193 4.59 1.09 -19.38
C GLU K 193 5.56 2.07 -20.03
N ALA K 194 5.02 3.16 -20.60
CA ALA K 194 5.81 3.94 -21.51
C ALA K 194 5.72 3.33 -22.91
N VAL K 195 4.41 3.14 -23.30
CA VAL K 195 3.97 3.29 -24.69
C VAL K 195 4.11 4.78 -25.13
N THR K 196 5.31 5.06 -25.66
CA THR K 196 5.56 6.37 -26.25
C THR K 196 5.30 6.37 -27.76
N ILE K 197 4.66 7.40 -28.32
CA ILE K 197 4.44 7.42 -29.76
C ILE K 197 5.34 8.45 -30.46
N GLU K 198 5.44 8.25 -31.79
CA GLU K 198 6.21 9.17 -32.60
C GLU K 198 5.50 9.45 -33.93
N MET K 199 4.52 10.34 -33.85
CA MET K 199 3.43 10.39 -34.81
C MET K 199 3.79 11.46 -35.81
N ASN K 200 4.48 11.10 -36.88
CA ASN K 200 4.62 11.99 -38.03
C ASN K 200 3.31 12.12 -38.80
N GLU K 201 2.51 11.05 -38.80
CA GLU K 201 1.29 10.96 -39.59
C GLU K 201 0.47 9.73 -39.12
N PRO K 202 -0.84 9.87 -38.90
CA PRO K 202 -1.62 8.71 -38.49
C PRO K 202 -1.51 7.62 -39.56
N VAL K 203 -1.63 6.39 -39.09
CA VAL K 203 -1.54 5.17 -39.88
C VAL K 203 -2.55 4.26 -39.24
N GLN K 204 -3.44 3.66 -40.04
CA GLN K 204 -4.23 2.51 -39.58
C GLN K 204 -4.09 1.31 -40.53
N LEU K 205 -3.40 0.28 -40.07
CA LEU K 205 -2.92 -0.81 -40.92
C LEU K 205 -3.36 -2.15 -40.34
N THR K 206 -3.44 -3.21 -41.13
CA THR K 206 -4.03 -4.51 -40.73
C THR K 206 -2.99 -5.64 -40.76
N PHE K 207 -3.03 -6.54 -39.77
CA PHE K 207 -2.03 -7.57 -39.73
C PHE K 207 -2.57 -8.88 -39.20
N ALA K 208 -2.02 -9.96 -39.76
CA ALA K 208 -2.35 -11.30 -39.33
C ALA K 208 -1.80 -11.59 -37.96
N LEU K 209 -2.69 -11.82 -37.01
CA LEU K 209 -2.25 -12.12 -35.64
C LEU K 209 -1.38 -13.38 -35.46
N ARG K 210 -1.54 -14.34 -36.40
CA ARG K 210 -0.86 -15.63 -36.46
C ARG K 210 0.64 -15.34 -36.39
N TYR K 211 1.06 -14.47 -37.30
CA TYR K 211 2.45 -14.06 -37.39
C TYR K 211 2.92 -13.24 -36.19
N LEU K 212 2.08 -12.35 -35.69
CA LEU K 212 2.53 -11.49 -34.61
C LEU K 212 2.79 -12.34 -33.37
N ASN K 213 1.94 -13.35 -33.14
CA ASN K 213 2.08 -14.23 -31.97
C ASN K 213 3.32 -15.18 -31.98
N PHE K 214 3.83 -15.39 -33.20
CA PHE K 214 5.17 -15.85 -33.44
C PHE K 214 6.21 -14.81 -33.04
N PHE K 215 6.03 -13.57 -33.47
CA PHE K 215 7.13 -12.63 -33.22
C PHE K 215 7.28 -12.50 -31.74
N THR K 216 6.21 -12.54 -30.97
CA THR K 216 6.34 -12.23 -29.56
C THR K 216 7.01 -13.35 -28.76
N LYS K 217 7.42 -14.42 -29.43
CA LYS K 217 8.25 -15.43 -28.78
C LYS K 217 9.60 -14.85 -28.40
N ALA K 218 9.88 -13.65 -28.86
CA ALA K 218 11.12 -12.95 -28.55
C ALA K 218 11.01 -12.01 -27.34
N THR K 219 9.90 -12.08 -26.60
CA THR K 219 9.61 -11.20 -25.49
C THR K 219 10.68 -11.21 -24.42
N PRO K 220 11.21 -12.40 -24.14
CA PRO K 220 12.25 -12.54 -23.10
C PRO K 220 13.52 -11.79 -23.46
N LEU K 221 13.72 -11.40 -24.72
CA LEU K 221 14.96 -10.71 -25.10
C LEU K 221 15.02 -9.33 -24.54
N SER K 222 13.88 -8.65 -24.49
CA SER K 222 13.86 -7.26 -24.05
C SER K 222 12.50 -6.93 -23.45
N SER K 223 12.53 -6.05 -22.45
CA SER K 223 11.27 -5.62 -21.84
C SER K 223 10.43 -4.61 -22.66
N THR K 224 10.93 -4.14 -23.77
CA THR K 224 10.19 -3.18 -24.55
C THR K 224 10.41 -3.54 -26.01
N VAL K 225 9.43 -3.19 -26.83
CA VAL K 225 9.44 -3.50 -28.24
C VAL K 225 8.98 -2.28 -28.98
N THR K 226 9.49 -2.08 -30.19
CA THR K 226 9.11 -0.88 -30.93
C THR K 226 8.39 -1.33 -32.20
N LEU K 227 7.27 -0.69 -32.48
CA LEU K 227 6.49 -0.91 -33.71
C LEU K 227 6.59 0.25 -34.71
N SER K 228 7.06 -0.03 -35.91
CA SER K 228 7.35 1.09 -36.77
C SER K 228 6.54 0.82 -37.99
N MET K 229 5.62 1.72 -38.33
CA MET K 229 4.69 1.37 -39.36
C MET K 229 4.32 2.51 -40.27
N SER K 230 3.95 2.19 -41.52
CA SER K 230 3.75 3.19 -42.56
C SER K 230 2.80 2.62 -43.60
N ALA K 231 1.92 3.46 -44.15
CA ALA K 231 1.08 3.03 -45.27
C ALA K 231 1.87 2.16 -46.23
N ASP K 232 1.28 1.12 -46.82
CA ASP K 232 1.86 0.41 -47.97
C ASP K 232 3.28 -0.11 -47.74
N VAL K 233 3.54 -0.70 -46.59
CA VAL K 233 4.89 -1.14 -46.31
C VAL K 233 4.87 -1.94 -45.02
N PRO K 234 5.70 -2.97 -44.96
CA PRO K 234 5.55 -3.91 -43.87
C PRO K 234 5.84 -3.28 -42.52
N LEU K 235 5.17 -3.86 -41.53
CA LEU K 235 5.34 -3.53 -40.13
C LEU K 235 6.72 -4.00 -39.75
N VAL K 236 7.39 -3.26 -38.88
CA VAL K 236 8.56 -3.78 -38.18
C VAL K 236 8.31 -3.90 -36.68
N VAL K 237 8.39 -5.12 -36.14
CA VAL K 237 8.47 -5.38 -34.70
C VAL K 237 9.89 -5.63 -34.15
N GLU K 238 10.50 -4.62 -33.53
CA GLU K 238 11.92 -4.67 -33.21
C GLU K 238 12.10 -4.88 -31.73
N TYR K 239 12.84 -5.91 -31.37
CA TYR K 239 13.26 -6.18 -30.00
C TYR K 239 14.78 -5.96 -29.89
N LYS K 240 15.20 -5.00 -29.06
CA LYS K 240 16.64 -4.78 -28.83
C LYS K 240 17.23 -5.93 -28.01
N ILE K 241 18.27 -6.58 -28.53
CA ILE K 241 19.11 -7.50 -27.74
C ILE K 241 20.27 -6.77 -27.06
N ALA K 242 20.20 -6.46 -25.75
CA ALA K 242 20.72 -5.17 -25.30
C ALA K 242 22.21 -5.36 -25.37
N ASP K 243 22.96 -4.31 -25.71
CA ASP K 243 24.33 -4.37 -26.24
C ASP K 243 24.47 -4.88 -27.68
N MET K 244 24.43 -6.21 -27.81
CA MET K 244 24.70 -6.94 -29.05
C MET K 244 24.06 -6.47 -30.36
N GLY K 245 22.80 -6.05 -30.34
CA GLY K 245 22.03 -5.97 -31.58
C GLY K 245 20.53 -6.04 -31.45
N HIS K 246 19.88 -6.82 -32.30
CA HIS K 246 18.43 -6.69 -32.34
C HIS K 246 17.79 -7.86 -33.13
N LEU K 247 16.57 -8.25 -32.77
CA LEU K 247 15.74 -9.06 -33.67
C LEU K 247 14.61 -8.22 -34.24
N LYS K 248 14.56 -8.13 -35.56
CA LYS K 248 13.56 -7.29 -36.16
C LYS K 248 12.65 -8.23 -36.92
N TYR K 249 11.36 -8.03 -36.82
CA TYR K 249 10.45 -8.91 -37.55
C TYR K 249 9.64 -8.13 -38.55
N TYR K 250 9.75 -8.43 -39.84
CA TYR K 250 8.94 -7.66 -40.81
C TYR K 250 7.72 -8.48 -41.19
N LEU K 251 6.59 -7.81 -41.24
CA LEU K 251 5.32 -8.46 -41.54
C LEU K 251 4.54 -7.72 -42.63
N ALA K 252 4.20 -8.45 -43.71
CA ALA K 252 3.40 -7.85 -44.78
C ALA K 252 1.96 -7.61 -44.31
N PRO K 253 1.45 -6.42 -44.65
CA PRO K 253 0.14 -5.97 -44.19
C PRO K 253 -1.00 -6.58 -45.03
N LYS K 254 -2.22 -6.48 -44.46
CA LYS K 254 -3.41 -6.92 -45.20
C LYS K 254 -4.17 -5.72 -45.77
N ILE K 255 -4.20 -5.65 -47.12
CA ILE K 255 -4.84 -4.50 -47.75
C ILE K 255 -6.16 -4.88 -48.44
N GLU K 256 -6.83 -3.83 -48.96
CA GLU K 256 -8.20 -4.00 -49.45
C GLU K 256 -8.27 -4.13 -50.98
N ASP K 257 -9.26 -4.92 -51.44
CA ASP K 257 -9.42 -5.12 -52.88
C ASP K 257 -10.19 -6.40 -53.19
N SER L 1 -11.47 -2.31 -45.91
CA SER L 1 -12.15 -3.60 -45.57
C SER L 1 -11.17 -4.73 -45.22
N ALA L 2 -10.12 -4.95 -46.01
CA ALA L 2 -8.87 -5.59 -45.55
C ALA L 2 -8.88 -7.13 -45.61
N VAL L 3 -8.72 -7.66 -46.82
CA VAL L 3 -9.23 -8.99 -47.18
C VAL L 3 -8.02 -9.85 -47.52
N LEU L 4 -7.10 -9.26 -48.28
CA LEU L 4 -6.05 -10.01 -48.96
C LEU L 4 -4.62 -9.76 -48.45
N GLN L 5 -3.98 -10.86 -48.06
CA GLN L 5 -2.69 -10.83 -47.38
C GLN L 5 -1.52 -10.72 -48.34
N LYS L 6 -0.73 -9.65 -48.29
CA LYS L 6 0.33 -9.44 -49.28
C LYS L 6 1.50 -10.32 -48.89
N LYS L 7 2.62 -10.19 -49.56
CA LYS L 7 3.83 -10.94 -49.24
C LYS L 7 5.09 -10.07 -49.19
N ILE L 8 6.04 -10.42 -48.35
CA ILE L 8 7.12 -9.50 -48.12
C ILE L 8 7.89 -9.29 -49.44
N THR L 9 7.91 -10.31 -50.27
CA THR L 9 8.59 -10.18 -51.55
C THR L 9 7.92 -9.11 -52.44
N ASP L 10 6.69 -8.71 -52.15
CA ASP L 10 6.12 -7.57 -52.82
C ASP L 10 6.69 -6.21 -52.42
N TYR L 11 7.29 -6.05 -51.24
CA TYR L 11 7.92 -4.79 -50.85
C TYR L 11 9.47 -4.85 -50.87
N PHE L 12 10.06 -5.99 -50.51
CA PHE L 12 11.51 -6.17 -50.56
C PHE L 12 11.93 -7.02 -51.77
N HIS L 13 13.08 -6.63 -52.36
CA HIS L 13 13.60 -7.38 -53.50
C HIS L 13 15.05 -7.81 -53.26
N PRO L 14 15.47 -8.85 -54.02
CA PRO L 14 16.85 -9.31 -53.98
C PRO L 14 17.82 -8.12 -53.90
N LYS L 15 19.01 -8.39 -53.35
CA LYS L 15 19.96 -7.31 -53.10
C LYS L 15 20.52 -6.72 -54.40
N LYS L 16 20.78 -7.61 -55.37
CA LYS L 16 21.39 -7.17 -56.62
C LYS L 16 22.92 -7.09 -56.48
#